data_7LUV
#
_entry.id   7LUV
#
_cell.length_a   1.00
_cell.length_b   1.00
_cell.length_c   1.00
_cell.angle_alpha   90.00
_cell.angle_beta   90.00
_cell.angle_gamma   90.00
#
_symmetry.space_group_name_H-M   'P 1'
#
loop_
_entity.id
_entity.type
_entity.pdbx_description
1 polymer 'THO complex subunit HPR1'
2 polymer 'THO complex subunit THP2'
3 polymer 'THO complex subunit 2'
4 polymer 'THO complex subunit MFT1'
5 polymer Tex1
6 polymer 'ATP-dependent RNA helicase SUB2'
#
loop_
_entity_poly.entity_id
_entity_poly.type
_entity_poly.pdbx_seq_one_letter_code
_entity_poly.pdbx_strand_id
1 'polypeptide(L)'
;MSNTEELIQNSIGFLQKTFKALPVSFDSIRHEPLPSSMLHASVLNFEWEPLEKNISAIHDRDSLIDIILKRFIIDSMTNA
IEDEEENNLEKGLLNSCIGLDFVYNSRFNRSNPASWGNTFFELFSTIIDLLNSPSTFLKFWPYAESRIEWFKMNTSVEPV
SLGESNLISYKQPLYEKLRHWNDILAKLENNDILNTVKHYNMKYKLENFLSELLPINEESNFNRSASISALQESDNEWNR
SARERESNRSSDVIFAADYNFVFYHLIICPIEFAFSDLEYKNDVDRSLSPLLDAILEIEENFYSKIKMNNRTRYSLEEAL
NTEYYANYDVMTPKLPVYMKHSNAMKMDRNEFWANLQNIKESDDYTLRPTIMDISLSNTTCLYKQLTQEDDDYYRKQFIL
QLCFTTNLIRNLISSDETRNFYKSCYLRENPLSDIDFENLDEVNKKRGLNLCSYICDNRVLKFYKIKDPDFYRVIRKLMS
SDEKFTTAKIDGFKEFQNFRISKEKIPPPAFDETFKKFTFIKMGNKLINNVWKIPTGLDKIEQEVKKPEGVYEAAQAKWE
SKISSETSGGEAKDEIIRQWQTLRFLRSRYLFDFDKVNEKTGV
;
A
2 'polypeptide(L)'
;MTKEEGRTYFESLCEEEQSLQESQTHLLNILDILSVLADPRSSDDLLTESLKKLPDLHRELINSSIRLRYDKYQTREAQL
LEDTKTGRDVAAGVQNPKSISEYYSTFEHLNRDTLRYINLLKRLSVDLAKQVEVSDPSVTVYEMDKWVPSEKLQGILEQY
CAPDTDIRGVDAQIKNYLDQIKMARAKFGLENKYSLKERLSTLTKELNHWRKEWDDIEMLMFGDDAHSMKKMIQKIDSLK
SEINAPSESYPVDKEGDIVLE
;
B
3 'polypeptide(L)'
;GAMGSMAEQTLLSKLNALSQKVIPPASPSQASILTEEVIRN(UNK)(UNK)(UNK)(UNK)(UNK)(UNK)(UNK)
(UNK)(UNK)(UNK)(UNK)(UNK)(UNK)(UNK)(UNK)ESNDEKEDWLRTLFIELFDFINK(UNK)(UNK)(UNK)
(UNK)(UNK)(UNK)(UNK)(UNK)(UNK)(UNK)(UNK)(UNK)(UNK)(UNK)(UNK)(UNK)(UNK)(UNK)(UNK)
(UNK)(UNK)(UNK)(UNK)(UNK)(UNK)(UNK)(UNK)(UNK)(UNK)(UNK)(UNK)(UNK)(UNK)(UNK)(UNK)
(UNK)(UNK)(UNK)(UNK)(UNK)(UNK)(UNK)(UNK)(UNK)(UNK)(UNK)(UNK)(UNK)LTTISLCKLIPSLHE
ELFKFSWISSKLLNKEQTTLLRHLLKKSKYELKKYNLLVENSVGYGQLVALLILAYYDPDNFSKVSAYLKEIYHIMGKYS
LDSIRTLDVILNVSSQFITEGYKFFIALLRKSDSWPSSHVANNSNYSSLNEGGNMIAANIISFNLSQYNEEVDKENYERY
MDMCCILLKNGFVNFYSIWDNVKPEMEFLQEYIQNLETELEEESTKGVENPLAMAAALSTENETDEDNALVVNDDVNMKD
KISEETNADIESKGKQKTQQDILLFGKIKLLERLLIHGCVIPVIHVLKQYPKVLYVSESLSRYLGRVFEYLLNPLYTSMT
SSGESKDMATALMITRIDNGILAHKPRLIHKYKTHEPFESLELNSSYVFYYSEWNSNLTPFASVNDLFENSHIYLSIIGP
YLGRIPTLLSKISRIGVADIQKNHGSESLHVTIDKWIDYVRKFIFPATSLLQNNPIATSEVYELMKFFPFEKRYFIYNEM
MTKLSQDILPLKVSFNKAEREAKSILKALSIDTIAKESRRFAKLISTNPLASLVPAVKQIENYDKVSELVVYTTKYFNDF
AYDVLQFVLLLRLTYNRPAVQFDGVNQAMWVQRLSIFIAGLAKNCPNMDISNIITYILKTLHNGNIIAVSILKELIITVG
GIRDLNEVNMKQLLMLNSGSPLKQYARHLIYDFRDDNSVISSRLTSFFTDQSAISEIILLLYTLNLKANTQNSHYKILST
RCDEMNTLLWSFIELIKHCLKGKAFEENVLPFVELNNRFHLSTPWTFHIWRDYLDN(UNK)(UNK)(UNK)(UNK)
(UNK)(UNK)(UNK)(UNK)(UNK)(UNK)(UNK)(UNK)(UNK)(UNK)(UNK)(UNK)(UNK)(UNK)(UNK)(UNK)
(UNK)(UNK)(UNK)(UNK)(UNK)(UNK)(UNK)(UNK)(UNK)(UNK)(UNK)(UNK)(UNK)(UNK)(UNK)(UNK)
(UNK)(UNK)(UNK)(UNK)(UNK)(UNK)(UNK)(UNK)(UNK)(UNK)(UNK)(UNK)(UNK)(UNK)(UNK)(UNK)
(UNK)(UNK)(UNK)(UNK)(UNK)(UNK)(UNK)(UNK)(UNK)(UNK)(UNK)(UNK)(UNK)(UNK)(UNK)(UNK)
(UNK)(UNK)(UNK)(UNK)(UNK)(UNK)(UNK)(UNK)(UNK)(UNK)(UNK)(UNK)(UNK)(UNK)(UNK)(UNK)
(UNK)(UNK)(UNK)(UNK)(UNK)(UNK)(UNK)(UNK)(UNK)(UNK)(UNK)(UNK)(UNK)(UNK)(UNK)(UNK)
(UNK)(UNK)(UNK)(UNK)(UNK)(UNK)(UNK)(UNK)(UNK)(UNK)(UNK)(UNK)(UNK)(UNK)(UNK)(UNK)
(UNK)(UNK)(UNK)(UNK)(UNK)(UNK)(UNK)(UNK)(UNK)(UNK)(UNK)(UNK)(UNK)(UNK)(UNK)(UNK)
(UNK)(UNK)(UNK)(UNK)(UNK)(UNK)(UNK)(UNK)(UNK)(UNK)(UNK)(UNK)(UNK)(UNK)(UNK)(UNK)
(UNK)(UNK)(UNK)(UNK)(UNK)(UNK)(UNK)(UNK)(UNK)(UNK)(UNK)(UNK)(UNK)LKTLLFCCTSSEAGN
LGLFFTDVLKKLEKMRLNGDFNDQASRKLYEWHSVITEQVIDLLSEKNYMSIRNGIEFMKHVTSVFPVVKAHIQLVYTTL
EENLINEEREDIKLPSSALIGHLKARLKDALELDEFCTLTEEEAEQKRIREMELEEIKNYETACQNEQKQVALRKQLELN
KSQRLQND
;
C
4 'polypeptide(L)'
;MPLSQKQIDQVRTKVHYSEVDTPFNKYLDILGKVTKLTGSIINGTLSNDDSKIEKLTEQNISQLKESAHLRFLDLQSSID
TKKVADENWETCQQETLAKLENLKDKLPDIKSIHSKLLLRIGKLQGLYDSVQVINREVEGLSEGRTSLVVTRAEWEKELG
TDLVKFLIEKNYLKLVDPGLKKDSSEERYRIYDDFSKGPKELESINASMKSDIENVRQEVSSYKEKWLRDAEIFGKITSI
FKEELLKRDGLLNEAE
;
D
5 'polypeptide(L)'
;(UNK)(UNK)(UNK)(UNK)(UNK)(UNK)(UNK)(UNK)(UNK)(UNK)(UNK)(UNK)(UNK)(UNK)(UNK)(UNK)
(UNK)(UNK)(UNK)(UNK)(UNK)(UNK)(UNK)(UNK)(UNK)(UNK)(UNK)(UNK)(UNK)(UNK)(UNK)(UNK)
(UNK)(UNK)(UNK)(UNK)(UNK)(UNK)(UNK)(UNK)(UNK)(UNK)(UNK)(UNK)(UNK)(UNK)(UNK)(UNK)
(UNK)(UNK)(UNK)(UNK)(UNK)(UNK)(UNK)(UNK)(UNK)(UNK)(UNK)(UNK)(UNK)(UNK)(UNK)(UNK)
(UNK)(UNK)(UNK)(UNK)(UNK)(UNK)(UNK)(UNK)SLKFHASGSSMAYSRMDGSLTVWFIKDASFDKSVKVYIPD
CCGSDKLATDLSWNPTSLNQMAVVSNSSEISLLLINEITLTASKLRTLSLGSKTKVNSCLYDPLGNWLLAATKSEKIYLF
NVKEDHRLVHSLNVNDISPNTNDVVYSIAWNNNGSHIFVGFKSGHLVILKLRDEMLEVSTKIKAHTSSITGIKIDPWGRY
FVTGSSDGNCYIWSLKSLCCEKIIQDLDSAVVALDVCHLGKILGVCTEDEMVYFYDLNEAKLLESKSLANHKSDLVLKFY
PDKSWYILSGKNDTLSNHFVKNEKNLITYWKDM
;
E
6 'polypeptide(L)'
;MSHEGEEDLLEYSDNEQEIQIDASKAAEAGETGAATSATEGDNNNNTAAGDKKGSYVGIHSTGFKDFLLKPELSRAIIDC
GFEHPSEVQQHTIPQSIHGTDVLCQAKSGLGKTAVFVLSTLQQLDPVPGEVAVVVICNARELAYQIRNEYLRFSKYMPDV
KTAVFYGGTPISKDAELLKNKDTAPHIVVATPGRLKALVREKYIDLSHVKNFVIDECDKVLEELDMRRDVQEIFRATPRD
KQVMMFSATLSQEIRPICRRFLQNPLEIFVDDEAKLTLHGLQQYYIKLEEREKNRKLAQLLDDLEFNQVIIFVKSTTRAN
ELTKLLNASNFPAITVHGHMKQEERIARYKAFKDFEKRICVSTDVFGRGIDIERINLAINYDLTNEADQYLHRVGRAGRF
GTKGLAISFVSSKEDEEVLAKIQERFDVKIAEFPEEGIDPSTYLNN
;
M
#
# COMPACT_ATOMS: atom_id res chain seq x y z
N THR A 4 -69.54 52.50 -7.04
CA THR A 4 -69.54 51.66 -5.86
C THR A 4 -68.19 51.68 -5.15
N GLU A 5 -67.93 52.76 -4.42
CA GLU A 5 -66.81 52.80 -3.50
C GLU A 5 -67.18 52.25 -2.14
N GLU A 6 -68.46 52.32 -1.79
CA GLU A 6 -69.00 51.72 -0.59
C GLU A 6 -68.48 50.30 -0.38
N LEU A 7 -68.69 49.46 -1.38
CA LEU A 7 -68.26 48.07 -1.34
C LEU A 7 -66.81 47.95 -0.93
N ILE A 8 -65.95 48.83 -1.46
CA ILE A 8 -64.53 48.75 -1.15
C ILE A 8 -64.29 49.06 0.32
N GLN A 9 -64.84 50.16 0.81
CA GLN A 9 -64.62 50.52 2.22
C GLN A 9 -65.11 49.41 3.14
N ASN A 10 -66.32 48.91 2.90
CA ASN A 10 -66.85 47.89 3.80
C ASN A 10 -66.06 46.60 3.71
N SER A 11 -65.53 46.28 2.52
CA SER A 11 -64.62 45.13 2.44
C SER A 11 -63.38 45.36 3.26
N ILE A 12 -62.87 46.60 3.29
CA ILE A 12 -61.69 46.89 4.10
C ILE A 12 -61.99 46.66 5.57
N GLY A 13 -63.14 47.16 6.03
CA GLY A 13 -63.53 46.89 7.40
C GLY A 13 -63.64 45.41 7.69
N PHE A 14 -64.19 44.65 6.74
CA PHE A 14 -64.28 43.21 6.88
C PHE A 14 -62.91 42.58 7.10
N LEU A 15 -61.98 42.83 6.18
CA LEU A 15 -60.66 42.22 6.29
C LEU A 15 -60.00 42.62 7.60
N GLN A 16 -59.94 43.92 7.87
CA GLN A 16 -59.32 44.38 9.11
C GLN A 16 -59.98 43.76 10.32
N LYS A 17 -61.25 43.37 10.21
CA LYS A 17 -61.89 42.61 11.27
C LYS A 17 -61.29 41.21 11.39
N THR A 18 -61.36 40.44 10.31
CA THR A 18 -61.02 39.02 10.40
C THR A 18 -59.54 38.79 10.67
N PHE A 19 -58.68 39.68 10.19
CA PHE A 19 -57.25 39.48 10.37
C PHE A 19 -56.77 39.74 11.79
N LYS A 20 -57.59 40.37 12.62
CA LYS A 20 -57.21 40.62 14.01
C LYS A 20 -57.56 39.46 14.92
N ALA A 21 -57.94 38.32 14.35
CA ALA A 21 -58.26 37.13 15.11
C ALA A 21 -57.24 36.02 14.97
N LEU A 22 -56.44 36.02 13.90
CA LEU A 22 -55.45 34.97 13.70
C LEU A 22 -54.34 35.12 14.73
N PRO A 23 -54.07 34.10 15.52
CA PRO A 23 -53.09 34.18 16.63
C PRO A 23 -51.66 33.86 16.21
N VAL A 24 -51.00 34.84 15.58
CA VAL A 24 -49.62 34.68 15.14
C VAL A 24 -48.87 35.96 15.47
N SER A 25 -47.69 35.82 16.04
CA SER A 25 -46.87 36.97 16.41
C SER A 25 -45.85 37.27 15.31
N PHE A 26 -45.31 38.48 15.38
CA PHE A 26 -44.42 38.97 14.32
C PHE A 26 -43.21 38.07 14.16
N ASP A 27 -42.57 37.71 15.27
CA ASP A 27 -41.43 36.81 15.18
C ASP A 27 -41.86 35.45 14.64
N SER A 28 -43.06 35.01 15.00
CA SER A 28 -43.57 33.74 14.53
C SER A 28 -44.24 33.82 13.17
N ILE A 29 -44.08 34.92 12.44
CA ILE A 29 -44.68 35.02 11.11
C ILE A 29 -43.61 35.38 10.10
N ARG A 30 -42.53 36.04 10.55
CA ARG A 30 -41.58 36.52 9.57
C ARG A 30 -40.46 35.52 9.32
N HIS A 31 -39.73 35.14 10.36
CA HIS A 31 -38.39 34.65 10.13
C HIS A 31 -38.40 33.24 9.57
N GLU A 32 -38.83 32.30 10.37
CA GLU A 32 -38.89 30.92 9.94
C GLU A 32 -40.11 30.59 9.09
N PRO A 33 -41.32 31.06 9.43
CA PRO A 33 -42.51 30.31 9.03
C PRO A 33 -43.11 30.76 7.72
N LEU A 34 -44.26 30.17 7.43
CA LEU A 34 -45.23 30.66 6.49
C LEU A 34 -46.52 30.17 7.12
N PRO A 35 -47.53 31.03 7.28
CA PRO A 35 -48.69 30.65 8.09
C PRO A 35 -49.50 29.56 7.41
N SER A 36 -49.89 28.56 8.20
CA SER A 36 -50.62 27.42 7.68
C SER A 36 -52.01 27.84 7.21
N SER A 37 -52.67 26.91 6.51
CA SER A 37 -53.99 27.16 5.95
C SER A 37 -55.08 27.05 7.01
N MET A 38 -54.97 27.92 8.02
CA MET A 38 -55.95 28.04 9.08
C MET A 38 -56.98 29.12 8.80
N LEU A 39 -57.18 29.47 7.53
CA LEU A 39 -57.91 30.67 7.16
C LEU A 39 -59.41 30.46 7.02
N HIS A 40 -59.92 29.27 7.30
CA HIS A 40 -61.33 28.97 7.05
C HIS A 40 -61.68 29.16 5.57
N ALA A 41 -61.20 28.19 4.78
CA ALA A 41 -61.10 28.26 3.33
C ALA A 41 -62.26 28.96 2.63
N SER A 42 -63.44 28.97 3.23
CA SER A 42 -64.54 29.72 2.64
C SER A 42 -64.23 31.19 2.40
N VAL A 43 -63.18 31.73 3.01
CA VAL A 43 -62.71 33.05 2.63
C VAL A 43 -61.76 32.97 1.45
N LEU A 44 -61.05 31.86 1.29
CA LEU A 44 -60.19 31.66 0.13
C LEU A 44 -60.97 31.47 -1.15
N ASN A 45 -62.29 31.58 -1.10
CA ASN A 45 -63.13 31.39 -2.27
C ASN A 45 -63.78 32.70 -2.71
N PHE A 46 -63.32 33.83 -2.16
CA PHE A 46 -63.67 35.15 -2.67
C PHE A 46 -65.17 35.40 -2.65
N GLU A 47 -65.85 34.86 -1.64
CA GLU A 47 -67.29 35.01 -1.52
C GLU A 47 -67.59 35.69 -0.20
N TRP A 48 -66.88 36.79 0.05
CA TRP A 48 -66.81 37.40 1.35
C TRP A 48 -68.16 37.98 1.75
N GLU A 49 -68.20 38.57 2.94
CA GLU A 49 -69.47 39.06 3.47
C GLU A 49 -70.07 40.20 2.67
N PRO A 50 -69.34 41.29 2.38
CA PRO A 50 -70.00 42.47 1.80
C PRO A 50 -70.55 42.25 0.40
N LEU A 51 -70.51 41.02 -0.09
CA LEU A 51 -71.06 40.72 -1.41
C LEU A 51 -71.51 39.27 -1.50
N ASP A 60 -65.92 42.22 -13.78
CA ASP A 60 -64.64 41.75 -13.29
C ASP A 60 -64.70 41.45 -11.80
N ARG A 61 -63.80 40.61 -11.33
CA ARG A 61 -63.66 40.32 -9.91
C ARG A 61 -62.24 40.46 -9.40
N ASP A 62 -61.25 40.04 -10.19
CA ASP A 62 -59.88 39.96 -9.73
C ASP A 62 -59.30 41.32 -9.32
N SER A 63 -59.14 42.20 -10.30
CA SER A 63 -58.53 43.50 -10.03
C SER A 63 -59.27 44.23 -8.92
N LEU A 64 -60.57 43.97 -8.78
CA LEU A 64 -61.31 44.53 -7.67
C LEU A 64 -60.69 44.10 -6.35
N ILE A 65 -60.45 42.79 -6.20
CA ILE A 65 -59.77 42.29 -5.01
C ILE A 65 -58.41 42.94 -4.87
N ASP A 66 -57.71 43.11 -5.99
CA ASP A 66 -56.39 43.72 -5.96
C ASP A 66 -56.44 45.11 -5.34
N ILE A 67 -57.31 45.96 -5.86
CA ILE A 67 -57.38 47.33 -5.34
C ILE A 67 -57.82 47.31 -3.89
N ILE A 68 -58.64 46.33 -3.50
CA ILE A 68 -58.98 46.18 -2.09
C ILE A 68 -57.73 45.98 -1.27
N LEU A 69 -56.98 44.93 -1.56
CA LEU A 69 -55.81 44.61 -0.73
C LEU A 69 -54.82 45.76 -0.70
N LYS A 70 -54.58 46.38 -1.86
CA LYS A 70 -53.61 47.48 -1.91
C LYS A 70 -54.07 48.62 -1.02
N ARG A 71 -55.30 49.09 -1.23
CA ARG A 71 -55.84 50.15 -0.39
C ARG A 71 -55.70 49.80 1.08
N PHE A 72 -55.99 48.54 1.42
CA PHE A 72 -55.88 48.08 2.80
C PHE A 72 -54.47 48.23 3.34
N ILE A 73 -53.49 47.71 2.62
CA ILE A 73 -52.12 47.76 3.10
C ILE A 73 -51.66 49.19 3.27
N ILE A 74 -52.01 50.06 2.31
CA ILE A 74 -51.60 51.45 2.42
C ILE A 74 -52.19 52.08 3.67
N ASP A 75 -53.46 51.78 3.96
CA ASP A 75 -54.07 52.35 5.15
C ASP A 75 -53.36 51.85 6.41
N SER A 76 -53.14 50.54 6.50
CA SER A 76 -52.61 49.96 7.73
C SER A 76 -51.23 50.49 8.07
N MET A 77 -50.41 50.79 7.06
CA MET A 77 -49.06 51.26 7.32
C MET A 77 -49.03 52.69 7.83
N THR A 78 -50.16 53.39 7.86
CA THR A 78 -50.17 54.77 8.32
C THR A 78 -51.06 54.94 9.55
N LEU A 89 -43.40 49.95 14.12
CA LEU A 89 -44.68 49.42 14.55
C LEU A 89 -44.83 47.97 14.14
N GLU A 90 -45.60 47.22 14.92
CA GLU A 90 -45.73 45.79 14.70
C GLU A 90 -47.05 45.42 14.05
N LYS A 91 -48.12 46.13 14.40
CA LYS A 91 -49.42 45.83 13.81
C LYS A 91 -49.41 46.03 12.31
N GLY A 92 -48.80 47.13 11.86
CA GLY A 92 -48.72 47.38 10.44
C GLY A 92 -47.98 46.29 9.70
N LEU A 93 -46.69 46.13 10.02
CA LEU A 93 -45.87 45.15 9.34
C LEU A 93 -46.50 43.77 9.38
N LEU A 94 -46.93 43.35 10.57
CA LEU A 94 -47.53 42.03 10.73
C LEU A 94 -48.75 41.88 9.84
N ASN A 95 -49.63 42.89 9.86
CA ASN A 95 -50.84 42.84 9.06
C ASN A 95 -50.52 42.71 7.58
N SER A 96 -49.57 43.51 7.10
CA SER A 96 -49.16 43.42 5.70
C SER A 96 -48.65 42.03 5.37
N CYS A 97 -47.72 41.51 6.16
CA CYS A 97 -47.15 40.19 5.91
C CYS A 97 -48.26 39.15 5.79
N ILE A 98 -49.26 39.24 6.65
CA ILE A 98 -50.41 38.35 6.50
C ILE A 98 -51.07 38.58 5.14
N GLY A 99 -51.13 39.82 4.69
CA GLY A 99 -51.66 40.10 3.38
C GLY A 99 -50.97 39.31 2.29
N LEU A 100 -49.65 39.49 2.19
CA LEU A 100 -48.90 38.78 1.16
C LEU A 100 -49.12 37.28 1.26
N ASP A 101 -48.99 36.73 2.47
CA ASP A 101 -49.15 35.29 2.63
C ASP A 101 -50.52 34.84 2.14
N PHE A 102 -51.55 35.66 2.36
CA PHE A 102 -52.84 35.35 1.78
C PHE A 102 -52.76 35.25 0.26
N VAL A 103 -52.14 36.27 -0.36
CA VAL A 103 -52.06 36.26 -1.82
C VAL A 103 -51.41 34.99 -2.31
N TYR A 104 -50.37 34.52 -1.64
CA TYR A 104 -49.73 33.28 -2.06
C TYR A 104 -50.68 32.10 -1.87
N ASN A 105 -51.29 32.00 -0.69
CA ASN A 105 -52.13 30.84 -0.40
C ASN A 105 -53.43 30.80 -1.18
N SER A 106 -53.74 31.83 -1.96
CA SER A 106 -55.00 31.85 -2.70
C SER A 106 -54.75 31.85 -4.20
N ARG A 107 -53.80 31.04 -4.66
CA ARG A 107 -53.51 30.99 -6.09
C ARG A 107 -54.71 30.48 -6.89
N PHE A 108 -55.21 29.29 -6.54
CA PHE A 108 -56.04 28.54 -7.46
C PHE A 108 -57.44 29.12 -7.60
N ASN A 109 -57.95 29.77 -6.57
CA ASN A 109 -59.30 30.33 -6.68
C ASN A 109 -59.28 31.64 -7.42
N ARG A 110 -58.55 31.70 -8.54
CA ARG A 110 -58.31 32.96 -9.21
C ARG A 110 -58.57 32.79 -10.70
N SER A 111 -59.45 33.61 -11.25
CA SER A 111 -59.59 33.67 -12.70
C SER A 111 -58.24 33.98 -13.32
N ASN A 112 -57.83 33.13 -14.26
CA ASN A 112 -56.46 33.15 -14.76
C ASN A 112 -55.48 33.06 -13.60
N PRO A 113 -55.34 31.88 -12.99
CA PRO A 113 -54.40 31.75 -11.87
C PRO A 113 -53.00 32.19 -12.23
N ALA A 114 -52.54 31.85 -13.43
CA ALA A 114 -51.19 32.19 -13.86
C ALA A 114 -50.89 33.67 -13.67
N SER A 115 -51.92 34.50 -13.63
CA SER A 115 -51.76 35.93 -13.39
C SER A 115 -51.88 36.26 -11.90
N TRP A 116 -51.16 35.54 -11.06
CA TRP A 116 -51.03 35.95 -9.68
C TRP A 116 -49.70 36.61 -9.39
N GLY A 117 -48.74 36.48 -10.30
CA GLY A 117 -47.42 37.04 -10.06
C GLY A 117 -47.44 38.55 -9.95
N ASN A 118 -48.05 39.21 -10.92
CA ASN A 118 -48.08 40.67 -10.95
C ASN A 118 -48.59 41.22 -9.63
N THR A 119 -49.85 40.94 -9.31
CA THR A 119 -50.46 41.44 -8.09
C THR A 119 -49.62 41.11 -6.86
N PHE A 120 -48.75 40.12 -6.96
CA PHE A 120 -47.85 39.87 -5.85
C PHE A 120 -46.72 40.88 -5.83
N PHE A 121 -45.89 40.89 -6.87
CA PHE A 121 -44.75 41.80 -6.92
C PHE A 121 -45.16 43.22 -6.63
N GLU A 122 -46.21 43.69 -7.30
CA GLU A 122 -46.72 45.02 -7.02
C GLU A 122 -46.88 45.25 -5.52
N LEU A 123 -47.72 44.44 -4.88
CA LEU A 123 -47.97 44.63 -3.46
C LEU A 123 -46.71 44.58 -2.63
N PHE A 124 -45.66 43.94 -3.13
CA PHE A 124 -44.41 43.93 -2.39
C PHE A 124 -43.67 45.25 -2.52
N SER A 125 -43.53 45.74 -3.76
CA SER A 125 -42.72 46.93 -3.97
C SER A 125 -43.26 48.10 -3.17
N THR A 126 -44.58 48.30 -3.20
CA THR A 126 -45.18 49.38 -2.44
C THR A 126 -44.84 49.30 -0.96
N ILE A 127 -44.74 48.09 -0.38
CA ILE A 127 -44.33 48.01 1.01
C ILE A 127 -42.93 48.56 1.17
N ILE A 128 -42.02 48.15 0.30
CA ILE A 128 -40.66 48.68 0.32
C ILE A 128 -40.65 50.19 0.37
N ASP A 129 -41.70 50.81 -0.14
CA ASP A 129 -41.69 52.26 -0.23
C ASP A 129 -41.92 52.94 1.11
N LEU A 130 -42.70 52.34 2.00
CA LEU A 130 -43.16 53.12 3.14
C LEU A 130 -42.10 53.22 4.24
N LEU A 131 -41.82 52.11 4.93
CA LEU A 131 -40.49 51.79 5.46
C LEU A 131 -39.62 53.00 5.83
N ASN A 132 -40.05 53.80 6.78
CA ASN A 132 -39.43 55.12 6.94
C ASN A 132 -38.10 55.12 7.68
N SER A 133 -37.19 54.24 7.29
CA SER A 133 -35.83 54.25 7.83
C SER A 133 -35.02 53.15 7.17
N PRO A 134 -33.70 53.11 7.35
CA PRO A 134 -32.99 51.85 7.15
C PRO A 134 -33.15 50.91 8.33
N SER A 135 -33.50 51.44 9.51
CA SER A 135 -33.68 50.60 10.68
C SER A 135 -34.95 49.77 10.59
N THR A 136 -36.06 50.39 10.19
CA THR A 136 -37.27 49.62 9.95
C THR A 136 -37.06 48.64 8.81
N PHE A 137 -36.22 49.01 7.84
CA PHE A 137 -35.92 48.12 6.73
C PHE A 137 -35.25 46.84 7.24
N LEU A 138 -34.07 47.00 7.85
CA LEU A 138 -33.39 45.83 8.40
C LEU A 138 -34.27 45.08 9.38
N LYS A 139 -35.17 45.78 10.05
CA LYS A 139 -36.16 45.12 10.90
C LYS A 139 -37.09 44.23 10.10
N PHE A 140 -37.42 44.63 8.88
CA PHE A 140 -38.40 43.91 8.09
C PHE A 140 -37.83 42.87 7.15
N TRP A 141 -36.56 42.97 6.82
CA TRP A 141 -35.99 42.25 5.70
C TRP A 141 -35.98 40.72 5.82
N PRO A 142 -35.74 40.14 7.00
CA PRO A 142 -35.73 38.67 7.09
C PRO A 142 -36.97 38.02 6.50
N TYR A 143 -38.09 38.73 6.55
CA TYR A 143 -39.28 38.24 5.86
C TYR A 143 -38.99 37.97 4.41
N ALA A 144 -38.46 38.97 3.70
CA ALA A 144 -38.14 38.76 2.29
C ALA A 144 -37.05 37.72 2.13
N GLU A 145 -36.13 37.61 3.09
CA GLU A 145 -35.07 36.61 2.97
C GLU A 145 -35.65 35.21 2.95
N SER A 146 -36.66 34.94 3.77
CA SER A 146 -37.10 33.56 3.92
C SER A 146 -37.89 33.07 2.72
N ARG A 147 -38.52 33.96 1.97
CA ARG A 147 -39.50 33.57 0.96
C ARG A 147 -39.02 33.83 -0.46
N ILE A 148 -37.74 33.60 -0.73
CA ILE A 148 -37.20 33.88 -2.06
C ILE A 148 -37.83 32.95 -3.08
N GLU A 149 -38.05 31.69 -2.72
CA GLU A 149 -38.63 30.75 -3.67
C GLU A 149 -39.99 31.20 -4.17
N TRP A 150 -40.67 32.09 -3.45
CA TRP A 150 -41.92 32.60 -3.96
C TRP A 150 -41.71 33.64 -5.04
N PHE A 151 -40.61 34.39 -4.98
CA PHE A 151 -40.39 35.44 -5.97
C PHE A 151 -40.07 34.85 -7.34
N LYS A 152 -39.40 33.71 -7.38
CA LYS A 152 -39.28 32.95 -8.62
C LYS A 152 -40.67 32.40 -8.90
N MET A 153 -40.77 31.50 -9.87
CA MET A 153 -42.09 31.07 -10.35
C MET A 153 -42.86 32.29 -10.86
N ASN A 154 -42.32 32.92 -11.91
CA ASN A 154 -42.94 34.09 -12.48
C ASN A 154 -44.44 33.91 -12.61
N THR A 155 -44.85 32.96 -13.44
CA THR A 155 -46.26 32.64 -13.61
C THR A 155 -46.54 31.15 -13.42
N SER A 156 -45.52 30.35 -13.17
CA SER A 156 -45.73 28.93 -12.93
C SER A 156 -46.36 28.74 -11.57
N VAL A 157 -47.56 28.16 -11.56
CA VAL A 157 -48.24 27.93 -10.29
C VAL A 157 -47.49 26.88 -9.47
N GLU A 158 -46.80 25.98 -10.13
CA GLU A 158 -46.12 24.87 -9.46
C GLU A 158 -44.76 25.32 -8.94
N PRO A 159 -44.35 24.85 -7.77
CA PRO A 159 -43.02 25.19 -7.26
C PRO A 159 -41.92 24.77 -8.23
N VAL A 160 -40.82 25.52 -8.20
CA VAL A 160 -39.71 25.36 -9.13
C VAL A 160 -38.63 24.51 -8.48
N SER A 161 -37.88 23.81 -9.30
CA SER A 161 -36.76 23.02 -8.81
C SER A 161 -35.67 23.93 -8.24
N LEU A 162 -35.12 23.53 -7.10
CA LEU A 162 -34.17 24.38 -6.39
C LEU A 162 -32.92 24.59 -7.24
N GLY A 163 -32.48 25.84 -7.33
CA GLY A 163 -31.35 26.19 -8.16
C GLY A 163 -31.72 26.68 -9.54
N GLU A 164 -33.00 26.78 -9.87
CA GLU A 164 -33.44 27.24 -11.17
C GLU A 164 -34.35 28.44 -11.00
N SER A 165 -34.18 29.44 -11.86
CA SER A 165 -34.96 30.67 -11.80
C SER A 165 -35.82 30.77 -13.04
N ASN A 166 -37.12 30.97 -12.83
CA ASN A 166 -38.12 31.05 -13.90
C ASN A 166 -38.40 32.50 -14.27
N LEU A 167 -37.37 33.31 -14.46
CA LEU A 167 -37.57 34.76 -14.44
C LEU A 167 -36.56 35.44 -15.36
N ILE A 168 -37.05 36.41 -16.12
CA ILE A 168 -36.26 37.10 -17.16
C ILE A 168 -36.34 38.59 -16.91
N SER A 169 -35.25 39.30 -17.22
CA SER A 169 -35.06 40.67 -16.77
C SER A 169 -35.58 41.73 -17.73
N TYR A 170 -36.15 41.36 -18.87
CA TYR A 170 -36.63 42.33 -19.84
C TYR A 170 -38.13 42.20 -20.08
N LYS A 171 -38.88 41.60 -19.18
CA LYS A 171 -40.26 41.27 -19.50
C LYS A 171 -41.17 41.65 -18.33
N GLN A 172 -42.43 41.26 -18.47
CA GLN A 172 -43.56 41.83 -17.72
C GLN A 172 -43.34 42.06 -16.24
N PRO A 173 -42.87 41.11 -15.44
CA PRO A 173 -42.78 41.35 -14.00
C PRO A 173 -41.68 42.34 -13.63
N LEU A 174 -40.48 42.15 -14.17
CA LEU A 174 -39.35 42.99 -13.80
C LEU A 174 -39.21 44.23 -14.66
N TYR A 175 -39.97 44.32 -15.75
CA TYR A 175 -39.72 45.33 -16.78
C TYR A 175 -39.57 46.73 -16.21
N GLU A 176 -40.25 47.02 -15.11
CA GLU A 176 -40.08 48.29 -14.43
C GLU A 176 -39.61 48.15 -13.00
N LYS A 177 -39.92 47.04 -12.34
CA LYS A 177 -39.43 46.82 -10.99
C LYS A 177 -37.93 46.96 -10.94
N LEU A 178 -37.23 46.34 -11.88
CA LEU A 178 -35.78 46.40 -11.85
C LEU A 178 -35.28 47.82 -12.00
N ARG A 179 -35.89 48.61 -12.88
CA ARG A 179 -35.47 49.99 -13.04
C ARG A 179 -35.66 50.76 -11.75
N HIS A 180 -36.82 50.61 -11.11
CA HIS A 180 -37.07 51.31 -9.86
C HIS A 180 -36.05 50.93 -8.80
N TRP A 181 -35.88 49.64 -8.55
CA TRP A 181 -34.95 49.19 -7.52
C TRP A 181 -33.52 49.56 -7.86
N ASN A 182 -33.21 49.80 -9.13
CA ASN A 182 -31.92 50.41 -9.41
C ASN A 182 -31.90 51.88 -9.02
N ASP A 183 -33.01 52.58 -9.19
CA ASP A 183 -33.01 53.98 -8.79
C ASP A 183 -32.85 54.14 -7.28
N ILE A 184 -33.41 53.22 -6.49
CA ILE A 184 -33.22 53.30 -5.04
C ILE A 184 -31.74 53.23 -4.69
N LEU A 185 -31.04 52.26 -5.26
CA LEU A 185 -29.62 52.13 -4.96
C LEU A 185 -28.84 53.33 -5.46
N ALA A 186 -29.11 53.76 -6.69
CA ALA A 186 -28.41 54.90 -7.25
C ALA A 186 -28.56 56.12 -6.36
N LYS A 187 -29.78 56.40 -5.92
CA LYS A 187 -30.00 57.49 -4.98
C LYS A 187 -29.21 57.27 -3.70
N LEU A 188 -29.25 56.05 -3.18
CA LEU A 188 -28.62 55.75 -1.89
C LEU A 188 -27.12 55.89 -1.95
N GLU A 189 -26.52 55.84 -3.13
CA GLU A 189 -25.07 55.87 -3.22
C GLU A 189 -24.51 57.29 -3.29
N ASN A 190 -25.30 58.26 -3.75
CA ASN A 190 -24.75 59.58 -4.02
C ASN A 190 -24.29 60.28 -2.74
N ASN A 191 -25.13 60.29 -1.71
CA ASN A 191 -24.80 61.01 -0.49
C ASN A 191 -23.65 60.29 0.20
N ASP A 192 -22.45 60.51 -0.32
CA ASP A 192 -21.28 59.75 0.11
C ASP A 192 -20.93 60.01 1.56
N ILE A 193 -21.22 61.20 2.07
CA ILE A 193 -20.80 61.54 3.42
C ILE A 193 -21.94 61.45 4.43
N LEU A 194 -23.19 61.49 3.99
CA LEU A 194 -24.33 61.36 4.89
C LEU A 194 -24.78 59.92 5.08
N ASN A 195 -23.91 58.93 4.86
CA ASN A 195 -24.28 57.54 5.06
C ASN A 195 -23.80 57.05 6.41
N THR A 196 -24.73 56.53 7.19
CA THR A 196 -24.41 55.82 8.41
C THR A 196 -24.20 54.35 8.11
N VAL A 197 -23.58 53.64 9.04
CA VAL A 197 -23.26 52.23 8.83
C VAL A 197 -24.50 51.41 8.54
N LYS A 198 -25.68 51.87 8.94
CA LYS A 198 -26.90 51.17 8.58
C LYS A 198 -27.20 51.32 7.10
N HIS A 199 -26.86 52.45 6.50
CA HIS A 199 -27.06 52.59 5.06
C HIS A 199 -26.18 51.61 4.32
N TYR A 200 -24.88 51.69 4.52
CA TYR A 200 -23.97 50.75 3.88
C TYR A 200 -24.31 49.32 4.20
N ASN A 201 -24.97 49.08 5.33
CA ASN A 201 -25.39 47.73 5.67
C ASN A 201 -26.74 47.37 5.08
N MET A 202 -27.44 48.34 4.49
CA MET A 202 -28.71 48.05 3.83
C MET A 202 -28.55 47.89 2.33
N LYS A 203 -27.80 48.79 1.70
CA LYS A 203 -27.49 48.64 0.29
C LYS A 203 -26.95 47.24 0.01
N TYR A 204 -26.13 46.72 0.92
CA TYR A 204 -25.65 45.36 0.80
C TYR A 204 -26.78 44.36 0.64
N LYS A 205 -27.71 44.35 1.59
CA LYS A 205 -28.75 43.33 1.55
C LYS A 205 -29.62 43.48 0.33
N LEU A 206 -29.89 44.72 -0.09
CA LEU A 206 -30.73 44.89 -1.27
C LEU A 206 -30.03 44.34 -2.52
N GLU A 207 -28.78 44.75 -2.73
CA GLU A 207 -28.02 44.24 -3.87
C GLU A 207 -27.92 42.72 -3.84
N ASN A 208 -27.37 42.18 -2.75
CA ASN A 208 -27.25 40.73 -2.61
C ASN A 208 -28.57 40.04 -2.87
N PHE A 209 -29.67 40.68 -2.51
CA PHE A 209 -30.98 40.11 -2.84
C PHE A 209 -31.16 40.03 -4.34
N LEU A 210 -30.97 41.15 -5.05
CA LEU A 210 -31.22 41.11 -6.49
C LEU A 210 -30.28 40.19 -7.23
N SER A 211 -29.09 39.94 -6.69
CA SER A 211 -28.19 39.07 -7.43
C SER A 211 -28.57 37.62 -7.37
N GLU A 212 -29.70 37.27 -6.77
CA GLU A 212 -30.11 35.88 -6.64
C GLU A 212 -31.35 35.53 -7.44
N LEU A 213 -32.25 36.49 -7.67
CA LEU A 213 -33.40 36.23 -8.52
C LEU A 213 -32.95 35.91 -9.94
N LEU A 214 -31.84 36.39 -10.32
CA LEU A 214 -31.45 36.17 -11.70
C LEU A 214 -30.35 35.12 -11.78
N PRO A 215 -30.31 34.35 -12.87
CA PRO A 215 -29.26 33.34 -13.02
C PRO A 215 -27.86 33.92 -13.07
N ILE A 216 -26.84 33.09 -13.21
CA ILE A 216 -25.48 33.60 -13.10
C ILE A 216 -25.04 34.32 -14.37
N ASN A 217 -25.58 33.97 -15.53
CA ASN A 217 -25.24 34.63 -16.79
C ASN A 217 -26.51 35.20 -17.39
N GLU A 218 -26.83 36.43 -17.04
CA GLU A 218 -28.12 37.01 -17.38
C GLU A 218 -28.00 38.33 -18.13
N GLU A 219 -26.80 38.67 -18.61
CA GLU A 219 -26.52 39.96 -19.23
C GLU A 219 -26.60 41.08 -18.21
N SER A 220 -27.00 40.75 -17.01
CA SER A 220 -27.17 41.77 -16.00
C SER A 220 -26.40 41.47 -14.73
N ASN A 221 -26.28 40.20 -14.36
CA ASN A 221 -25.52 39.88 -13.15
C ASN A 221 -24.04 40.15 -13.34
N PHE A 222 -23.39 39.40 -14.21
CA PHE A 222 -21.98 39.64 -14.43
C PHE A 222 -21.79 41.02 -15.04
N ASN A 223 -20.79 41.74 -14.56
CA ASN A 223 -20.58 43.09 -15.06
C ASN A 223 -20.20 42.96 -16.53
N ARG A 224 -21.18 43.17 -17.41
CA ARG A 224 -21.02 42.76 -18.79
C ARG A 224 -19.90 43.52 -19.49
N SER A 225 -19.69 44.77 -19.12
CA SER A 225 -18.63 45.60 -19.69
C SER A 225 -17.78 46.13 -18.55
N ALA A 226 -16.51 45.71 -18.51
CA ALA A 226 -15.61 46.12 -17.45
C ALA A 226 -15.65 47.63 -17.25
N SER A 227 -15.94 48.04 -16.03
CA SER A 227 -16.35 49.41 -15.74
C SER A 227 -15.63 49.94 -14.50
N ILE A 228 -14.30 49.95 -14.54
CA ILE A 228 -13.43 50.32 -13.42
C ILE A 228 -14.06 51.43 -12.59
N SER A 229 -13.99 51.31 -11.27
CA SER A 229 -14.91 51.97 -10.37
C SER A 229 -15.02 53.48 -10.55
N ALA A 230 -13.97 54.22 -10.19
CA ALA A 230 -14.07 55.67 -10.14
C ALA A 230 -12.71 56.30 -9.88
N SER A 251 10.76 64.46 6.95
CA SER A 251 10.03 64.88 5.76
C SER A 251 9.02 63.84 5.32
N ASP A 252 7.75 64.08 5.65
CA ASP A 252 6.68 63.22 5.19
C ASP A 252 6.04 63.71 3.90
N VAL A 253 6.00 65.03 3.70
CA VAL A 253 5.36 65.58 2.52
C VAL A 253 6.02 65.06 1.26
N ILE A 254 7.33 64.85 1.30
CA ILE A 254 8.00 64.27 0.15
C ILE A 254 7.55 62.84 -0.06
N PHE A 255 7.11 62.16 1.00
CA PHE A 255 6.61 60.80 0.88
C PHE A 255 5.15 60.79 0.40
N ALA A 256 4.30 61.50 1.13
CA ALA A 256 2.89 61.54 0.79
C ALA A 256 2.66 62.09 -0.61
N ALA A 257 3.50 63.02 -1.04
CA ALA A 257 3.38 63.54 -2.40
C ALA A 257 3.52 62.42 -3.41
N ASP A 258 4.52 61.57 -3.23
CA ASP A 258 4.76 60.49 -4.17
C ASP A 258 3.65 59.45 -4.10
N TYR A 259 3.27 59.05 -2.89
CA TYR A 259 2.19 58.08 -2.76
C TYR A 259 0.94 58.57 -3.47
N ASN A 260 0.54 59.80 -3.17
CA ASN A 260 -0.64 60.38 -3.82
C ASN A 260 -0.49 60.35 -5.33
N PHE A 261 0.68 60.76 -5.83
CA PHE A 261 0.93 60.76 -7.26
C PHE A 261 0.67 59.40 -7.87
N VAL A 262 1.43 58.40 -7.45
CA VAL A 262 1.32 57.08 -8.06
C VAL A 262 -0.09 56.53 -7.93
N PHE A 263 -0.77 56.87 -6.84
CA PHE A 263 -2.16 56.43 -6.71
C PHE A 263 -3.01 56.99 -7.84
N TYR A 264 -3.15 58.31 -7.92
CA TYR A 264 -4.07 58.83 -8.91
C TYR A 264 -3.61 58.60 -10.35
N HIS A 265 -2.34 58.30 -10.56
CA HIS A 265 -1.93 58.17 -11.95
C HIS A 265 -1.90 56.73 -12.44
N LEU A 266 -1.52 55.77 -11.59
CA LEU A 266 -1.42 54.39 -12.03
C LEU A 266 -2.62 53.54 -11.63
N ILE A 267 -2.91 53.47 -10.33
CA ILE A 267 -3.83 52.45 -9.82
C ILE A 267 -5.23 52.71 -10.33
N ILE A 268 -5.76 53.91 -10.09
CA ILE A 268 -7.16 54.17 -10.36
C ILE A 268 -7.49 54.16 -11.84
N CYS A 269 -6.48 54.29 -12.71
CA CYS A 269 -6.69 54.28 -14.16
C CYS A 269 -5.63 53.41 -14.80
N PRO A 270 -5.94 52.15 -15.05
CA PRO A 270 -4.93 51.25 -15.60
C PRO A 270 -4.79 51.41 -17.10
N ILE A 271 -5.89 51.70 -17.79
CA ILE A 271 -5.84 51.80 -19.24
C ILE A 271 -5.11 53.07 -19.66
N GLU A 272 -5.35 54.17 -18.95
CA GLU A 272 -4.63 55.40 -19.22
C GLU A 272 -3.16 55.33 -18.87
N PHE A 273 -2.69 54.20 -18.36
CA PHE A 273 -1.26 53.96 -18.25
C PHE A 273 -0.74 53.02 -19.32
N ALA A 274 -1.57 52.09 -19.77
CA ALA A 274 -1.12 51.15 -20.78
C ALA A 274 -0.92 51.85 -22.12
N PHE A 275 -1.90 52.60 -22.57
CA PHE A 275 -1.86 53.18 -23.90
C PHE A 275 -1.49 54.65 -23.84
N SER A 276 -0.28 54.89 -23.36
CA SER A 276 0.23 56.25 -23.18
C SER A 276 1.61 56.35 -23.84
N ASP A 277 2.19 57.54 -23.76
CA ASP A 277 3.47 57.78 -24.42
C ASP A 277 4.60 57.14 -23.63
N LEU A 278 5.81 57.27 -24.17
CA LEU A 278 7.00 56.85 -23.45
C LEU A 278 7.49 57.88 -22.45
N GLU A 279 6.68 58.91 -22.17
CA GLU A 279 6.99 59.90 -21.16
C GLU A 279 6.16 59.74 -19.91
N TYR A 280 4.84 59.73 -20.03
CA TYR A 280 3.99 59.48 -18.88
C TYR A 280 4.39 58.19 -18.20
N LYS A 281 4.55 57.12 -18.98
CA LYS A 281 5.06 55.86 -18.46
C LYS A 281 6.39 56.01 -17.77
N ASN A 282 7.12 57.08 -18.06
CA ASN A 282 8.35 57.38 -17.34
C ASN A 282 8.13 58.36 -16.20
N ASP A 283 7.14 59.24 -16.33
CA ASP A 283 6.81 60.13 -15.24
C ASP A 283 6.41 59.35 -13.98
N VAL A 284 5.56 58.33 -14.15
CA VAL A 284 5.20 57.49 -13.01
C VAL A 284 6.43 56.76 -12.49
N ASP A 285 7.24 56.23 -13.41
CA ASP A 285 8.45 55.52 -13.02
C ASP A 285 9.32 56.37 -12.11
N ARG A 286 9.46 57.65 -12.41
CA ARG A 286 10.32 58.52 -11.61
C ARG A 286 9.85 58.58 -10.17
N SER A 287 8.53 58.50 -9.96
CA SER A 287 8.02 58.62 -8.61
C SER A 287 8.04 57.30 -7.86
N LEU A 288 7.77 56.19 -8.56
CA LEU A 288 7.52 54.93 -7.86
C LEU A 288 8.74 54.48 -7.06
N SER A 289 9.86 54.23 -7.74
CA SER A 289 10.92 53.41 -7.17
C SER A 289 11.40 53.85 -5.79
N PRO A 290 11.64 55.13 -5.49
CA PRO A 290 12.14 55.45 -4.14
C PRO A 290 11.16 55.10 -3.05
N LEU A 291 9.87 55.29 -3.31
CA LEU A 291 8.84 54.87 -2.37
C LEU A 291 8.93 53.38 -2.09
N LEU A 292 8.79 52.57 -3.15
CA LEU A 292 8.82 51.13 -2.99
C LEU A 292 10.05 50.68 -2.23
N ASP A 293 11.19 51.31 -2.50
CA ASP A 293 12.38 50.99 -1.73
C ASP A 293 12.19 51.35 -0.27
N ALA A 294 11.57 52.51 0.00
CA ALA A 294 11.37 52.95 1.36
C ALA A 294 10.47 52.02 2.16
N ILE A 295 9.60 51.25 1.50
CA ILE A 295 8.80 50.26 2.20
C ILE A 295 9.54 48.93 2.34
N LEU A 296 10.10 48.42 1.24
CA LEU A 296 10.86 47.19 1.38
C LEU A 296 12.12 47.37 2.20
N GLU A 297 12.37 48.56 2.74
CA GLU A 297 13.40 48.69 3.76
C GLU A 297 12.84 48.43 5.16
N ILE A 298 11.60 48.84 5.41
CA ILE A 298 11.00 48.60 6.72
C ILE A 298 10.65 47.14 6.88
N GLU A 299 10.10 46.53 5.83
CA GLU A 299 9.66 45.15 5.97
C GLU A 299 10.77 44.23 6.43
N GLU A 300 12.00 44.50 6.02
CA GLU A 300 13.09 43.60 6.41
C GLU A 300 13.43 43.75 7.89
N ASN A 301 13.27 44.95 8.45
CA ASN A 301 13.40 45.08 9.90
C ASN A 301 12.33 44.28 10.61
N PHE A 302 11.07 44.49 10.21
CA PHE A 302 9.98 43.75 10.82
C PHE A 302 10.25 42.26 10.82
N TYR A 303 10.64 41.72 9.67
CA TYR A 303 10.90 40.28 9.63
C TYR A 303 12.22 39.91 10.27
N SER A 304 13.11 40.86 10.49
CA SER A 304 14.42 40.52 11.03
C SER A 304 14.46 40.61 12.54
N LYS A 305 13.42 41.12 13.19
CA LYS A 305 13.35 41.02 14.65
C LYS A 305 12.94 39.61 15.08
N ILE A 306 11.88 39.09 14.46
CA ILE A 306 11.31 37.81 14.87
C ILE A 306 12.34 36.70 14.72
N LYS A 307 13.07 36.70 13.61
CA LYS A 307 14.10 35.68 13.40
C LYS A 307 15.04 35.60 14.60
N MET A 308 15.47 36.74 15.13
CA MET A 308 16.28 36.73 16.32
C MET A 308 15.51 36.14 17.50
N ASN A 309 14.33 36.69 17.78
CA ASN A 309 13.59 36.23 18.95
C ASN A 309 13.13 34.79 18.84
N ASN A 310 13.43 34.08 17.76
CA ASN A 310 13.28 32.63 17.75
C ASN A 310 14.62 31.91 17.82
N ARG A 311 15.60 32.37 17.05
CA ARG A 311 16.87 31.65 17.01
C ARG A 311 17.51 31.63 18.39
N THR A 312 17.43 32.73 19.13
CA THR A 312 18.03 32.71 20.46
C THR A 312 17.35 31.68 21.36
N ARG A 313 16.03 31.59 21.30
CA ARG A 313 15.31 30.67 22.17
C ARG A 313 15.63 29.22 21.81
N TYR A 314 15.66 28.90 20.51
CA TYR A 314 16.04 27.55 20.12
C TYR A 314 17.46 27.21 20.58
N SER A 315 18.39 28.16 20.44
CA SER A 315 19.75 27.89 20.88
C SER A 315 19.79 27.59 22.37
N LEU A 316 19.01 28.33 23.17
CA LEU A 316 18.95 28.02 24.60
C LEU A 316 18.40 26.63 24.84
N GLU A 317 17.33 26.26 24.15
CA GLU A 317 16.71 24.97 24.38
C GLU A 317 17.67 23.83 24.07
N GLU A 318 18.30 23.86 22.91
CA GLU A 318 19.28 22.81 22.61
C GLU A 318 20.49 22.88 23.52
N ALA A 319 20.78 24.04 24.10
CA ALA A 319 21.93 24.14 24.98
C ALA A 319 21.67 23.44 26.31
N LEU A 320 20.54 23.75 26.96
CA LEU A 320 20.31 23.23 28.30
C LEU A 320 20.05 21.74 28.29
N ASN A 321 19.01 21.30 27.58
CA ASN A 321 18.64 19.89 27.57
C ASN A 321 19.75 19.04 26.95
N THR A 322 19.64 17.74 27.15
CA THR A 322 20.71 16.84 26.76
C THR A 322 20.64 16.50 25.28
N GLU A 323 19.53 15.91 24.85
CA GLU A 323 19.43 15.29 23.52
C GLU A 323 18.19 15.79 22.78
N TYR A 324 18.05 17.10 22.70
CA TYR A 324 16.92 17.71 22.01
C TYR A 324 17.40 18.51 20.81
N TYR A 325 16.62 18.47 19.73
CA TYR A 325 16.97 19.12 18.48
C TYR A 325 15.90 20.12 18.09
N ALA A 326 16.33 21.30 17.62
CA ALA A 326 15.44 22.44 17.50
C ALA A 326 14.55 22.37 16.27
N ASN A 327 14.97 21.70 15.21
CA ASN A 327 14.19 21.60 13.98
C ASN A 327 13.86 22.99 13.42
N TYR A 328 14.91 23.66 12.98
CA TYR A 328 14.76 25.01 12.45
C TYR A 328 13.80 25.04 11.26
N ASP A 329 13.40 26.25 10.89
CA ASP A 329 12.50 26.50 9.76
C ASP A 329 11.08 26.00 10.07
N VAL A 330 10.64 26.21 11.30
CA VAL A 330 9.30 25.85 11.73
C VAL A 330 8.61 27.07 12.34
N MET A 331 8.88 28.26 11.79
CA MET A 331 8.58 29.52 12.46
C MET A 331 7.20 29.53 13.13
N THR A 332 6.13 29.37 12.35
CA THR A 332 4.81 28.94 12.82
C THR A 332 4.41 29.60 14.14
N PRO A 333 3.98 30.86 14.13
CA PRO A 333 3.75 31.58 15.39
C PRO A 333 2.74 30.86 16.27
N LYS A 334 3.00 30.88 17.58
CA LYS A 334 2.06 30.36 18.55
C LYS A 334 2.33 31.04 19.89
N LEU A 335 1.26 31.33 20.63
CA LEU A 335 1.38 32.15 21.83
C LEU A 335 1.98 31.35 22.98
N PRO A 336 2.67 32.02 23.89
CA PRO A 336 3.38 31.32 24.96
C PRO A 336 2.48 30.53 25.89
N VAL A 337 3.08 29.81 26.82
CA VAL A 337 2.32 28.91 27.68
C VAL A 337 1.61 29.67 28.80
N TYR A 338 2.34 30.53 29.51
CA TYR A 338 1.76 31.18 30.68
C TYR A 338 0.52 31.98 30.32
N MET A 339 0.43 32.51 29.11
CA MET A 339 -0.81 33.16 28.72
C MET A 339 -1.84 32.19 28.19
N LYS A 340 -1.43 30.98 27.82
CA LYS A 340 -2.42 30.01 27.37
C LYS A 340 -3.11 29.35 28.55
N HIS A 341 -2.41 29.19 29.68
CA HIS A 341 -2.93 28.42 30.79
C HIS A 341 -3.59 29.26 31.86
N SER A 342 -3.05 30.45 32.14
CA SER A 342 -3.69 31.32 33.12
C SER A 342 -5.09 31.68 32.66
N ASN A 343 -6.03 31.60 33.60
CA ASN A 343 -7.41 31.93 33.29
C ASN A 343 -7.73 33.38 33.60
N ALA A 344 -7.01 33.99 34.55
CA ALA A 344 -7.21 35.40 34.84
C ALA A 344 -6.88 36.26 33.64
N MET A 345 -5.65 36.15 33.13
CA MET A 345 -5.30 36.86 31.90
C MET A 345 -6.23 36.46 30.77
N LYS A 346 -6.70 35.22 30.77
CA LYS A 346 -7.59 34.78 29.72
C LYS A 346 -8.94 35.48 29.78
N MET A 347 -9.25 36.15 30.89
CA MET A 347 -10.55 36.80 31.00
C MET A 347 -10.50 38.30 30.74
N ASP A 348 -9.45 38.97 31.20
CA ASP A 348 -9.33 40.41 31.00
C ASP A 348 -9.51 40.77 29.53
N ARG A 349 -8.86 40.02 28.65
CA ARG A 349 -9.01 40.28 27.23
C ARG A 349 -10.46 40.14 26.81
N ASN A 350 -11.16 39.15 27.36
CA ASN A 350 -12.56 38.96 26.99
C ASN A 350 -13.40 40.17 27.38
N GLU A 351 -13.29 40.60 28.63
CA GLU A 351 -14.10 41.74 29.03
C GLU A 351 -13.71 43.00 28.28
N PHE A 352 -12.44 43.13 27.92
CA PHE A 352 -12.02 44.29 27.14
C PHE A 352 -12.70 44.29 25.76
N TRP A 353 -12.61 43.17 25.05
CA TRP A 353 -13.24 43.13 23.73
C TRP A 353 -14.74 43.32 23.84
N ALA A 354 -15.35 42.89 24.95
CA ALA A 354 -16.77 43.18 25.12
C ALA A 354 -17.02 44.68 25.24
N ASN A 355 -16.20 45.35 26.04
CA ASN A 355 -16.33 46.80 26.20
C ASN A 355 -16.23 47.51 24.86
N LEU A 356 -15.06 47.39 24.22
CA LEU A 356 -14.86 48.04 22.92
C LEU A 356 -15.92 47.63 21.91
N GLN A 357 -16.44 46.42 22.04
CA GLN A 357 -17.49 45.97 21.14
C GLN A 357 -18.75 46.79 21.32
N ASN A 358 -19.20 46.97 22.56
CA ASN A 358 -20.41 47.74 22.78
C ASN A 358 -20.21 49.22 22.48
N ILE A 359 -19.01 49.74 22.72
CA ILE A 359 -18.76 51.15 22.39
C ILE A 359 -18.79 51.35 20.89
N LYS A 360 -18.10 50.50 20.15
CA LYS A 360 -18.05 50.64 18.70
C LYS A 360 -19.38 50.32 18.06
N GLU A 361 -20.19 49.49 18.70
CA GLU A 361 -21.43 49.03 18.08
C GLU A 361 -22.60 49.96 18.38
N SER A 362 -22.70 50.45 19.62
CA SER A 362 -23.90 51.15 20.03
C SER A 362 -24.10 52.42 19.21
N ASP A 363 -25.27 53.02 19.40
CA ASP A 363 -25.61 54.24 18.68
C ASP A 363 -24.74 55.39 19.16
N ASP A 364 -24.97 56.56 18.57
CA ASP A 364 -24.18 57.78 18.78
C ASP A 364 -22.82 57.64 18.09
N TYR A 365 -22.52 56.45 17.59
CA TYR A 365 -21.24 56.12 16.97
C TYR A 365 -21.49 55.44 15.64
N THR A 366 -22.37 56.03 14.84
CA THR A 366 -22.78 55.46 13.58
C THR A 366 -22.16 56.19 12.38
N LEU A 367 -21.01 56.82 12.57
CA LEU A 367 -20.28 57.43 11.48
C LEU A 367 -18.84 57.00 11.53
N ARG A 368 -18.65 55.71 11.66
CA ARG A 368 -17.32 55.16 11.91
C ARG A 368 -16.59 54.97 10.59
N PRO A 369 -15.33 55.38 10.50
CA PRO A 369 -14.48 54.89 9.41
C PRO A 369 -14.36 53.38 9.48
N THR A 370 -14.20 52.75 8.33
CA THR A 370 -13.93 51.33 8.32
C THR A 370 -12.59 51.05 8.96
N ILE A 371 -12.40 49.80 9.37
CA ILE A 371 -11.06 49.38 9.69
C ILE A 371 -10.24 49.39 8.40
N MET A 372 -8.93 49.41 8.54
CA MET A 372 -8.00 49.16 7.44
C MET A 372 -8.02 50.23 6.36
N ASP A 373 -8.72 51.35 6.56
CA ASP A 373 -8.83 52.36 5.51
C ASP A 373 -7.70 53.36 5.63
N ILE A 374 -6.90 53.48 4.58
CA ILE A 374 -5.86 54.49 4.53
C ILE A 374 -6.49 55.83 4.19
N SER A 375 -6.12 56.87 4.94
CA SER A 375 -6.62 58.22 4.68
C SER A 375 -5.52 59.01 4.01
N LEU A 376 -5.76 59.42 2.77
CA LEU A 376 -4.71 60.05 1.97
C LEU A 376 -4.55 61.52 2.30
N SER A 377 -5.66 62.24 2.43
CA SER A 377 -5.61 63.69 2.50
C SER A 377 -4.98 64.20 3.79
N ASN A 378 -4.85 63.36 4.82
CA ASN A 378 -4.27 63.86 6.06
C ASN A 378 -2.78 64.14 5.91
N THR A 379 -2.08 63.29 5.17
CA THR A 379 -0.70 63.51 4.76
C THR A 379 0.29 63.60 5.91
N THR A 380 -0.18 63.38 7.14
CA THR A 380 0.74 63.34 8.27
C THR A 380 0.50 62.10 9.10
N CYS A 381 -0.73 61.59 9.08
CA CYS A 381 -0.97 60.27 9.67
C CYS A 381 -0.60 59.17 8.71
N LEU A 382 -0.83 59.40 7.42
CA LEU A 382 -0.43 58.45 6.39
C LEU A 382 1.02 58.02 6.57
N TYR A 383 1.92 59.00 6.65
CA TYR A 383 3.32 58.70 6.89
C TYR A 383 3.50 57.85 8.14
N LYS A 384 2.73 58.14 9.18
CA LYS A 384 2.83 57.39 10.41
C LYS A 384 2.18 56.02 10.29
N GLN A 385 1.14 55.89 9.47
CA GLN A 385 0.51 54.58 9.29
C GLN A 385 1.36 53.66 8.45
N LEU A 386 2.21 54.20 7.59
CA LEU A 386 3.06 53.37 6.75
C LEU A 386 4.40 53.07 7.39
N THR A 387 4.96 54.03 8.11
CA THR A 387 6.31 53.89 8.63
C THR A 387 6.37 53.24 9.99
N GLN A 388 5.26 52.68 10.49
CA GLN A 388 5.34 51.91 11.73
C GLN A 388 6.17 50.66 11.51
N GLU A 389 6.87 50.24 12.56
CA GLU A 389 7.60 48.99 12.49
C GLU A 389 6.78 47.80 12.97
N ASP A 390 5.74 48.05 13.76
CA ASP A 390 5.02 46.97 14.41
C ASP A 390 3.89 46.40 13.55
N ASP A 391 2.93 47.24 13.16
CA ASP A 391 1.77 46.76 12.43
C ASP A 391 2.05 46.74 10.94
N ASP A 392 1.97 45.55 10.36
CA ASP A 392 2.29 45.31 8.98
C ASP A 392 1.08 45.47 8.07
N TYR A 393 -0.11 45.60 8.64
CA TYR A 393 -1.34 45.45 7.87
C TYR A 393 -1.62 46.62 6.95
N TYR A 394 -0.90 47.73 7.08
CA TYR A 394 -1.05 48.84 6.17
C TYR A 394 -0.03 48.83 5.04
N ARG A 395 1.13 48.23 5.24
CA ARG A 395 2.07 48.09 4.14
C ARG A 395 1.74 46.93 3.23
N LYS A 396 0.70 46.16 3.54
CA LYS A 396 0.31 45.04 2.69
C LYS A 396 -0.76 45.41 1.68
N GLN A 397 -1.72 46.27 2.06
CA GLN A 397 -2.76 46.66 1.12
C GLN A 397 -2.16 47.29 -0.12
N PHE A 398 -1.20 48.19 0.07
CA PHE A 398 -0.49 48.81 -1.03
C PHE A 398 0.01 47.76 -2.02
N ILE A 399 0.86 46.86 -1.54
CA ILE A 399 1.47 45.87 -2.40
C ILE A 399 0.42 44.99 -3.05
N LEU A 400 -0.69 44.73 -2.36
CA LEU A 400 -1.79 44.03 -3.01
C LEU A 400 -2.31 44.82 -4.20
N GLN A 401 -2.42 46.13 -4.05
CA GLN A 401 -2.92 46.96 -5.14
C GLN A 401 -1.99 46.90 -6.35
N LEU A 402 -0.69 47.08 -6.11
CA LEU A 402 0.25 46.96 -7.22
C LEU A 402 0.13 45.60 -7.88
N CYS A 403 0.24 44.53 -7.11
CA CYS A 403 0.14 43.20 -7.71
C CYS A 403 -1.22 42.92 -8.31
N PHE A 404 -2.21 43.79 -8.11
CA PHE A 404 -3.44 43.60 -8.85
C PHE A 404 -3.43 44.29 -10.20
N THR A 405 -3.08 45.57 -10.25
CA THR A 405 -3.13 46.23 -11.55
C THR A 405 -2.02 45.74 -12.47
N THR A 406 -0.82 45.60 -11.93
CA THR A 406 0.31 45.15 -12.72
C THR A 406 0.08 43.81 -13.38
N ASN A 407 -0.87 43.01 -12.89
CA ASN A 407 -1.30 41.84 -13.62
C ASN A 407 -2.02 42.25 -14.91
N LEU A 408 -3.00 43.13 -14.78
CA LEU A 408 -3.81 43.47 -15.93
C LEU A 408 -2.98 44.14 -17.02
N ILE A 409 -2.03 44.98 -16.64
CA ILE A 409 -1.21 45.65 -17.65
C ILE A 409 -0.50 44.63 -18.53
N ARG A 410 0.24 43.72 -17.89
CA ARG A 410 0.95 42.71 -18.65
C ARG A 410 0.00 41.88 -19.50
N ASN A 411 -1.16 41.54 -18.95
CA ASN A 411 -2.13 40.78 -19.73
C ASN A 411 -2.56 41.55 -20.97
N LEU A 412 -2.70 42.87 -20.86
CA LEU A 412 -3.09 43.67 -22.01
C LEU A 412 -2.01 43.68 -23.07
N ILE A 413 -0.80 44.10 -22.70
CA ILE A 413 0.22 44.27 -23.73
C ILE A 413 0.59 42.93 -24.34
N SER A 414 0.45 41.84 -23.59
CA SER A 414 0.94 40.56 -24.10
C SER A 414 -0.07 39.81 -24.97
N SER A 415 -1.36 39.98 -24.75
CA SER A 415 -2.37 39.21 -25.48
C SER A 415 -3.23 40.15 -26.30
N ASP A 416 -3.42 39.82 -27.57
CA ASP A 416 -4.19 40.72 -28.43
C ASP A 416 -5.68 40.64 -28.15
N GLU A 417 -6.19 39.43 -27.90
CA GLU A 417 -7.62 39.24 -27.71
C GLU A 417 -8.18 40.17 -26.65
N THR A 418 -7.48 40.30 -25.53
CA THR A 418 -7.95 41.14 -24.44
C THR A 418 -8.14 42.58 -24.90
N ARG A 419 -7.05 43.24 -25.29
CA ARG A 419 -7.14 44.64 -25.66
C ARG A 419 -8.06 44.85 -26.86
N ASN A 420 -8.23 43.82 -27.69
CA ASN A 420 -9.29 43.88 -28.69
C ASN A 420 -10.65 44.03 -28.01
N PHE A 421 -10.94 43.16 -27.04
CA PHE A 421 -12.20 43.21 -26.32
C PHE A 421 -12.43 44.58 -25.69
N TYR A 422 -11.44 45.08 -24.94
CA TYR A 422 -11.61 46.36 -24.28
C TYR A 422 -11.82 47.48 -25.28
N LYS A 423 -11.05 47.48 -26.37
CA LYS A 423 -11.28 48.46 -27.42
C LYS A 423 -12.72 48.44 -27.87
N SER A 424 -13.25 47.24 -28.12
CA SER A 424 -14.66 47.13 -28.51
C SER A 424 -15.58 47.73 -27.45
N CYS A 425 -15.26 47.52 -26.18
CA CYS A 425 -16.13 48.06 -25.13
C CYS A 425 -16.12 49.58 -25.12
N TYR A 426 -14.94 50.19 -25.06
CA TYR A 426 -14.89 51.65 -25.02
C TYR A 426 -15.56 52.25 -26.25
N LEU A 427 -15.35 51.64 -27.42
CA LEU A 427 -15.91 52.26 -28.62
C LEU A 427 -17.43 52.10 -28.65
N ARG A 428 -17.94 50.94 -28.23
CA ARG A 428 -19.39 50.81 -28.12
C ARG A 428 -19.96 51.74 -27.05
N GLU A 429 -19.14 52.19 -26.11
CA GLU A 429 -19.61 53.19 -25.16
C GLU A 429 -19.69 54.57 -25.80
N ASN A 430 -18.64 54.96 -26.53
CA ASN A 430 -18.47 56.34 -26.95
C ASN A 430 -17.75 56.37 -28.28
N PRO A 431 -18.49 56.38 -29.40
CA PRO A 431 -17.85 56.48 -30.72
C PRO A 431 -17.19 57.84 -30.94
N VAL A 443 8.94 49.58 -29.05
CA VAL A 443 9.76 49.97 -27.92
C VAL A 443 8.88 50.30 -26.72
N ASN A 444 7.74 50.93 -26.98
CA ASN A 444 6.80 51.24 -25.92
C ASN A 444 6.38 49.98 -25.18
N LYS A 445 5.99 48.95 -25.94
CA LYS A 445 5.71 47.64 -25.35
C LYS A 445 6.87 47.19 -24.47
N LYS A 446 8.10 47.37 -24.94
CA LYS A 446 9.26 46.93 -24.18
C LYS A 446 9.34 47.65 -22.84
N ARG A 447 9.16 48.97 -22.84
CA ARG A 447 9.25 49.72 -21.59
C ARG A 447 8.15 49.29 -20.63
N GLY A 448 6.91 49.17 -21.15
CA GLY A 448 5.81 48.74 -20.30
C GLY A 448 6.08 47.40 -19.65
N LEU A 449 6.51 46.41 -20.43
CA LEU A 449 6.83 45.11 -19.86
C LEU A 449 8.01 45.20 -18.90
N ASN A 450 8.91 46.15 -19.10
CA ASN A 450 10.03 46.29 -18.18
C ASN A 450 9.54 46.74 -16.81
N LEU A 451 8.81 47.85 -16.75
CA LEU A 451 8.32 48.31 -15.46
C LEU A 451 7.20 47.44 -14.92
N CYS A 452 6.68 46.51 -15.72
CA CYS A 452 5.75 45.52 -15.19
C CYS A 452 6.48 44.35 -14.56
N SER A 453 7.60 43.93 -15.15
CA SER A 453 8.37 42.84 -14.59
C SER A 453 9.27 43.29 -13.46
N TYR A 454 9.49 44.60 -13.32
CA TYR A 454 10.41 45.06 -12.29
C TYR A 454 9.86 44.87 -10.89
N ILE A 455 8.55 45.01 -10.71
CA ILE A 455 7.96 45.10 -9.38
C ILE A 455 7.27 43.81 -8.97
N CYS A 456 6.44 43.25 -9.83
CA CYS A 456 5.71 42.05 -9.45
C CYS A 456 6.53 40.79 -9.63
N ASP A 457 7.78 40.89 -10.08
CA ASP A 457 8.56 39.69 -10.31
C ASP A 457 10.01 39.82 -9.90
N ASN A 458 10.51 41.01 -9.60
CA ASN A 458 11.93 41.16 -9.32
C ASN A 458 12.22 41.65 -7.91
N ARG A 459 11.33 42.41 -7.30
CA ARG A 459 11.54 42.93 -5.96
C ARG A 459 10.55 42.40 -4.95
N VAL A 460 9.37 41.97 -5.38
CA VAL A 460 8.36 41.51 -4.45
C VAL A 460 8.47 40.01 -4.24
N LEU A 461 8.24 39.23 -5.30
CA LEU A 461 8.18 37.79 -5.13
C LEU A 461 9.51 37.23 -4.63
N LYS A 462 10.62 37.72 -5.18
CA LYS A 462 11.92 37.29 -4.67
C LYS A 462 12.18 37.75 -3.25
N PHE A 463 11.28 38.54 -2.66
CA PHE A 463 11.41 38.96 -1.28
C PHE A 463 10.53 38.11 -0.37
N TYR A 464 9.23 38.07 -0.63
CA TYR A 464 8.33 37.33 0.23
C TYR A 464 8.54 35.83 0.09
N LYS A 465 8.94 35.36 -1.09
CA LYS A 465 9.18 33.93 -1.23
C LYS A 465 10.25 33.46 -0.27
N ILE A 466 11.11 34.36 0.20
CA ILE A 466 12.17 33.98 1.12
C ILE A 466 11.79 34.39 2.53
N LYS A 467 10.96 35.42 2.67
CA LYS A 467 10.69 35.93 4.01
C LYS A 467 9.51 35.22 4.69
N ASP A 468 8.38 35.09 4.03
CA ASP A 468 7.33 34.26 4.62
C ASP A 468 6.40 33.66 3.56
N PRO A 469 6.51 32.37 3.30
CA PRO A 469 5.69 31.77 2.25
C PRO A 469 4.20 31.79 2.52
N ASP A 470 3.77 31.82 3.78
CA ASP A 470 2.33 31.79 4.04
C ASP A 470 1.61 33.02 3.52
N PHE A 471 2.34 34.11 3.26
CA PHE A 471 1.78 35.21 2.52
C PHE A 471 2.26 35.26 1.08
N TYR A 472 3.42 34.67 0.81
CA TYR A 472 3.89 34.59 -0.56
C TYR A 472 2.93 33.80 -1.43
N ARG A 473 2.32 32.75 -0.90
CA ARG A 473 1.51 31.88 -1.75
C ARG A 473 0.19 32.51 -2.12
N VAL A 474 -0.48 33.16 -1.16
CA VAL A 474 -1.83 33.65 -1.41
C VAL A 474 -1.82 34.66 -2.55
N ILE A 475 -0.77 35.46 -2.66
CA ILE A 475 -0.68 36.40 -3.77
C ILE A 475 -0.73 35.66 -5.08
N ARG A 476 0.12 34.65 -5.24
CA ARG A 476 0.17 33.92 -6.49
C ARG A 476 -1.15 33.23 -6.77
N LYS A 477 -1.83 32.75 -5.72
CA LYS A 477 -3.10 32.08 -5.96
C LYS A 477 -4.16 33.06 -6.43
N LEU A 478 -4.15 34.30 -5.91
CA LEU A 478 -5.14 35.27 -6.39
C LEU A 478 -4.82 35.75 -7.80
N MET A 479 -3.57 36.17 -8.03
CA MET A 479 -3.18 36.57 -9.37
C MET A 479 -3.50 35.50 -10.39
N SER A 480 -3.34 34.23 -10.02
CA SER A 480 -3.77 33.16 -10.90
C SER A 480 -5.28 33.16 -11.05
N SER A 481 -6.00 33.23 -9.94
CA SER A 481 -7.45 33.11 -9.98
C SER A 481 -8.09 34.25 -10.74
N ASP A 482 -7.36 35.33 -11.00
CA ASP A 482 -7.96 36.47 -11.68
C ASP A 482 -8.09 36.21 -13.18
N GLU A 483 -7.04 35.69 -13.80
CA GLU A 483 -7.06 35.47 -15.24
C GLU A 483 -8.17 34.51 -15.63
N LYS A 484 -8.43 33.52 -14.80
CA LYS A 484 -9.55 32.62 -15.01
C LYS A 484 -10.83 33.41 -15.31
N PHE A 485 -11.21 34.28 -14.38
CA PHE A 485 -12.45 35.04 -14.55
C PHE A 485 -12.34 36.08 -15.64
N THR A 486 -11.14 36.61 -15.91
CA THR A 486 -11.02 37.56 -17.00
C THR A 486 -11.36 36.90 -18.33
N THR A 487 -10.67 35.80 -18.65
CA THR A 487 -11.01 35.07 -19.85
C THR A 487 -12.45 34.59 -19.82
N ALA A 488 -12.96 34.28 -18.63
CA ALA A 488 -14.34 33.85 -18.53
C ALA A 488 -15.30 34.96 -18.91
N LYS A 489 -14.93 36.22 -18.65
CA LYS A 489 -15.79 37.33 -18.99
C LYS A 489 -15.63 37.75 -20.44
N ILE A 490 -14.46 37.53 -21.03
CA ILE A 490 -14.32 37.73 -22.47
C ILE A 490 -15.36 36.90 -23.21
N ASP A 491 -15.46 35.63 -22.87
CA ASP A 491 -16.61 34.88 -23.31
C ASP A 491 -17.83 35.29 -22.49
N GLY A 492 -19.01 34.92 -22.96
CA GLY A 492 -20.21 35.30 -22.26
C GLY A 492 -20.59 34.39 -21.12
N PHE A 493 -19.61 34.02 -20.29
CA PHE A 493 -19.86 33.10 -19.18
C PHE A 493 -20.60 31.85 -19.66
N LYS A 494 -20.17 31.32 -20.81
CA LYS A 494 -20.80 30.12 -21.32
C LYS A 494 -20.52 28.93 -20.43
N GLU A 495 -19.40 28.94 -19.72
CA GLU A 495 -19.07 27.83 -18.81
C GLU A 495 -20.16 27.66 -17.77
N PHE A 496 -20.62 28.75 -17.19
CA PHE A 496 -21.64 28.67 -16.16
C PHE A 496 -22.98 28.39 -16.70
N GLN A 497 -23.06 27.99 -17.97
CA GLN A 497 -24.32 27.55 -18.53
C GLN A 497 -24.45 26.03 -18.57
N ASN A 498 -23.34 25.32 -18.72
CA ASN A 498 -23.38 23.87 -18.79
C ASN A 498 -23.81 23.22 -17.48
N PHE A 499 -23.97 23.99 -16.42
CA PHE A 499 -24.27 23.42 -15.12
C PHE A 499 -25.58 22.67 -15.15
N ARG A 500 -25.53 21.38 -14.80
CA ARG A 500 -26.66 20.49 -14.89
C ARG A 500 -27.11 20.07 -13.51
N ILE A 501 -28.42 19.92 -13.33
CA ILE A 501 -29.01 19.52 -12.06
C ILE A 501 -29.71 18.19 -12.29
N SER A 502 -29.15 17.12 -11.72
CA SER A 502 -29.79 15.83 -11.81
C SER A 502 -31.08 15.82 -11.01
N LYS A 503 -32.17 15.38 -11.64
CA LYS A 503 -33.48 15.35 -11.00
C LYS A 503 -34.05 13.95 -11.14
N GLU A 504 -33.85 13.13 -10.11
CA GLU A 504 -34.30 11.75 -10.14
C GLU A 504 -34.21 11.16 -8.75
N LYS A 505 -35.15 10.28 -8.43
CA LYS A 505 -35.22 9.67 -7.11
C LYS A 505 -34.36 8.41 -7.05
N ILE A 506 -33.87 8.11 -5.85
CA ILE A 506 -32.99 6.96 -5.65
C ILE A 506 -33.41 6.18 -4.41
N PRO A 507 -33.64 4.88 -4.53
CA PRO A 507 -33.93 4.05 -3.36
C PRO A 507 -32.66 3.43 -2.83
N PRO A 508 -32.70 2.86 -1.63
CA PRO A 508 -31.52 2.18 -1.10
C PRO A 508 -31.11 1.02 -1.98
N PRO A 509 -29.84 0.65 -1.96
CA PRO A 509 -29.36 -0.41 -2.85
C PRO A 509 -29.69 -1.82 -2.35
N ALA A 510 -29.14 -2.82 -3.03
CA ALA A 510 -29.30 -4.22 -2.64
C ALA A 510 -28.05 -4.70 -1.93
N PHE A 511 -28.23 -5.40 -0.83
CA PHE A 511 -27.14 -5.95 -0.03
C PHE A 511 -27.37 -7.44 0.16
N ASP A 512 -26.65 -8.26 -0.60
CA ASP A 512 -26.83 -9.69 -0.52
C ASP A 512 -26.27 -10.22 0.79
N GLU A 513 -27.01 -11.16 1.39
CA GLU A 513 -26.62 -11.73 2.67
C GLU A 513 -26.40 -13.24 2.55
N THR A 514 -26.70 -13.82 1.39
CA THR A 514 -26.75 -15.27 1.22
C THR A 514 -25.43 -15.76 0.65
N PHE A 515 -24.82 -16.73 1.31
CA PHE A 515 -23.63 -17.38 0.81
C PHE A 515 -24.01 -18.37 -0.28
N LYS A 516 -23.04 -19.12 -0.78
CA LYS A 516 -23.26 -20.07 -1.86
C LYS A 516 -23.29 -21.49 -1.32
N LYS A 517 -24.35 -22.23 -1.67
CA LYS A 517 -24.53 -23.58 -1.18
C LYS A 517 -23.50 -24.53 -1.79
N PHE A 518 -23.59 -25.80 -1.39
CA PHE A 518 -22.69 -26.83 -1.85
C PHE A 518 -23.39 -27.75 -2.85
N THR A 519 -22.67 -28.80 -3.26
CA THR A 519 -23.17 -29.84 -4.13
C THR A 519 -22.97 -31.19 -3.44
N PHE A 520 -23.21 -32.27 -4.18
CA PHE A 520 -23.17 -33.61 -3.62
C PHE A 520 -21.91 -34.39 -4.00
N ILE A 521 -21.09 -33.88 -4.91
CA ILE A 521 -19.80 -34.51 -5.18
C ILE A 521 -18.83 -34.00 -4.11
N LYS A 522 -18.89 -34.64 -2.95
CA LYS A 522 -18.39 -34.05 -1.72
C LYS A 522 -16.88 -33.85 -1.74
N MET A 523 -16.13 -34.85 -2.21
CA MET A 523 -14.69 -34.78 -2.17
C MET A 523 -14.13 -33.73 -3.15
N GLY A 524 -14.95 -33.25 -4.07
CA GLY A 524 -14.48 -32.30 -5.07
C GLY A 524 -14.83 -32.79 -6.46
N ASN A 525 -13.82 -32.96 -7.31
CA ASN A 525 -14.05 -33.53 -8.63
C ASN A 525 -14.56 -34.96 -8.52
N LYS A 526 -15.20 -35.43 -9.58
CA LYS A 526 -15.77 -36.77 -9.56
C LYS A 526 -14.68 -37.84 -9.48
N LEU A 527 -13.56 -37.60 -10.17
CA LEU A 527 -12.54 -38.64 -10.31
C LEU A 527 -11.99 -39.06 -8.96
N ILE A 528 -11.47 -38.12 -8.19
CA ILE A 528 -10.91 -38.45 -6.89
C ILE A 528 -11.97 -39.01 -5.97
N ASN A 529 -13.22 -38.60 -6.13
CA ASN A 529 -14.27 -39.04 -5.22
C ASN A 529 -14.62 -40.50 -5.47
N ASN A 530 -14.57 -40.93 -6.72
CA ASN A 530 -14.83 -42.34 -7.03
C ASN A 530 -13.94 -43.28 -6.24
N VAL A 531 -12.72 -42.84 -5.91
CA VAL A 531 -11.83 -43.67 -5.11
C VAL A 531 -12.45 -43.95 -3.74
N TRP A 532 -12.92 -42.91 -3.07
CA TRP A 532 -13.63 -43.16 -1.82
C TRP A 532 -15.00 -43.77 -2.05
N LYS A 533 -15.44 -43.95 -3.28
CA LYS A 533 -16.66 -44.72 -3.48
C LYS A 533 -16.45 -46.23 -3.45
N ILE A 534 -15.20 -46.71 -3.42
CA ILE A 534 -14.90 -48.14 -3.35
C ILE A 534 -15.19 -48.67 -1.95
N PRO A 535 -15.63 -49.93 -1.80
CA PRO A 535 -15.68 -50.54 -0.47
C PRO A 535 -14.33 -51.11 -0.06
N THR B 8 -41.58 73.06 -6.44
CA THR B 8 -40.76 71.90 -6.12
C THR B 8 -41.42 70.61 -6.58
N TYR B 9 -40.74 69.50 -6.30
CA TYR B 9 -41.26 68.20 -6.69
C TYR B 9 -42.56 67.88 -5.95
N PHE B 10 -42.54 68.01 -4.62
CA PHE B 10 -43.73 67.74 -3.82
C PHE B 10 -44.92 68.58 -4.29
N GLU B 11 -44.70 69.88 -4.45
CA GLU B 11 -45.76 70.78 -4.89
C GLU B 11 -46.30 70.35 -6.24
N SER B 12 -45.40 70.09 -7.19
CA SER B 12 -45.82 69.65 -8.51
C SER B 12 -46.72 68.42 -8.43
N LEU B 13 -46.35 67.45 -7.58
CA LEU B 13 -47.23 66.32 -7.34
C LEU B 13 -48.60 66.78 -6.92
N CYS B 14 -48.66 67.63 -5.90
CA CYS B 14 -49.95 68.12 -5.41
C CYS B 14 -50.80 68.66 -6.55
N GLU B 15 -50.19 69.49 -7.40
CA GLU B 15 -50.94 70.09 -8.49
C GLU B 15 -51.44 69.04 -9.46
N GLU B 16 -50.60 68.05 -9.78
CA GLU B 16 -51.02 66.97 -10.65
C GLU B 16 -52.28 66.29 -10.11
N GLU B 17 -52.26 65.94 -8.82
CA GLU B 17 -53.44 65.32 -8.23
C GLU B 17 -54.66 66.21 -8.34
N GLN B 18 -54.47 67.52 -8.13
CA GLN B 18 -55.57 68.46 -8.32
C GLN B 18 -56.18 68.34 -9.71
N SER B 19 -55.32 68.33 -10.74
CA SER B 19 -55.84 68.28 -12.11
C SER B 19 -56.57 66.96 -12.38
N LEU B 20 -56.00 65.84 -11.93
CA LEU B 20 -56.71 64.57 -12.02
C LEU B 20 -58.12 64.69 -11.48
N GLN B 21 -58.25 65.20 -10.27
CA GLN B 21 -59.57 65.41 -9.71
C GLN B 21 -60.41 66.32 -10.57
N GLU B 22 -59.78 67.26 -11.29
CA GLU B 22 -60.54 68.12 -12.19
C GLU B 22 -61.18 67.32 -13.31
N SER B 23 -60.47 66.33 -13.85
CA SER B 23 -60.99 65.63 -15.03
C SER B 23 -61.97 64.51 -14.70
N GLN B 24 -61.74 63.78 -13.59
CA GLN B 24 -62.59 62.62 -13.29
C GLN B 24 -64.07 62.99 -13.32
N THR B 25 -64.43 64.12 -12.71
CA THR B 25 -65.83 64.49 -12.60
C THR B 25 -66.46 64.68 -13.98
N HIS B 26 -65.73 65.29 -14.91
CA HIS B 26 -66.26 65.44 -16.26
C HIS B 26 -66.47 64.08 -16.92
N LEU B 27 -65.50 63.18 -16.75
CA LEU B 27 -65.65 61.85 -17.32
C LEU B 27 -66.92 61.19 -16.85
N LEU B 28 -67.07 61.02 -15.53
CA LEU B 28 -68.29 60.43 -15.00
C LEU B 28 -69.51 61.14 -15.53
N ASN B 29 -69.45 62.46 -15.63
CA ASN B 29 -70.60 63.23 -16.06
C ASN B 29 -71.02 62.84 -17.47
N ILE B 30 -70.05 62.56 -18.35
CA ILE B 30 -70.41 62.15 -19.71
C ILE B 30 -70.95 60.74 -19.72
N LEU B 31 -70.25 59.82 -19.03
CA LEU B 31 -70.72 58.43 -19.03
C LEU B 31 -72.14 58.31 -18.52
N ASP B 32 -72.55 59.22 -17.63
CA ASP B 32 -73.96 59.29 -17.27
C ASP B 32 -74.83 59.46 -18.52
N ILE B 33 -74.53 60.47 -19.33
CA ILE B 33 -75.37 60.76 -20.48
C ILE B 33 -75.40 59.57 -21.42
N LEU B 34 -74.24 58.94 -21.67
CA LEU B 34 -74.26 57.74 -22.49
C LEU B 34 -75.14 56.68 -21.86
N SER B 35 -75.14 56.57 -20.54
CA SER B 35 -75.99 55.59 -19.87
C SER B 35 -77.47 55.86 -20.15
N VAL B 36 -77.85 57.14 -20.20
CA VAL B 36 -79.23 57.46 -20.54
C VAL B 36 -79.51 57.15 -22.00
N LEU B 37 -78.51 57.32 -22.87
CA LEU B 37 -78.76 57.19 -24.30
C LEU B 37 -79.15 55.78 -24.73
N ALA B 38 -78.74 54.76 -23.97
CA ALA B 38 -79.02 53.40 -24.39
C ALA B 38 -80.19 52.80 -23.62
N LYS B 53 -76.07 69.69 -26.14
CA LYS B 53 -75.93 69.11 -24.81
C LYS B 53 -74.53 68.53 -24.62
N LEU B 54 -74.26 67.48 -25.36
CA LEU B 54 -73.04 66.68 -25.27
C LEU B 54 -71.77 67.40 -25.75
N PRO B 55 -71.79 68.10 -26.89
CA PRO B 55 -70.53 68.64 -27.41
C PRO B 55 -69.78 69.52 -26.43
N ASP B 56 -70.51 70.24 -25.58
CA ASP B 56 -69.87 71.01 -24.52
C ASP B 56 -68.96 70.12 -23.69
N LEU B 57 -69.53 69.07 -23.08
CA LEU B 57 -68.75 68.20 -22.22
C LEU B 57 -67.64 67.53 -22.99
N HIS B 58 -67.89 67.20 -24.26
CA HIS B 58 -66.83 66.69 -25.12
C HIS B 58 -65.62 67.61 -25.08
N ARG B 59 -65.84 68.87 -25.46
CA ARG B 59 -64.78 69.86 -25.46
C ARG B 59 -64.11 69.95 -24.10
N GLU B 60 -64.92 69.95 -23.03
CA GLU B 60 -64.37 70.09 -21.68
C GLU B 60 -63.39 68.97 -21.36
N LEU B 61 -63.82 67.73 -21.57
CA LEU B 61 -62.95 66.60 -21.27
C LEU B 61 -61.67 66.69 -22.07
N ILE B 62 -61.78 67.08 -23.35
CA ILE B 62 -60.57 67.26 -24.15
C ILE B 62 -59.61 68.21 -23.44
N ASN B 63 -60.11 69.41 -23.13
CA ASN B 63 -59.24 70.44 -22.57
C ASN B 63 -58.60 69.98 -21.28
N SER B 64 -59.40 69.39 -20.39
CA SER B 64 -58.87 68.92 -19.11
C SER B 64 -57.77 67.89 -19.31
N SER B 65 -58.02 66.92 -20.20
CA SER B 65 -57.01 65.90 -20.48
C SER B 65 -55.71 66.54 -20.94
N ILE B 66 -55.81 67.54 -21.83
CA ILE B 66 -54.62 68.26 -22.23
C ILE B 66 -53.93 68.86 -21.02
N ARG B 67 -54.72 69.40 -20.10
CA ARG B 67 -54.12 70.06 -18.94
C ARG B 67 -53.33 69.08 -18.09
N LEU B 68 -53.92 67.91 -17.81
CA LEU B 68 -53.22 66.89 -17.04
C LEU B 68 -51.95 66.44 -17.72
N ARG B 69 -52.08 65.98 -18.97
CA ARG B 69 -50.93 65.45 -19.67
C ARG B 69 -49.81 66.47 -19.73
N TYR B 70 -50.15 67.73 -19.99
CA TYR B 70 -49.15 68.79 -19.83
C TYR B 70 -48.60 68.81 -18.43
N ASP B 71 -49.44 68.54 -17.44
CA ASP B 71 -49.05 68.77 -16.06
C ASP B 71 -48.05 67.74 -15.57
N LYS B 72 -47.94 66.61 -16.26
CA LYS B 72 -46.97 65.61 -15.81
C LYS B 72 -45.53 66.00 -16.16
N TYR B 73 -45.28 66.39 -17.41
CA TYR B 73 -43.90 66.59 -17.86
C TYR B 73 -43.14 67.49 -16.91
N GLN B 74 -43.83 68.52 -16.41
CA GLN B 74 -43.21 69.44 -15.47
C GLN B 74 -42.74 68.71 -14.22
N THR B 75 -43.53 67.76 -13.73
CA THR B 75 -43.09 67.06 -12.52
C THR B 75 -41.99 66.07 -12.84
N ARG B 76 -41.93 65.57 -14.08
CA ARG B 76 -40.80 64.73 -14.44
C ARG B 76 -39.50 65.51 -14.37
N GLU B 77 -39.43 66.62 -15.10
CA GLU B 77 -38.20 67.42 -15.09
C GLU B 77 -37.89 67.92 -13.69
N ALA B 78 -38.92 68.38 -12.98
CA ALA B 78 -38.74 68.82 -11.61
C ALA B 78 -38.10 67.75 -10.76
N GLN B 79 -38.57 66.50 -10.90
CA GLN B 79 -37.91 65.39 -10.22
C GLN B 79 -36.45 65.32 -10.59
N LEU B 80 -36.17 65.16 -11.88
CA LEU B 80 -34.80 64.84 -12.28
C LEU B 80 -33.82 65.95 -11.98
N LEU B 81 -34.29 67.17 -11.71
CA LEU B 81 -33.34 68.20 -11.35
C LEU B 81 -32.82 68.03 -9.92
N GLU B 82 -33.68 67.61 -8.99
CA GLU B 82 -33.35 67.70 -7.58
C GLU B 82 -32.39 66.61 -7.11
N ASP B 83 -32.10 65.62 -7.94
CA ASP B 83 -31.19 64.55 -7.51
C ASP B 83 -29.79 65.08 -7.30
N THR B 84 -29.16 65.58 -8.36
CA THR B 84 -27.82 66.13 -8.25
C THR B 84 -27.79 67.40 -7.41
N PRO B 97 -18.39 72.69 14.21
CA PRO B 97 -17.92 72.64 12.81
C PRO B 97 -16.42 72.45 12.69
N LYS B 98 -15.78 72.15 13.82
CA LYS B 98 -14.39 71.70 13.83
C LYS B 98 -14.25 70.49 14.74
N SER B 99 -15.14 70.37 15.71
CA SER B 99 -15.17 69.17 16.53
C SER B 99 -15.32 67.93 15.67
N ILE B 100 -15.99 68.06 14.53
CA ILE B 100 -16.09 66.94 13.59
C ILE B 100 -14.71 66.48 13.16
N SER B 101 -13.86 67.41 12.74
CA SER B 101 -12.57 67.02 12.21
C SER B 101 -11.64 66.47 13.28
N GLU B 102 -11.93 66.72 14.56
CA GLU B 102 -11.19 66.09 15.64
C GLU B 102 -11.92 64.86 16.17
N TYR B 103 -13.08 64.55 15.61
CA TYR B 103 -13.78 63.33 15.96
C TYR B 103 -13.28 62.14 15.18
N TYR B 104 -12.82 62.34 13.95
CA TYR B 104 -12.29 61.22 13.20
C TYR B 104 -10.85 60.92 13.56
N SER B 105 -10.09 61.91 14.01
CA SER B 105 -8.67 61.70 14.22
C SER B 105 -8.40 60.66 15.30
N THR B 106 -8.89 60.91 16.51
CA THR B 106 -8.69 59.93 17.57
C THR B 106 -9.37 58.61 17.22
N PHE B 107 -10.57 58.70 16.62
CA PHE B 107 -11.28 57.49 16.25
C PHE B 107 -10.49 56.67 15.25
N GLU B 108 -9.52 57.27 14.58
CA GLU B 108 -8.59 56.56 13.73
C GLU B 108 -7.38 56.05 14.50
N HIS B 109 -6.87 56.84 15.44
CA HIS B 109 -5.80 56.36 16.30
C HIS B 109 -6.19 55.05 16.97
N LEU B 110 -7.44 54.95 17.41
CA LEU B 110 -7.91 53.71 17.99
C LEU B 110 -7.71 52.55 17.03
N ASN B 111 -8.26 52.68 15.82
CA ASN B 111 -8.11 51.64 14.81
C ASN B 111 -6.67 51.41 14.42
N ARG B 112 -5.75 52.29 14.80
CA ARG B 112 -4.35 52.02 14.51
C ARG B 112 -3.65 51.30 15.64
N ASP B 113 -4.05 51.54 16.89
CA ASP B 113 -3.40 50.84 17.99
C ASP B 113 -3.97 49.46 18.24
N THR B 114 -5.27 49.25 17.97
CA THR B 114 -5.82 47.92 18.16
C THR B 114 -5.07 46.87 17.34
N LEU B 115 -4.64 47.23 16.13
CA LEU B 115 -3.90 46.29 15.31
C LEU B 115 -2.55 45.99 15.93
N ARG B 116 -1.80 47.02 16.32
CA ARG B 116 -0.51 46.80 16.95
C ARG B 116 -0.65 45.94 18.19
N TYR B 117 -1.78 46.06 18.87
CA TYR B 117 -2.04 45.22 20.04
C TYR B 117 -2.19 43.77 19.62
N ILE B 118 -3.06 43.50 18.65
CA ILE B 118 -3.29 42.12 18.25
C ILE B 118 -1.99 41.48 17.74
N ASN B 119 -1.24 42.20 16.92
CA ASN B 119 0.05 41.66 16.52
C ASN B 119 0.98 41.49 17.71
N LEU B 120 0.82 42.30 18.75
CA LEU B 120 1.74 42.20 19.86
C LEU B 120 1.42 41.01 20.76
N LEU B 121 0.18 40.52 20.75
CA LEU B 121 -0.12 39.31 21.48
C LEU B 121 0.68 38.12 20.95
N LYS B 122 0.48 37.78 19.68
CA LYS B 122 0.91 36.47 19.18
C LYS B 122 2.19 36.55 18.35
N ARG B 123 2.18 37.27 17.23
CA ARG B 123 3.28 37.14 16.29
C ARG B 123 4.57 37.76 16.81
N LEU B 124 4.48 38.74 17.69
CA LEU B 124 5.67 39.39 18.21
C LEU B 124 6.01 38.94 19.62
N SER B 125 5.54 37.77 20.02
CA SER B 125 5.64 37.33 21.40
C SER B 125 7.04 36.86 21.75
N VAL B 126 7.35 36.89 23.03
CA VAL B 126 8.56 36.31 23.58
C VAL B 126 8.18 35.11 24.42
N ASP B 127 8.91 34.02 24.27
CA ASP B 127 8.58 32.77 24.97
C ASP B 127 9.70 32.42 25.94
N LEU B 128 9.45 31.42 26.76
CA LEU B 128 10.33 31.07 27.87
C LEU B 128 11.20 29.86 27.48
N ALA B 129 12.18 29.56 28.34
CA ALA B 129 13.25 28.64 27.95
C ALA B 129 12.76 27.20 27.85
N LYS B 130 12.02 26.73 28.84
CA LYS B 130 11.48 25.37 28.95
C LYS B 130 12.58 24.31 28.83
N GLN B 131 13.40 24.25 29.86
CA GLN B 131 14.15 23.03 30.11
C GLN B 131 13.30 22.07 30.92
N VAL B 132 13.62 20.78 30.80
CA VAL B 132 12.85 19.74 31.46
C VAL B 132 13.60 19.25 32.69
N GLU B 133 12.88 19.13 33.81
CA GLU B 133 13.44 18.62 35.05
C GLU B 133 12.46 17.66 35.70
N VAL B 134 11.86 16.78 34.90
CA VAL B 134 10.77 15.94 35.39
C VAL B 134 11.31 14.91 36.38
N SER B 135 10.62 14.77 37.50
CA SER B 135 10.87 13.74 38.49
C SER B 135 9.98 12.54 38.16
N ASP B 136 9.78 11.65 39.12
CA ASP B 136 8.91 10.49 38.95
C ASP B 136 9.45 9.61 37.83
N PRO B 137 10.51 8.85 38.08
CA PRO B 137 11.20 8.14 36.99
C PRO B 137 10.34 7.11 36.28
N SER B 138 9.06 7.00 36.64
CA SER B 138 8.18 6.02 36.03
C SER B 138 7.50 6.56 34.77
N VAL B 139 8.29 7.15 33.88
CA VAL B 139 7.78 7.68 32.61
C VAL B 139 8.96 7.91 31.70
N THR B 140 8.75 7.71 30.41
CA THR B 140 9.86 7.66 29.46
C THR B 140 9.81 8.76 28.40
N VAL B 141 8.63 9.16 27.95
CA VAL B 141 8.48 10.25 27.00
C VAL B 141 7.90 11.45 27.73
N TYR B 142 8.29 12.65 27.31
CA TYR B 142 7.90 13.84 28.04
C TYR B 142 7.02 14.80 27.26
N GLU B 143 6.94 14.65 25.94
CA GLU B 143 5.99 15.28 25.02
C GLU B 143 6.25 16.77 24.83
N MET B 144 7.15 17.34 25.63
CA MET B 144 7.83 18.60 25.33
C MET B 144 6.86 19.77 25.14
N ASP B 145 5.56 19.54 25.29
CA ASP B 145 4.57 20.60 25.15
C ASP B 145 4.01 21.05 26.48
N LYS B 146 3.48 20.11 27.26
CA LYS B 146 2.78 20.44 28.50
C LYS B 146 3.83 20.72 29.57
N TRP B 147 4.49 21.86 29.44
CA TRP B 147 5.61 22.14 30.33
C TRP B 147 5.22 22.98 31.54
N VAL B 148 4.26 23.89 31.41
CA VAL B 148 3.58 24.56 32.52
C VAL B 148 4.52 24.92 33.67
N PRO B 149 5.32 25.96 33.52
CA PRO B 149 6.48 26.15 34.42
C PRO B 149 6.10 26.56 35.84
N SER B 150 6.76 25.92 36.81
CA SER B 150 7.08 26.49 38.12
C SER B 150 5.96 27.30 38.76
N GLU B 151 4.89 26.64 39.19
CA GLU B 151 3.67 27.31 39.62
C GLU B 151 3.92 28.46 40.60
N LYS B 152 5.08 28.51 41.24
CA LYS B 152 5.42 29.72 41.98
C LYS B 152 5.60 30.90 41.04
N LEU B 153 6.26 30.68 39.90
CA LEU B 153 6.50 31.76 38.96
C LEU B 153 5.20 32.27 38.35
N GLN B 154 4.20 31.40 38.26
CA GLN B 154 2.95 31.74 37.60
C GLN B 154 2.32 32.97 38.24
N GLY B 155 2.18 32.97 39.56
CA GLY B 155 1.57 34.10 40.23
C GLY B 155 2.34 35.38 40.04
N ILE B 156 3.66 35.30 40.01
CA ILE B 156 4.47 36.49 39.84
C ILE B 156 4.28 37.09 38.46
N LEU B 157 4.32 36.25 37.42
CA LEU B 157 4.11 36.78 36.08
C LEU B 157 2.70 37.33 35.92
N GLU B 158 1.70 36.57 36.35
CA GLU B 158 0.33 37.06 36.23
C GLU B 158 0.13 38.35 37.01
N GLN B 159 0.95 38.58 38.04
CA GLN B 159 0.78 39.76 38.88
C GLN B 159 0.89 41.05 38.09
N TYR B 160 1.62 41.03 36.96
CA TYR B 160 1.66 42.20 36.09
C TYR B 160 0.28 42.66 35.67
N CYS B 161 -0.60 41.72 35.34
CA CYS B 161 -1.91 42.05 34.81
C CYS B 161 -3.02 41.68 35.78
N ILE B 167 4.93 49.96 39.37
CA ILE B 167 4.86 48.54 39.09
C ILE B 167 6.23 47.92 39.22
N ARG B 168 7.15 48.62 39.88
CA ARG B 168 8.49 48.06 40.08
C ARG B 168 8.47 46.90 41.06
N GLY B 169 7.41 46.76 41.85
CA GLY B 169 7.38 45.72 42.86
C GLY B 169 7.58 44.34 42.26
N VAL B 170 6.88 44.07 41.17
CA VAL B 170 7.00 42.75 40.54
C VAL B 170 8.40 42.52 40.02
N ASP B 171 9.03 43.56 39.45
CA ASP B 171 10.39 43.40 38.97
C ASP B 171 11.34 43.11 40.12
N ALA B 172 11.16 43.78 41.26
CA ALA B 172 11.99 43.47 42.42
C ALA B 172 11.75 42.04 42.89
N GLN B 173 10.50 41.58 42.83
CA GLN B 173 10.19 40.23 43.23
C GLN B 173 10.86 39.21 42.31
N ILE B 174 10.99 39.54 41.03
CA ILE B 174 11.82 38.74 40.14
C ILE B 174 13.27 38.78 40.61
N LYS B 175 13.76 39.98 40.91
CA LYS B 175 15.15 40.15 41.33
C LYS B 175 15.46 39.26 42.52
N ASN B 176 14.50 39.08 43.43
CA ASN B 176 14.72 38.21 44.57
C ASN B 176 14.55 36.74 44.21
N TYR B 177 13.54 36.43 43.40
CA TYR B 177 13.29 35.05 42.99
C TYR B 177 14.55 34.44 42.38
N LEU B 178 15.19 35.16 41.47
CA LEU B 178 16.39 34.64 40.83
C LEU B 178 17.44 34.26 41.85
N ASP B 179 17.80 35.19 42.74
CA ASP B 179 18.84 34.89 43.71
C ASP B 179 18.45 33.75 44.61
N GLN B 180 17.17 33.67 44.98
CA GLN B 180 16.68 32.54 45.75
C GLN B 180 17.03 31.23 45.06
N ILE B 181 16.66 31.10 43.79
CA ILE B 181 16.97 29.87 43.06
C ILE B 181 18.47 29.66 43.00
N LYS B 182 19.23 30.73 42.77
CA LYS B 182 20.67 30.58 42.64
C LYS B 182 21.32 30.12 43.93
N MET B 183 20.68 30.36 45.06
CA MET B 183 21.20 29.84 46.32
C MET B 183 20.77 28.40 46.55
N ALA B 184 19.47 28.14 46.44
CA ALA B 184 18.97 26.79 46.69
C ALA B 184 19.66 25.78 45.78
N ARG B 185 19.79 26.11 44.50
CA ARG B 185 20.52 25.24 43.58
C ARG B 185 21.99 25.08 44.00
N ALA B 186 22.56 26.11 44.61
CA ALA B 186 23.99 26.06 44.93
C ALA B 186 24.28 25.32 46.22
N LYS B 187 23.29 25.12 47.09
CA LYS B 187 23.54 24.39 48.33
C LYS B 187 23.87 22.92 48.05
N PHE B 188 22.97 22.25 47.32
CA PHE B 188 23.09 20.82 47.16
C PHE B 188 24.17 20.46 46.16
N GLY B 189 24.35 21.28 45.14
CA GLY B 189 25.46 21.12 44.21
C GLY B 189 26.81 21.09 44.87
N LEU B 190 26.90 21.52 46.13
CA LEU B 190 28.12 21.35 46.91
C LEU B 190 28.00 20.29 48.00
N GLU B 191 26.79 20.06 48.54
CA GLU B 191 26.63 18.92 49.43
C GLU B 191 27.05 17.63 48.75
N ASN B 192 26.57 17.41 47.53
CA ASN B 192 26.85 16.14 46.85
C ASN B 192 28.34 15.93 46.65
N LYS B 193 29.07 17.02 46.42
CA LYS B 193 30.50 16.88 46.17
C LYS B 193 31.30 16.75 47.45
N TYR B 194 30.88 17.40 48.53
CA TYR B 194 31.71 17.48 49.72
C TYR B 194 31.15 16.76 50.93
N SER B 195 29.94 16.20 50.83
CA SER B 195 29.38 15.43 51.94
C SER B 195 29.17 13.97 51.59
N LEU B 196 28.38 13.67 50.55
CA LEU B 196 27.95 12.30 50.32
C LEU B 196 28.95 11.48 49.51
N LYS B 197 29.66 12.10 48.58
CA LYS B 197 30.72 11.39 47.89
C LYS B 197 31.73 10.83 48.87
N GLU B 198 32.15 11.65 49.84
CA GLU B 198 33.17 11.25 50.79
C GLU B 198 32.75 10.01 51.57
N ARG B 199 31.49 9.92 51.96
CA ARG B 199 31.04 8.75 52.70
C ARG B 199 30.87 7.55 51.78
N LEU B 200 30.25 7.76 50.62
CA LEU B 200 29.96 6.64 49.74
C LEU B 200 31.22 5.93 49.29
N SER B 201 32.29 6.69 49.02
CA SER B 201 33.54 6.09 48.57
C SER B 201 34.05 5.07 49.57
N THR B 202 34.37 5.52 50.79
CA THR B 202 34.96 4.64 51.78
C THR B 202 33.99 3.56 52.22
N LEU B 203 32.70 3.85 52.27
CA LEU B 203 31.74 2.83 52.68
C LEU B 203 31.60 1.73 51.64
N THR B 204 31.74 2.06 50.35
CA THR B 204 31.68 1.01 49.35
C THR B 204 33.02 0.36 49.10
N LYS B 205 34.11 0.94 49.61
CA LYS B 205 35.41 0.28 49.52
C LYS B 205 35.61 -0.76 50.60
N GLU B 206 34.92 -0.65 51.74
CA GLU B 206 35.00 -1.64 52.80
C GLU B 206 33.74 -2.49 52.88
N LEU B 207 33.13 -2.75 51.73
CA LEU B 207 32.12 -3.80 51.59
C LEU B 207 32.65 -5.02 50.87
N ASN B 208 33.37 -4.80 49.76
CA ASN B 208 34.01 -5.91 49.07
C ASN B 208 34.95 -6.67 50.00
N HIS B 209 35.46 -5.98 51.02
CA HIS B 209 36.40 -6.59 51.94
C HIS B 209 35.74 -7.62 52.86
N TRP B 210 34.42 -7.78 52.81
CA TRP B 210 33.81 -8.87 53.55
C TRP B 210 32.69 -9.53 52.75
N ARG B 211 32.66 -9.35 51.43
CA ARG B 211 31.99 -10.26 50.53
C ARG B 211 32.99 -11.03 49.69
N LYS B 212 34.26 -10.67 49.75
CA LYS B 212 35.33 -11.40 49.07
C LYS B 212 36.00 -12.41 50.00
N GLU B 213 36.64 -11.94 51.09
CA GLU B 213 37.34 -12.88 51.95
C GLU B 213 36.37 -13.84 52.61
N TRP B 214 35.19 -13.36 53.00
CA TRP B 214 34.17 -14.27 53.48
C TRP B 214 33.82 -15.30 52.42
N ASP B 215 33.84 -14.88 51.15
CA ASP B 215 33.57 -15.83 50.08
C ASP B 215 34.67 -16.87 49.98
N ASP B 216 35.88 -16.53 50.43
CA ASP B 216 36.95 -17.52 50.44
C ASP B 216 36.77 -18.49 51.60
N ILE B 217 36.59 -17.96 52.81
CA ILE B 217 36.39 -18.79 53.99
C ILE B 217 35.11 -19.62 53.90
N GLU B 218 34.20 -19.27 53.01
CA GLU B 218 33.01 -20.07 52.79
C GLU B 218 33.12 -20.96 51.56
N MET B 219 33.95 -20.61 50.59
CA MET B 219 34.08 -21.41 49.38
C MET B 219 35.20 -22.44 49.47
N LEU B 220 36.31 -22.10 50.13
CA LEU B 220 37.45 -23.00 50.17
C LEU B 220 37.11 -24.29 50.90
N MET B 221 36.74 -24.19 52.18
CA MET B 221 36.45 -25.38 52.95
C MET B 221 35.29 -26.18 52.35
N PHE B 222 34.12 -25.54 52.21
CA PHE B 222 32.94 -26.26 51.75
C PHE B 222 32.98 -26.57 50.26
N GLY B 223 34.00 -26.11 49.54
CA GLY B 223 34.12 -26.44 48.14
C GLY B 223 34.93 -27.70 47.89
N ASP B 224 35.92 -27.96 48.77
CA ASP B 224 36.71 -29.17 48.69
C ASP B 224 36.31 -30.23 49.70
N ASP B 225 35.56 -29.85 50.74
CA ASP B 225 35.19 -30.81 51.78
C ASP B 225 34.36 -31.96 51.21
N ALA B 226 33.44 -31.63 50.30
CA ALA B 226 32.56 -32.66 49.75
C ALA B 226 33.34 -33.65 48.88
N HIS B 227 34.31 -33.16 48.11
CA HIS B 227 35.10 -34.03 47.24
C HIS B 227 35.95 -35.00 48.04
N UNK C 42 -54.72 88.16 -42.67
CA UNK C 42 -53.90 87.09 -43.23
C UNK C 42 -52.52 87.06 -42.60
N UNK C 43 -51.50 87.03 -43.44
CA UNK C 43 -50.11 86.97 -42.98
C UNK C 43 -49.60 88.29 -42.47
N UNK C 44 -50.47 89.25 -42.15
CA UNK C 44 -50.02 90.57 -41.73
C UNK C 44 -49.91 90.71 -40.21
N UNK C 45 -50.88 90.18 -39.46
CA UNK C 45 -50.95 90.39 -38.03
C UNK C 45 -50.03 89.46 -37.24
N UNK C 46 -49.07 88.80 -37.90
CA UNK C 46 -48.21 87.85 -37.21
C UNK C 46 -47.44 88.54 -36.09
N UNK C 47 -46.84 89.69 -36.38
CA UNK C 47 -46.11 90.43 -35.36
C UNK C 47 -47.03 90.85 -34.21
N UNK C 48 -48.30 91.13 -34.51
CA UNK C 48 -49.25 91.41 -33.46
C UNK C 48 -49.50 90.18 -32.61
N UNK C 49 -49.65 89.01 -33.26
CA UNK C 49 -49.87 87.77 -32.52
C UNK C 49 -48.71 87.51 -31.57
N UNK C 50 -47.48 87.52 -32.09
CA UNK C 50 -46.33 87.31 -31.22
C UNK C 50 -46.25 88.38 -30.14
N UNK C 51 -46.62 89.61 -30.48
CA UNK C 51 -46.56 90.69 -29.50
C UNK C 51 -47.55 90.49 -28.36
N UNK C 52 -48.67 89.82 -28.64
CA UNK C 52 -49.67 89.59 -27.60
C UNK C 52 -49.07 88.81 -26.43
N UNK C 53 -48.14 87.90 -26.71
CA UNK C 53 -47.45 87.16 -25.65
C UNK C 53 -46.17 87.83 -25.22
N UNK C 54 -45.50 88.55 -26.12
CA UNK C 54 -44.24 89.18 -25.79
C UNK C 54 -44.38 90.11 -24.59
N UNK C 55 -45.54 90.75 -24.46
CA UNK C 55 -45.82 91.59 -23.31
C UNK C 55 -46.54 90.85 -22.19
N UNK C 56 -47.17 89.72 -22.49
CA UNK C 56 -47.89 88.97 -21.47
C UNK C 56 -46.93 88.15 -20.62
N GLU C 61 -48.91 81.63 -16.57
CA GLU C 61 -50.34 81.53 -16.81
C GLU C 61 -50.63 81.62 -18.30
N LYS C 62 -49.61 82.04 -19.06
CA LYS C 62 -49.75 82.20 -20.50
C LYS C 62 -50.23 80.93 -21.15
N GLU C 63 -50.00 79.78 -20.51
CA GLU C 63 -50.29 78.49 -21.11
C GLU C 63 -51.73 78.37 -21.57
N ASP C 64 -52.64 79.11 -20.94
CA ASP C 64 -54.02 79.11 -21.42
C ASP C 64 -54.08 79.67 -22.83
N TRP C 65 -53.56 80.88 -23.01
CA TRP C 65 -53.49 81.48 -24.33
C TRP C 65 -52.82 80.53 -25.32
N LEU C 66 -51.70 79.95 -24.93
CA LEU C 66 -50.96 79.06 -25.82
C LEU C 66 -51.81 77.88 -26.25
N ARG C 67 -52.38 77.17 -25.28
CA ARG C 67 -53.26 76.05 -25.57
C ARG C 67 -54.34 76.43 -26.56
N THR C 68 -55.08 77.50 -26.25
CA THR C 68 -56.10 77.98 -27.18
C THR C 68 -55.53 78.15 -28.57
N LEU C 69 -54.34 78.73 -28.66
CA LEU C 69 -53.75 78.98 -29.97
C LEU C 69 -53.50 77.67 -30.71
N PHE C 70 -52.83 76.71 -30.06
CA PHE C 70 -52.45 75.49 -30.75
C PHE C 70 -53.66 74.68 -31.18
N ILE C 71 -54.66 74.53 -30.31
CA ILE C 71 -55.87 73.86 -30.77
C ILE C 71 -56.46 74.62 -31.95
N GLU C 72 -56.49 75.95 -31.87
CA GLU C 72 -56.99 76.74 -32.97
C GLU C 72 -56.12 76.65 -34.21
N LEU C 73 -54.95 76.00 -34.13
CA LEU C 73 -54.17 75.76 -35.34
C LEU C 73 -54.44 74.37 -35.89
N PHE C 74 -54.19 73.33 -35.09
CA PHE C 74 -54.33 71.98 -35.58
C PHE C 74 -55.75 71.68 -36.02
N ASP C 75 -56.74 72.32 -35.40
CA ASP C 75 -58.11 72.14 -35.87
C ASP C 75 -58.26 72.62 -37.31
N PHE C 76 -57.52 73.67 -37.67
CA PHE C 76 -57.63 74.22 -39.02
C PHE C 76 -56.78 73.45 -40.02
N ILE C 77 -55.58 73.04 -39.62
CA ILE C 77 -54.66 72.40 -40.54
C ILE C 77 -55.24 71.12 -41.12
N ASN C 78 -56.14 70.47 -40.40
CA ASN C 78 -56.77 69.27 -40.93
C ASN C 78 -58.04 69.65 -41.71
N UNK C 88 -48.65 75.16 -45.79
CA UNK C 88 -48.54 74.69 -44.41
C UNK C 88 -47.37 75.34 -43.70
N UNK C 89 -46.42 75.86 -44.48
CA UNK C 89 -45.20 76.40 -43.92
C UNK C 89 -45.43 77.66 -43.11
N UNK C 90 -46.63 78.23 -43.14
CA UNK C 90 -46.90 79.41 -42.32
C UNK C 90 -46.68 79.10 -40.83
N UNK C 91 -47.28 78.00 -40.36
CA UNK C 91 -47.10 77.61 -38.97
C UNK C 91 -45.63 77.33 -38.68
N UNK C 92 -44.93 76.71 -39.63
CA UNK C 92 -43.49 76.49 -39.47
C UNK C 92 -42.77 77.81 -39.27
N UNK C 93 -43.18 78.85 -39.99
CA UNK C 93 -42.56 80.16 -39.82
C UNK C 93 -42.87 80.73 -38.44
N UNK C 94 -44.13 80.68 -38.02
CA UNK C 94 -44.51 81.31 -36.76
C UNK C 94 -43.83 80.64 -35.58
N UNK C 95 -43.81 79.30 -35.57
CA UNK C 95 -43.35 78.58 -34.40
C UNK C 95 -41.89 78.88 -34.08
N UNK C 96 -41.04 78.94 -35.11
CA UNK C 96 -39.63 79.18 -34.87
C UNK C 96 -39.42 80.51 -34.14
N UNK C 97 -40.15 81.54 -34.55
CA UNK C 97 -40.11 82.80 -33.81
C UNK C 97 -40.69 82.62 -32.42
N UNK C 98 -41.72 81.80 -32.29
CA UNK C 98 -42.38 81.63 -30.99
C UNK C 98 -41.40 81.08 -29.96
N UNK C 99 -40.78 79.93 -30.26
CA UNK C 99 -39.77 79.40 -29.36
C UNK C 99 -38.58 80.34 -29.24
N UNK C 100 -38.20 80.98 -30.35
CA UNK C 100 -37.09 81.92 -30.31
C UNK C 100 -37.36 83.08 -29.37
N UNK C 101 -38.63 83.38 -29.10
CA UNK C 101 -38.97 84.48 -28.20
C UNK C 101 -38.56 84.21 -26.76
N UNK C 102 -38.07 83.02 -26.45
CA UNK C 102 -37.62 82.73 -25.09
C UNK C 102 -36.11 82.64 -25.03
N UNK C 110 -40.90 76.35 -22.80
CA UNK C 110 -42.19 76.16 -22.14
C UNK C 110 -43.31 76.11 -23.16
N UNK C 111 -43.05 76.64 -24.35
CA UNK C 111 -44.05 76.54 -25.42
C UNK C 111 -44.09 75.14 -26.01
N UNK C 112 -42.92 74.51 -26.17
CA UNK C 112 -42.86 73.22 -26.82
C UNK C 112 -43.62 72.16 -26.03
N UNK C 113 -43.54 72.22 -24.70
CA UNK C 113 -44.28 71.29 -23.87
C UNK C 113 -45.76 71.31 -24.25
N UNK C 114 -46.38 72.49 -24.25
CA UNK C 114 -47.76 72.59 -24.67
C UNK C 114 -47.94 72.16 -26.11
N UNK C 115 -46.92 72.36 -26.95
CA UNK C 115 -47.01 71.93 -28.34
C UNK C 115 -47.20 70.42 -28.44
N UNK C 116 -46.39 69.67 -27.71
CA UNK C 116 -46.50 68.21 -27.75
C UNK C 116 -47.77 67.74 -27.05
N UNK C 117 -48.05 68.29 -25.87
CA UNK C 117 -49.24 67.89 -25.13
C UNK C 117 -50.49 68.07 -25.97
N UNK C 118 -50.64 69.23 -26.61
CA UNK C 118 -51.77 69.43 -27.51
C UNK C 118 -51.61 68.59 -28.78
N UNK C 119 -50.38 68.21 -29.09
CA UNK C 119 -50.15 67.41 -30.28
C UNK C 119 -50.60 65.97 -30.12
N UNK C 120 -50.74 65.49 -28.87
CA UNK C 120 -51.08 64.09 -28.67
C UNK C 120 -52.56 63.86 -28.40
N UNK C 121 -53.23 64.77 -27.69
CA UNK C 121 -54.60 64.54 -27.22
C UNK C 121 -55.61 65.21 -28.16
N UNK C 122 -55.75 64.64 -29.35
CA UNK C 122 -56.71 65.13 -30.33
C UNK C 122 -57.25 63.96 -31.12
N UNK C 123 -58.51 64.09 -31.56
CA UNK C 123 -59.14 63.06 -32.37
C UNK C 123 -58.64 63.09 -33.81
N THR C 129 -49.05 62.59 -40.57
CA THR C 129 -49.20 63.96 -41.05
C THR C 129 -48.48 64.96 -40.14
N THR C 130 -48.37 64.63 -38.86
CA THR C 130 -47.72 65.53 -37.91
C THR C 130 -46.21 65.46 -38.03
N ILE C 131 -45.67 64.30 -38.39
CA ILE C 131 -44.23 64.16 -38.56
C ILE C 131 -43.71 65.18 -39.56
N SER C 132 -44.41 65.30 -40.69
CA SER C 132 -44.04 66.26 -41.72
C SER C 132 -43.84 67.64 -41.12
N LEU C 133 -44.83 68.12 -40.37
CA LEU C 133 -44.68 69.40 -39.68
C LEU C 133 -43.48 69.39 -38.76
N CYS C 134 -43.32 68.34 -37.97
CA CYS C 134 -42.24 68.30 -37.00
C CYS C 134 -40.88 68.12 -37.64
N LYS C 135 -40.82 67.57 -38.85
CA LYS C 135 -39.54 67.42 -39.55
C LYS C 135 -38.94 68.76 -39.91
N LEU C 136 -39.67 69.86 -39.67
CA LEU C 136 -39.28 71.18 -40.14
C LEU C 136 -38.59 72.01 -39.08
N ILE C 137 -39.24 72.24 -37.94
CA ILE C 137 -38.74 73.18 -36.94
C ILE C 137 -37.36 72.75 -36.46
N PRO C 138 -36.36 73.61 -36.53
CA PRO C 138 -34.99 73.17 -36.28
C PRO C 138 -34.55 73.25 -34.83
N SER C 139 -35.24 74.06 -34.02
CA SER C 139 -34.81 74.27 -32.65
C SER C 139 -35.52 73.36 -31.67
N LEU C 140 -36.82 73.15 -31.88
CA LEU C 140 -37.66 72.41 -30.94
C LEU C 140 -37.26 70.95 -30.78
N HIS C 141 -36.37 70.44 -31.62
CA HIS C 141 -36.14 68.99 -31.69
C HIS C 141 -35.86 68.39 -30.32
N GLU C 142 -34.97 69.01 -29.55
CA GLU C 142 -34.55 68.40 -28.29
C GLU C 142 -35.74 68.15 -27.38
N GLU C 143 -36.74 69.04 -27.41
CA GLU C 143 -37.93 68.83 -26.60
C GLU C 143 -38.63 67.53 -26.97
N LEU C 144 -38.80 67.29 -28.27
CA LEU C 144 -39.35 66.02 -28.71
C LEU C 144 -38.51 64.86 -28.19
N PHE C 145 -37.20 65.04 -28.14
CA PHE C 145 -36.31 64.00 -27.65
C PHE C 145 -36.48 63.71 -26.17
N LYS C 146 -37.22 64.53 -25.45
CA LYS C 146 -37.42 64.30 -24.04
C LYS C 146 -38.74 63.59 -23.76
N PHE C 147 -39.83 64.04 -24.37
CA PHE C 147 -41.16 63.75 -23.87
C PHE C 147 -42.09 63.12 -24.89
N SER C 148 -41.64 62.81 -26.10
CA SER C 148 -42.57 62.40 -27.13
C SER C 148 -42.09 61.18 -27.89
N TRP C 149 -43.05 60.44 -28.43
CA TRP C 149 -42.74 59.27 -29.24
C TRP C 149 -42.38 59.65 -30.66
N ILE C 150 -42.65 60.88 -31.08
CA ILE C 150 -42.27 61.34 -32.40
C ILE C 150 -40.78 61.12 -32.62
N SER C 151 -39.99 61.18 -31.55
CA SER C 151 -38.55 61.00 -31.67
C SER C 151 -38.21 59.67 -32.33
N SER C 152 -39.08 58.66 -32.17
CA SER C 152 -38.83 57.37 -32.80
C SER C 152 -38.58 57.52 -34.28
N LYS C 153 -39.25 58.46 -34.93
CA LYS C 153 -39.12 58.65 -36.37
C LYS C 153 -38.03 59.63 -36.74
N LEU C 154 -37.37 60.26 -35.78
CA LEU C 154 -36.30 61.18 -36.10
C LEU C 154 -34.92 60.57 -35.96
N LEU C 155 -34.82 59.31 -35.60
CA LEU C 155 -33.54 58.64 -35.48
C LEU C 155 -33.19 57.91 -36.77
N ASN C 156 -31.92 57.99 -37.16
CA ASN C 156 -31.42 57.20 -38.27
C ASN C 156 -31.14 55.78 -37.76
N LYS C 157 -30.48 54.97 -38.58
CA LYS C 157 -30.21 53.59 -38.17
C LYS C 157 -28.93 53.47 -37.36
N GLU C 158 -28.02 54.43 -37.49
CA GLU C 158 -26.82 54.40 -36.67
C GLU C 158 -27.09 54.80 -35.23
N GLN C 159 -28.05 55.71 -35.01
CA GLN C 159 -28.37 56.11 -33.65
C GLN C 159 -29.06 54.98 -32.89
N THR C 160 -29.93 54.22 -33.56
CA THR C 160 -30.67 53.17 -32.86
C THR C 160 -29.72 52.20 -32.17
N THR C 161 -28.77 51.64 -32.92
CA THR C 161 -27.86 50.70 -32.31
C THR C 161 -27.01 51.32 -31.21
N LEU C 162 -27.08 52.64 -31.03
CA LEU C 162 -26.46 53.23 -29.85
C LEU C 162 -27.44 53.31 -28.70
N LEU C 163 -28.67 53.76 -28.98
CA LEU C 163 -29.69 53.80 -27.95
C LEU C 163 -29.89 52.43 -27.32
N ARG C 164 -30.14 51.43 -28.16
CA ARG C 164 -30.42 50.09 -27.67
C ARG C 164 -29.30 49.54 -26.81
N HIS C 165 -28.12 50.14 -26.85
CA HIS C 165 -27.06 49.74 -25.94
C HIS C 165 -26.98 50.62 -24.69
N LEU C 166 -27.05 51.93 -24.84
CA LEU C 166 -27.04 52.79 -23.66
C LEU C 166 -28.30 52.63 -22.83
N LEU C 167 -29.35 52.04 -23.40
CA LEU C 167 -30.56 51.82 -22.63
C LEU C 167 -30.36 50.71 -21.61
N LYS C 168 -29.85 49.57 -22.06
CA LYS C 168 -29.61 48.46 -21.16
C LYS C 168 -28.53 48.77 -20.14
N LYS C 169 -27.50 49.53 -20.55
CA LYS C 169 -26.34 49.71 -19.69
C LYS C 169 -26.63 50.60 -18.50
N SER C 170 -27.71 51.36 -18.52
CA SER C 170 -27.98 52.31 -17.44
C SER C 170 -29.38 52.21 -16.89
N LYS C 171 -30.15 51.19 -17.26
CA LYS C 171 -31.46 50.99 -16.69
C LYS C 171 -31.72 49.55 -16.24
N TYR C 172 -30.83 48.60 -16.57
CA TYR C 172 -31.04 47.22 -16.19
C TYR C 172 -29.74 46.57 -15.75
N GLU C 173 -28.74 47.35 -15.40
CA GLU C 173 -27.39 46.87 -15.16
C GLU C 173 -27.07 47.10 -13.69
N LEU C 174 -26.92 46.02 -12.94
CA LEU C 174 -26.44 46.16 -11.57
C LEU C 174 -24.99 46.64 -11.59
N LYS C 175 -24.55 47.18 -10.47
CA LYS C 175 -23.21 47.72 -10.34
C LYS C 175 -22.47 46.91 -9.29
N LYS C 176 -21.61 46.01 -9.75
CA LYS C 176 -21.05 44.97 -8.88
C LYS C 176 -19.54 45.00 -8.78
N TYR C 177 -18.82 45.14 -9.88
CA TYR C 177 -17.35 45.13 -9.89
C TYR C 177 -16.82 43.78 -9.41
N ASN C 178 -17.09 42.73 -10.18
CA ASN C 178 -16.64 41.40 -9.80
C ASN C 178 -15.34 40.99 -10.48
N LEU C 179 -14.31 41.84 -10.43
CA LEU C 179 -12.93 41.44 -10.69
C LEU C 179 -12.03 42.20 -9.74
N LEU C 180 -10.83 41.67 -9.53
CA LEU C 180 -9.93 42.31 -8.57
C LEU C 180 -9.48 43.67 -9.08
N VAL C 181 -9.16 43.78 -10.37
CA VAL C 181 -8.59 45.02 -10.87
C VAL C 181 -9.58 46.16 -10.77
N GLU C 182 -10.81 45.92 -11.20
CA GLU C 182 -11.86 46.92 -11.03
C GLU C 182 -12.24 47.04 -9.56
N ASN C 183 -12.15 48.26 -9.03
CA ASN C 183 -12.31 48.52 -7.61
C ASN C 183 -11.29 47.71 -6.80
N SER C 184 -10.02 48.02 -7.05
CA SER C 184 -8.92 47.30 -6.44
C SER C 184 -8.50 47.88 -5.11
N VAL C 185 -9.43 48.48 -4.38
CA VAL C 185 -9.20 48.89 -3.01
C VAL C 185 -10.10 48.14 -2.04
N GLY C 186 -11.35 47.92 -2.41
CA GLY C 186 -12.24 47.14 -1.57
C GLY C 186 -11.69 45.76 -1.29
N TYR C 187 -11.45 44.99 -2.34
CA TYR C 187 -10.88 43.66 -2.18
C TYR C 187 -9.58 43.74 -1.39
N GLY C 188 -8.77 44.76 -1.67
CA GLY C 188 -7.54 44.95 -0.94
C GLY C 188 -7.73 45.10 0.55
N GLN C 189 -8.90 45.57 0.98
CA GLN C 189 -9.21 45.59 2.41
C GLN C 189 -9.78 44.28 2.89
N LEU C 190 -10.60 43.62 2.07
CA LEU C 190 -11.20 42.37 2.50
C LEU C 190 -10.13 41.33 2.82
N VAL C 191 -9.19 41.15 1.90
CA VAL C 191 -8.15 40.14 2.13
C VAL C 191 -7.33 40.48 3.36
N ALA C 192 -6.83 41.72 3.43
CA ALA C 192 -6.06 42.12 4.59
C ALA C 192 -6.88 42.14 5.86
N LEU C 193 -8.20 41.92 5.76
CA LEU C 193 -8.97 41.66 6.97
C LEU C 193 -8.93 40.19 7.34
N LEU C 194 -9.13 39.31 6.37
CA LEU C 194 -9.09 37.88 6.68
C LEU C 194 -7.75 37.50 7.29
N ILE C 195 -6.64 37.96 6.69
CA ILE C 195 -5.34 37.60 7.23
C ILE C 195 -5.20 38.06 8.67
N LEU C 196 -5.81 39.19 9.01
CA LEU C 196 -5.88 39.54 10.42
C LEU C 196 -6.69 38.53 11.21
N ALA C 197 -7.78 38.04 10.62
CA ALA C 197 -8.66 37.14 11.35
C ALA C 197 -7.94 35.87 11.76
N TYR C 198 -7.09 35.33 10.88
CA TYR C 198 -6.47 34.07 11.23
C TYR C 198 -5.34 34.25 12.23
N TYR C 199 -4.53 35.28 12.07
CA TYR C 199 -3.44 35.53 13.01
C TYR C 199 -3.93 36.11 14.32
N ASP C 200 -5.21 36.01 14.62
CA ASP C 200 -5.75 36.58 15.84
C ASP C 200 -5.97 35.47 16.86
N PRO C 201 -5.29 35.48 18.00
CA PRO C 201 -5.69 34.60 19.10
C PRO C 201 -7.08 34.99 19.56
N ASP C 202 -7.65 34.17 20.44
CA ASP C 202 -8.96 34.37 21.03
C ASP C 202 -9.98 34.91 20.04
N ASN C 203 -9.83 34.55 18.76
CA ASN C 203 -10.74 35.04 17.75
C ASN C 203 -12.08 34.32 17.80
N PHE C 204 -12.08 33.09 18.30
CA PHE C 204 -13.29 32.27 18.28
C PHE C 204 -14.46 32.93 18.98
N SER C 205 -14.21 33.98 19.76
CA SER C 205 -15.30 34.73 20.35
C SER C 205 -15.78 35.86 19.46
N LYS C 206 -14.92 36.38 18.59
CA LYS C 206 -15.21 37.61 17.86
C LYS C 206 -15.61 37.28 16.42
N VAL C 207 -16.73 36.60 16.26
CA VAL C 207 -17.22 36.21 14.95
C VAL C 207 -18.28 37.18 14.43
N SER C 208 -19.24 37.54 15.26
CA SER C 208 -20.22 38.53 14.85
C SER C 208 -19.55 39.84 14.48
N ALA C 209 -18.48 40.20 15.18
CA ALA C 209 -17.73 41.39 14.83
C ALA C 209 -17.22 41.32 13.40
N TYR C 210 -16.55 40.23 13.05
CA TYR C 210 -15.99 40.12 11.71
C TYR C 210 -17.08 40.05 10.65
N LEU C 211 -18.19 39.38 10.94
CA LEU C 211 -19.26 39.36 9.95
C LEU C 211 -19.80 40.76 9.68
N LYS C 212 -20.12 41.50 10.73
CA LYS C 212 -20.65 42.84 10.50
C LYS C 212 -19.62 43.74 9.86
N GLU C 213 -18.33 43.51 10.14
CA GLU C 213 -17.30 44.29 9.49
C GLU C 213 -17.25 44.01 8.00
N ILE C 214 -17.25 42.73 7.62
CA ILE C 214 -17.23 42.38 6.21
C ILE C 214 -18.44 42.92 5.50
N TYR C 215 -19.62 42.84 6.12
CA TYR C 215 -20.78 43.43 5.48
C TYR C 215 -20.63 44.93 5.33
N HIS C 216 -19.92 45.58 6.26
CA HIS C 216 -19.66 47.00 6.11
C HIS C 216 -18.81 47.29 4.89
N ILE C 217 -17.61 46.70 4.82
CA ILE C 217 -16.72 46.95 3.69
C ILE C 217 -17.40 46.59 2.39
N MET C 218 -17.96 45.38 2.32
CA MET C 218 -18.64 44.93 1.12
C MET C 218 -19.82 45.82 0.77
N GLY C 219 -20.38 46.54 1.73
CA GLY C 219 -21.45 47.46 1.41
C GLY C 219 -20.93 48.76 0.84
N LYS C 220 -19.89 49.31 1.44
CA LYS C 220 -19.37 50.60 1.02
C LYS C 220 -18.87 50.56 -0.41
N TYR C 221 -17.78 49.84 -0.65
CA TYR C 221 -17.31 49.60 -2.00
C TYR C 221 -18.23 48.57 -2.61
N SER C 222 -18.93 48.92 -3.67
CA SER C 222 -20.07 48.09 -4.04
C SER C 222 -19.61 46.75 -4.59
N LEU C 223 -19.00 45.93 -3.75
CA LEU C 223 -18.46 44.64 -4.17
C LEU C 223 -19.58 43.66 -4.47
N ASP C 224 -19.23 42.58 -5.13
CA ASP C 224 -20.19 41.58 -5.55
C ASP C 224 -20.15 40.38 -4.62
N SER C 225 -21.24 39.61 -4.61
CA SER C 225 -21.36 38.48 -3.70
C SER C 225 -20.64 37.26 -4.25
N ILE C 226 -21.00 36.86 -5.46
CA ILE C 226 -20.47 35.62 -6.04
C ILE C 226 -18.95 35.63 -6.01
N ARG C 227 -18.34 36.77 -6.26
CA ARG C 227 -16.89 36.81 -6.24
C ARG C 227 -16.32 36.91 -4.84
N THR C 228 -16.97 37.63 -3.93
CA THR C 228 -16.41 37.71 -2.60
C THR C 228 -16.45 36.35 -1.91
N LEU C 229 -17.41 35.50 -2.28
CA LEU C 229 -17.46 34.18 -1.69
C LEU C 229 -16.19 33.40 -2.00
N ASP C 230 -15.86 33.26 -3.28
CA ASP C 230 -14.69 32.45 -3.58
C ASP C 230 -13.39 33.17 -3.25
N VAL C 231 -13.43 34.49 -3.03
CA VAL C 231 -12.25 35.10 -2.43
C VAL C 231 -12.08 34.58 -1.00
N ILE C 232 -13.18 34.48 -0.26
CA ILE C 232 -13.11 33.89 1.08
C ILE C 232 -12.54 32.48 1.00
N LEU C 233 -13.04 31.68 0.06
CA LEU C 233 -12.55 30.31 -0.05
C LEU C 233 -11.06 30.28 -0.39
N ASN C 234 -10.65 31.08 -1.38
CA ASN C 234 -9.26 31.01 -1.81
C ASN C 234 -8.31 31.45 -0.73
N VAL C 235 -8.69 32.42 0.10
CA VAL C 235 -7.77 32.78 1.16
C VAL C 235 -7.81 31.76 2.29
N SER C 236 -8.97 31.22 2.61
CA SER C 236 -9.05 30.26 3.71
C SER C 236 -8.26 29.00 3.39
N SER C 237 -8.38 28.50 2.16
CA SER C 237 -7.72 27.26 1.78
C SER C 237 -6.21 27.31 1.94
N GLN C 238 -5.67 28.45 2.31
CA GLN C 238 -4.24 28.52 2.57
C GLN C 238 -3.90 28.32 4.03
N PHE C 239 -4.84 28.58 4.93
CA PHE C 239 -4.61 28.45 6.37
C PHE C 239 -5.36 27.27 6.96
N ILE C 240 -5.87 26.36 6.14
CA ILE C 240 -6.81 25.36 6.60
C ILE C 240 -6.16 24.39 7.57
N THR C 241 -4.84 24.34 7.63
CA THR C 241 -4.18 23.36 8.50
C THR C 241 -4.53 23.61 9.97
N GLU C 242 -4.77 24.85 10.35
CA GLU C 242 -5.24 25.18 11.69
C GLU C 242 -6.45 26.10 11.68
N GLY C 243 -6.86 26.57 10.51
CA GLY C 243 -7.92 27.56 10.46
C GLY C 243 -9.31 27.00 10.65
N TYR C 244 -9.51 25.72 10.35
CA TYR C 244 -10.84 25.18 10.51
C TYR C 244 -11.23 25.23 11.97
N LYS C 245 -12.51 24.92 12.24
CA LYS C 245 -13.17 25.18 13.52
C LYS C 245 -13.45 26.66 13.67
N PHE C 246 -12.83 27.48 12.81
CA PHE C 246 -13.15 28.89 12.74
C PHE C 246 -13.78 29.24 11.40
N PHE C 247 -13.11 28.89 10.31
CA PHE C 247 -13.72 28.90 8.99
C PHE C 247 -15.14 28.37 9.05
N ILE C 248 -15.32 27.19 9.61
CA ILE C 248 -16.66 26.62 9.71
C ILE C 248 -17.52 27.46 10.62
N ALA C 249 -16.99 27.84 11.78
CA ALA C 249 -17.75 28.68 12.70
C ALA C 249 -18.18 29.97 12.02
N LEU C 250 -17.34 30.47 11.12
CA LEU C 250 -17.71 31.65 10.34
C LEU C 250 -18.90 31.34 9.43
N LEU C 251 -18.74 30.36 8.55
CA LEU C 251 -19.79 30.11 7.58
C LEU C 251 -21.06 29.54 8.20
N ARG C 252 -21.07 29.22 9.49
CA ARG C 252 -22.32 28.83 10.12
C ARG C 252 -23.32 29.96 10.11
N LYS C 253 -22.87 31.19 10.38
CA LYS C 253 -23.77 32.31 10.61
C LYS C 253 -23.97 33.19 9.40
N SER C 254 -23.00 33.27 8.49
CA SER C 254 -23.14 34.14 7.34
C SER C 254 -24.35 33.75 6.52
N ASP C 255 -24.79 34.68 5.67
CA ASP C 255 -25.97 34.42 4.84
C ASP C 255 -25.74 33.27 3.88
N SER C 256 -24.47 33.02 3.52
CA SER C 256 -24.18 31.95 2.58
C SER C 256 -24.65 30.60 3.09
N TRP C 257 -24.78 30.43 4.39
CA TRP C 257 -25.17 29.15 4.92
C TRP C 257 -26.63 28.89 4.60
N PRO C 258 -26.97 27.79 3.94
CA PRO C 258 -28.38 27.54 3.64
C PRO C 258 -29.15 27.16 4.89
N SER C 259 -29.88 28.11 5.47
CA SER C 259 -30.62 27.84 6.70
C SER C 259 -31.61 26.71 6.50
N SER C 260 -32.57 26.91 5.60
CA SER C 260 -33.45 25.82 5.22
C SER C 260 -32.73 24.88 4.25
N HIS C 261 -33.37 23.75 3.99
CA HIS C 261 -32.91 22.75 3.03
C HIS C 261 -31.41 22.49 3.13
N VAL C 262 -30.99 22.08 4.32
CA VAL C 262 -29.61 21.68 4.53
C VAL C 262 -29.41 20.29 3.94
N ALA C 263 -28.31 20.10 3.23
CA ALA C 263 -27.98 18.79 2.70
C ALA C 263 -27.55 17.86 3.82
N ASN C 264 -27.70 16.56 3.59
CA ASN C 264 -27.09 15.55 4.44
C ASN C 264 -26.51 14.46 3.55
N ASN C 265 -25.28 14.08 3.83
CA ASN C 265 -24.64 13.00 3.10
C ASN C 265 -24.71 11.72 3.94
N SER C 266 -25.92 11.20 4.00
CA SER C 266 -26.22 9.93 4.62
C SER C 266 -27.48 9.39 3.95
N ASN C 267 -28.12 8.39 4.55
CA ASN C 267 -29.47 7.94 4.20
C ASN C 267 -29.72 8.00 2.70
N TYR C 268 -29.03 7.16 1.94
CA TYR C 268 -28.65 7.37 0.54
C TYR C 268 -29.69 8.17 -0.25
N SER C 269 -30.96 7.97 0.05
CA SER C 269 -32.04 8.61 -0.68
C SER C 269 -31.97 10.13 -0.65
N SER C 270 -31.00 10.72 0.04
CA SER C 270 -30.89 12.17 0.11
C SER C 270 -29.50 12.65 -0.26
N LEU C 271 -28.97 12.16 -1.38
CA LEU C 271 -27.73 12.70 -1.91
C LEU C 271 -27.91 13.58 -3.12
N ASN C 272 -29.13 13.75 -3.62
CA ASN C 272 -29.40 14.65 -4.74
C ASN C 272 -30.31 15.80 -4.32
N GLU C 273 -30.23 16.23 -3.07
CA GLU C 273 -30.99 17.39 -2.65
C GLU C 273 -30.26 18.07 -1.49
N GLY C 274 -30.07 19.38 -1.60
CA GLY C 274 -29.24 20.10 -0.65
C GLY C 274 -29.41 21.59 -0.69
N GLY C 275 -28.35 22.36 -0.48
CA GLY C 275 -28.46 23.80 -0.40
C GLY C 275 -27.29 24.52 -1.03
N ASN C 276 -27.54 25.78 -1.37
CA ASN C 276 -26.54 26.72 -1.90
C ASN C 276 -25.92 26.21 -3.20
N MET C 277 -26.76 26.19 -4.23
CA MET C 277 -26.30 25.76 -5.55
C MET C 277 -25.20 26.67 -6.09
N ILE C 278 -25.25 27.97 -5.79
CA ILE C 278 -24.27 28.90 -6.33
C ILE C 278 -22.87 28.46 -5.94
N ALA C 279 -22.65 28.26 -4.64
CA ALA C 279 -21.33 27.82 -4.18
C ALA C 279 -20.93 26.51 -4.83
N ALA C 280 -21.89 25.65 -5.13
CA ALA C 280 -21.59 24.43 -5.87
C ALA C 280 -21.03 24.76 -7.24
N ASN C 281 -21.61 25.75 -7.91
CA ASN C 281 -21.13 26.10 -9.23
C ASN C 281 -19.72 26.68 -9.16
N ILE C 282 -19.47 27.55 -8.17
CA ILE C 282 -18.13 28.10 -8.01
C ILE C 282 -17.12 27.00 -7.76
N ILE C 283 -17.40 26.12 -6.79
CA ILE C 283 -16.44 25.09 -6.43
C ILE C 283 -16.17 24.19 -7.62
N SER C 284 -17.22 23.75 -8.31
CA SER C 284 -17.02 22.90 -9.47
C SER C 284 -16.13 23.58 -10.50
N PHE C 285 -16.41 24.84 -10.79
CA PHE C 285 -15.58 25.60 -11.71
C PHE C 285 -14.13 25.61 -11.26
N ASN C 286 -13.89 25.75 -9.96
CA ASN C 286 -12.51 25.80 -9.48
C ASN C 286 -11.82 24.46 -9.64
N LEU C 287 -12.46 23.38 -9.20
CA LEU C 287 -11.80 22.09 -9.18
C LEU C 287 -11.56 21.56 -10.57
N SER C 288 -12.44 21.85 -11.51
CA SER C 288 -12.32 21.25 -12.84
C SER C 288 -11.36 22.01 -13.73
N GLN C 289 -10.35 22.69 -13.18
CA GLN C 289 -9.48 23.50 -14.00
C GLN C 289 -8.00 23.13 -13.89
N TYR C 290 -7.60 22.33 -12.92
CA TYR C 290 -6.24 21.78 -12.89
C TYR C 290 -5.18 22.86 -12.85
N ASN C 298 -0.82 22.47 -3.93
CA ASN C 298 -1.82 23.47 -3.57
C ASN C 298 -3.21 22.96 -3.88
N TYR C 299 -3.33 22.31 -5.03
CA TYR C 299 -4.61 21.75 -5.45
C TYR C 299 -5.18 20.84 -4.38
N GLU C 300 -4.33 20.00 -3.79
CA GLU C 300 -4.77 19.03 -2.80
C GLU C 300 -5.38 19.71 -1.59
N ARG C 301 -4.78 20.82 -1.15
CA ARG C 301 -5.27 21.47 0.06
C ARG C 301 -6.66 22.04 -0.18
N TYR C 302 -6.85 22.68 -1.33
CA TYR C 302 -8.18 23.13 -1.70
C TYR C 302 -9.16 21.97 -1.75
N MET C 303 -8.71 20.83 -2.28
CA MET C 303 -9.54 19.62 -2.23
C MET C 303 -9.97 19.29 -0.80
N ASP C 304 -9.05 19.38 0.14
CA ASP C 304 -9.38 19.06 1.53
C ASP C 304 -10.46 19.99 2.05
N MET C 305 -10.27 21.29 1.87
CA MET C 305 -11.28 22.24 2.32
C MET C 305 -12.65 21.89 1.74
N CYS C 306 -12.69 21.62 0.43
CA CYS C 306 -13.95 21.24 -0.18
C CYS C 306 -14.52 19.97 0.45
N CYS C 307 -13.66 19.03 0.85
CA CYS C 307 -14.17 17.82 1.48
C CYS C 307 -14.82 18.13 2.82
N ILE C 308 -14.21 19.03 3.60
CA ILE C 308 -14.84 19.41 4.87
C ILE C 308 -16.21 20.02 4.60
N LEU C 309 -16.31 20.87 3.58
CA LEU C 309 -17.62 21.46 3.29
C LEU C 309 -18.61 20.39 2.89
N LEU C 310 -18.18 19.38 2.14
CA LEU C 310 -19.08 18.28 1.82
C LEU C 310 -19.53 17.54 3.06
N LYS C 311 -18.62 17.34 4.00
CA LYS C 311 -18.94 16.54 5.18
C LYS C 311 -20.07 17.17 5.96
N ASN C 312 -20.00 18.48 6.17
CA ASN C 312 -21.14 19.22 6.67
C ASN C 312 -22.16 19.41 5.54
N GLY C 313 -23.36 19.80 5.92
CA GLY C 313 -24.42 19.89 4.93
C GLY C 313 -24.40 21.18 4.14
N PHE C 314 -23.47 21.32 3.19
CA PHE C 314 -23.29 22.59 2.53
C PHE C 314 -23.48 22.57 1.02
N VAL C 315 -23.14 21.47 0.33
CA VAL C 315 -23.19 21.51 -1.12
C VAL C 315 -23.78 20.30 -1.86
N ASN C 316 -24.46 19.38 -1.17
CA ASN C 316 -25.32 18.41 -1.86
C ASN C 316 -24.54 17.55 -2.87
N PHE C 317 -23.75 16.62 -2.33
CA PHE C 317 -22.69 15.93 -3.05
C PHE C 317 -22.87 15.68 -4.55
N TYR C 318 -24.02 15.18 -4.98
CA TYR C 318 -24.22 14.95 -6.41
C TYR C 318 -23.94 16.19 -7.24
N SER C 319 -24.31 17.35 -6.71
CA SER C 319 -24.13 18.58 -7.47
C SER C 319 -22.69 18.79 -7.88
N ILE C 320 -21.75 18.18 -7.15
CA ILE C 320 -20.35 18.28 -7.54
C ILE C 320 -19.91 17.10 -8.40
N TRP C 321 -20.49 15.92 -8.19
CA TRP C 321 -20.04 14.75 -8.94
C TRP C 321 -20.29 14.92 -10.43
N ASP C 322 -21.47 15.40 -10.81
CA ASP C 322 -21.80 15.49 -12.22
C ASP C 322 -20.92 16.48 -12.97
N ASN C 323 -20.26 17.40 -12.26
CA ASN C 323 -19.73 18.58 -12.92
C ASN C 323 -18.22 18.69 -12.90
N VAL C 324 -17.52 17.82 -12.18
CA VAL C 324 -16.06 17.89 -12.16
C VAL C 324 -15.58 17.37 -13.52
N LYS C 325 -14.34 17.68 -13.86
CA LYS C 325 -13.82 17.63 -15.23
C LYS C 325 -14.07 16.32 -15.97
N PRO C 326 -13.56 15.16 -15.50
CA PRO C 326 -13.63 13.98 -16.37
C PRO C 326 -15.06 13.54 -16.59
N GLU C 327 -15.57 13.79 -17.79
CA GLU C 327 -16.95 13.40 -18.08
C GLU C 327 -17.07 11.90 -18.01
N MET C 328 -18.09 11.42 -17.29
CA MET C 328 -18.12 10.02 -16.91
C MET C 328 -18.01 9.11 -18.12
N GLU C 329 -18.49 9.56 -19.27
CA GLU C 329 -18.32 8.78 -20.48
C GLU C 329 -16.84 8.51 -20.75
N PHE C 330 -16.01 9.54 -20.61
CA PHE C 330 -14.60 9.41 -20.94
C PHE C 330 -13.91 8.39 -20.05
N LEU C 331 -14.28 8.35 -18.77
CA LEU C 331 -13.78 7.28 -17.91
C LEU C 331 -14.32 5.93 -18.37
N GLN C 332 -15.63 5.83 -18.54
CA GLN C 332 -16.24 4.59 -18.98
C GLN C 332 -15.64 4.05 -20.26
N GLU C 333 -14.90 4.88 -21.00
CA GLU C 333 -14.03 4.37 -22.05
C GLU C 333 -12.67 3.98 -21.52
N TYR C 334 -12.06 4.87 -20.74
CA TYR C 334 -10.68 4.66 -20.31
C TYR C 334 -10.50 3.34 -19.58
N ILE C 335 -11.48 2.97 -18.76
CA ILE C 335 -11.43 1.66 -18.12
C ILE C 335 -11.48 0.56 -19.17
N GLN C 336 -12.36 0.69 -20.16
CA GLN C 336 -12.45 -0.35 -21.19
C GLN C 336 -11.13 -0.53 -21.91
N ASN C 337 -10.39 0.56 -22.10
CA ASN C 337 -9.00 0.46 -22.57
C ASN C 337 -8.14 -0.33 -21.58
N LEU C 338 -8.16 0.10 -20.32
CA LEU C 338 -7.22 -0.42 -19.35
C LEU C 338 -7.40 -1.92 -19.13
N GLU C 339 -8.63 -2.42 -19.27
CA GLU C 339 -8.86 -3.85 -19.13
C GLU C 339 -8.01 -4.65 -20.11
N THR C 340 -8.20 -4.40 -21.41
CA THR C 340 -7.51 -5.20 -22.41
C THR C 340 -6.01 -4.97 -22.35
N GLU C 341 -5.58 -3.71 -22.20
CA GLU C 341 -4.16 -3.46 -22.09
C GLU C 341 -3.56 -4.17 -20.88
N LEU C 342 -4.35 -4.36 -19.83
CA LEU C 342 -3.91 -5.14 -18.68
C LEU C 342 -3.97 -6.63 -18.96
N GLU C 343 -4.90 -7.06 -19.81
CA GLU C 343 -5.09 -8.46 -20.09
C GLU C 343 -3.98 -9.03 -20.95
N GLU C 344 -3.41 -8.20 -21.83
CA GLU C 344 -2.40 -8.71 -22.76
C GLU C 344 -1.27 -9.41 -22.03
N GLU C 345 -0.51 -8.68 -21.23
CA GLU C 345 0.65 -9.30 -20.58
C GLU C 345 0.36 -9.57 -19.11
N ASP C 403 -2.61 11.59 -15.64
CA ASP C 403 -3.33 12.85 -15.60
C ASP C 403 -4.75 12.66 -15.12
N ILE C 404 -5.45 11.71 -15.73
CA ILE C 404 -6.85 11.48 -15.39
C ILE C 404 -6.98 11.10 -13.93
N LEU C 405 -6.12 10.21 -13.46
CA LEU C 405 -6.12 9.78 -12.07
C LEU C 405 -5.26 10.66 -11.19
N LEU C 406 -4.98 11.88 -11.59
CA LEU C 406 -4.06 12.73 -10.86
C LEU C 406 -4.68 14.01 -10.35
N PHE C 407 -5.53 14.67 -11.14
CA PHE C 407 -6.15 15.92 -10.75
C PHE C 407 -7.67 15.88 -10.77
N GLY C 408 -8.28 14.92 -11.43
CA GLY C 408 -9.68 15.07 -11.79
C GLY C 408 -10.68 14.61 -10.77
N LYS C 409 -11.47 13.62 -11.16
CA LYS C 409 -12.62 13.15 -10.40
C LYS C 409 -12.28 12.04 -9.44
N ILE C 410 -11.17 11.34 -9.65
CA ILE C 410 -10.80 10.23 -8.77
C ILE C 410 -10.21 10.76 -7.47
N LYS C 411 -9.30 11.73 -7.57
CA LYS C 411 -8.69 12.28 -6.38
C LYS C 411 -9.75 12.76 -5.40
N LEU C 412 -10.89 13.18 -5.90
CA LEU C 412 -12.01 13.49 -5.03
C LEU C 412 -12.39 12.28 -4.19
N LEU C 413 -12.56 11.12 -4.83
CA LEU C 413 -12.90 9.92 -4.08
C LEU C 413 -11.86 9.62 -3.02
N GLU C 414 -10.58 9.68 -3.41
CA GLU C 414 -9.53 9.43 -2.42
C GLU C 414 -9.69 10.32 -1.21
N ARG C 415 -9.71 11.63 -1.43
CA ARG C 415 -9.72 12.53 -0.29
C ARG C 415 -11.04 12.47 0.47
N LEU C 416 -12.10 11.95 -0.14
CA LEU C 416 -13.31 11.73 0.65
C LEU C 416 -13.18 10.52 1.55
N LEU C 417 -12.48 9.48 1.11
CA LEU C 417 -12.28 8.36 2.01
C LEU C 417 -11.27 8.66 3.11
N ILE C 418 -10.31 9.53 2.85
CA ILE C 418 -9.39 9.91 3.93
C ILE C 418 -10.15 10.59 5.06
N HIS C 419 -11.12 11.42 4.72
CA HIS C 419 -12.00 11.97 5.75
C HIS C 419 -13.08 10.94 6.09
N GLY C 420 -14.03 11.34 6.93
CA GLY C 420 -14.96 10.37 7.46
C GLY C 420 -15.94 9.82 6.45
N CYS C 421 -16.41 10.67 5.54
CA CYS C 421 -17.54 10.33 4.70
C CYS C 421 -17.24 9.12 3.82
N VAL C 422 -18.12 8.12 3.87
CA VAL C 422 -17.95 6.91 3.09
C VAL C 422 -19.21 6.59 2.31
N ILE C 423 -20.35 7.06 2.80
CA ILE C 423 -21.63 6.73 2.16
C ILE C 423 -21.66 7.10 0.68
N PRO C 424 -21.31 8.31 0.27
CA PRO C 424 -21.29 8.58 -1.17
C PRO C 424 -20.32 7.69 -1.92
N VAL C 425 -19.12 7.46 -1.39
CA VAL C 425 -18.15 6.65 -2.10
C VAL C 425 -18.66 5.23 -2.28
N ILE C 426 -19.27 4.67 -1.23
CA ILE C 426 -19.87 3.35 -1.37
C ILE C 426 -20.95 3.36 -2.45
N HIS C 427 -21.82 4.37 -2.41
CA HIS C 427 -22.91 4.42 -3.37
C HIS C 427 -22.38 4.49 -4.80
N VAL C 428 -21.24 5.15 -5.01
CA VAL C 428 -20.69 5.26 -6.35
C VAL C 428 -20.02 3.96 -6.77
N LEU C 429 -19.15 3.42 -5.90
CA LEU C 429 -18.46 2.19 -6.25
C LEU C 429 -19.41 1.03 -6.47
N LYS C 430 -20.60 1.06 -5.87
CA LYS C 430 -21.56 0.00 -6.15
C LYS C 430 -22.03 0.03 -7.59
N GLN C 431 -22.15 1.21 -8.18
CA GLN C 431 -22.64 1.29 -9.55
C GLN C 431 -21.55 1.02 -10.57
N TYR C 432 -20.32 1.42 -10.29
CA TYR C 432 -19.20 1.29 -11.23
C TYR C 432 -18.14 0.43 -10.57
N PRO C 433 -18.33 -0.89 -10.55
CA PRO C 433 -17.39 -1.75 -9.83
C PRO C 433 -16.00 -1.74 -10.42
N LYS C 434 -15.84 -1.37 -11.68
CA LYS C 434 -14.56 -1.47 -12.33
C LYS C 434 -13.61 -0.36 -11.96
N VAL C 435 -14.07 0.65 -11.21
CA VAL C 435 -13.25 1.83 -10.95
C VAL C 435 -11.94 1.43 -10.27
N LEU C 436 -12.00 0.45 -9.37
CA LEU C 436 -10.80 0.05 -8.64
C LEU C 436 -9.67 -0.38 -9.56
N TYR C 437 -9.97 -0.71 -10.81
CA TYR C 437 -8.89 -1.07 -11.72
C TYR C 437 -7.92 0.09 -11.88
N VAL C 438 -8.42 1.31 -11.77
CA VAL C 438 -7.64 2.48 -12.15
C VAL C 438 -6.60 2.78 -11.09
N SER C 439 -7.04 3.15 -9.90
CA SER C 439 -6.16 3.58 -8.84
C SER C 439 -6.07 2.53 -7.75
N GLU C 440 -4.92 2.43 -7.13
CA GLU C 440 -4.71 1.46 -6.07
C GLU C 440 -4.98 2.04 -4.69
N SER C 441 -4.77 3.33 -4.50
CA SER C 441 -4.85 3.92 -3.17
C SER C 441 -6.25 3.87 -2.59
N LEU C 442 -7.28 3.73 -3.42
CA LEU C 442 -8.63 3.59 -2.91
C LEU C 442 -8.72 2.39 -1.97
N SER C 443 -8.20 1.25 -2.41
CA SER C 443 -8.24 0.05 -1.58
C SER C 443 -7.50 0.27 -0.28
N ARG C 444 -6.29 0.82 -0.36
CA ARG C 444 -5.49 1.01 0.83
C ARG C 444 -6.18 1.93 1.83
N TYR C 445 -6.96 2.89 1.34
CA TYR C 445 -7.65 3.80 2.25
C TYR C 445 -8.89 3.16 2.86
N LEU C 446 -9.70 2.46 2.06
CA LEU C 446 -10.76 1.66 2.64
C LEU C 446 -10.23 0.77 3.74
N GLY C 447 -9.08 0.15 3.51
CA GLY C 447 -8.43 -0.57 4.59
C GLY C 447 -8.18 0.32 5.80
N ARG C 448 -7.65 1.51 5.56
CA ARG C 448 -7.40 2.43 6.67
C ARG C 448 -8.63 2.64 7.53
N VAL C 449 -9.82 2.60 6.93
CA VAL C 449 -11.03 2.74 7.73
C VAL C 449 -11.38 1.44 8.42
N PHE C 450 -11.37 0.34 7.66
CA PHE C 450 -11.91 -0.90 8.18
C PHE C 450 -11.08 -1.40 9.35
N GLU C 451 -9.77 -1.14 9.33
CA GLU C 451 -8.96 -1.46 10.50
C GLU C 451 -9.42 -0.70 11.73
N TYR C 452 -9.84 0.56 11.56
CA TYR C 452 -10.39 1.27 12.69
C TYR C 452 -11.69 0.65 13.16
N LEU C 453 -12.47 0.08 12.26
CA LEU C 453 -13.78 -0.40 12.67
C LEU C 453 -13.70 -1.60 13.60
N LEU C 454 -12.70 -2.47 13.45
CA LEU C 454 -12.69 -3.73 14.18
C LEU C 454 -11.57 -3.85 15.20
N ASN C 455 -10.87 -2.79 15.52
CA ASN C 455 -9.79 -2.92 16.47
C ASN C 455 -10.28 -3.29 17.87
N PRO C 456 -11.41 -2.76 18.35
CA PRO C 456 -11.89 -3.17 19.69
C PRO C 456 -12.09 -4.65 19.85
N LEU C 457 -12.68 -5.34 18.88
CA LEU C 457 -12.76 -6.80 18.96
C LEU C 457 -11.39 -7.40 19.16
N TYR C 458 -10.46 -7.10 18.25
CA TYR C 458 -9.16 -7.76 18.26
C TYR C 458 -8.46 -7.55 19.59
N THR C 459 -8.59 -6.38 20.20
CA THR C 459 -7.97 -6.24 21.51
C THR C 459 -8.77 -6.97 22.57
N SER C 460 -10.08 -7.07 22.41
CA SER C 460 -10.91 -7.68 23.44
C SER C 460 -11.09 -9.19 23.25
N MET C 461 -10.34 -9.80 22.35
CA MET C 461 -10.46 -11.24 22.13
C MET C 461 -9.09 -11.89 21.91
N THR C 462 -8.03 -11.28 22.43
CA THR C 462 -6.72 -11.91 22.41
C THR C 462 -6.02 -11.68 23.73
N ASP C 469 -0.08 -3.79 28.36
CA ASP C 469 0.82 -2.76 27.84
C ASP C 469 2.25 -3.26 27.81
N MET C 470 2.90 -3.14 26.65
CA MET C 470 4.23 -3.71 26.44
C MET C 470 5.21 -2.79 25.74
N ALA C 471 4.75 -1.82 24.96
CA ALA C 471 5.63 -0.98 24.16
C ALA C 471 6.01 0.28 24.94
N THR C 472 7.25 0.32 25.40
CA THR C 472 7.80 1.51 26.05
C THR C 472 9.16 1.81 25.46
N ALA C 473 9.55 3.07 25.52
CA ALA C 473 10.84 3.48 24.99
C ALA C 473 11.94 3.26 26.01
N LEU C 474 13.17 3.29 25.53
CA LEU C 474 14.33 3.01 26.37
C LEU C 474 14.93 4.33 26.84
N MET C 475 14.96 4.53 28.15
CA MET C 475 15.49 5.77 28.70
C MET C 475 16.96 5.93 28.32
N ILE C 476 17.48 7.13 28.52
CA ILE C 476 18.88 7.38 28.27
C ILE C 476 19.60 7.40 29.62
N THR C 477 20.89 7.13 29.59
CA THR C 477 21.68 7.02 30.80
C THR C 477 23.04 7.65 30.58
N ARG C 478 23.51 8.42 31.56
CA ARG C 478 24.78 9.11 31.43
C ARG C 478 25.52 9.10 32.76
N ILE C 479 26.82 9.33 32.68
CA ILE C 479 27.67 9.41 33.86
C ILE C 479 27.94 10.88 34.15
N ASP C 480 27.64 11.31 35.37
CA ASP C 480 27.82 12.69 35.79
C ASP C 480 28.58 12.68 37.11
N ASN C 481 29.87 13.02 37.05
CA ASN C 481 30.73 13.03 38.23
C ASN C 481 30.74 11.66 38.91
N GLY C 482 30.61 10.60 38.13
CA GLY C 482 30.55 9.27 38.70
C GLY C 482 29.19 8.90 39.23
N ILE C 483 28.13 9.50 38.71
CA ILE C 483 26.77 9.17 39.09
C ILE C 483 25.93 9.04 37.83
N LEU C 484 25.47 7.83 37.55
CA LEU C 484 24.69 7.58 36.35
C LEU C 484 23.26 8.05 36.56
N ALA C 485 22.84 9.03 35.77
CA ALA C 485 21.45 9.50 35.78
C ALA C 485 20.71 8.95 34.58
N HIS C 486 19.42 8.72 34.78
CA HIS C 486 18.50 8.26 33.74
C HIS C 486 17.60 9.41 33.35
N LYS C 487 17.57 9.74 32.06
CA LYS C 487 16.74 10.81 31.58
C LYS C 487 15.71 10.27 30.60
N PRO C 488 14.51 10.84 30.57
CA PRO C 488 13.48 10.38 29.65
C PRO C 488 13.74 10.80 28.22
N ARG C 489 12.83 10.48 27.31
CA ARG C 489 12.92 10.94 25.93
C ARG C 489 11.95 12.08 25.67
N LEU C 490 12.25 12.87 24.64
CA LEU C 490 11.52 14.09 24.32
C LEU C 490 11.00 14.01 22.89
N ILE C 491 9.74 14.34 22.70
CA ILE C 491 9.13 14.36 21.38
C ILE C 491 8.35 15.64 21.19
N HIS C 492 8.19 16.05 19.95
CA HIS C 492 7.50 17.29 19.62
C HIS C 492 6.53 17.02 18.48
N LYS C 493 5.28 17.44 18.64
CA LYS C 493 4.20 17.02 17.76
C LYS C 493 3.92 18.06 16.68
N TYR C 494 3.69 17.59 15.46
CA TYR C 494 3.32 18.42 14.32
C TYR C 494 2.01 17.94 13.71
N LYS C 495 1.50 18.71 12.76
CA LYS C 495 0.31 18.36 12.02
C LYS C 495 0.61 18.45 10.53
N THR C 496 0.14 17.46 9.77
CA THR C 496 0.40 17.41 8.34
C THR C 496 -0.87 16.98 7.63
N HIS C 497 -0.72 16.67 6.34
CA HIS C 497 -1.83 16.23 5.50
C HIS C 497 -1.72 14.78 5.07
N GLU C 498 -0.78 14.04 5.60
CA GLU C 498 -0.69 12.65 5.18
C GLU C 498 -1.48 11.76 6.13
N PRO C 499 -2.27 10.82 5.61
CA PRO C 499 -3.22 10.12 6.48
C PRO C 499 -2.61 9.07 7.37
N PHE C 500 -1.39 8.60 7.07
CA PHE C 500 -0.76 7.54 7.85
C PHE C 500 0.32 8.15 8.73
N GLU C 501 0.18 7.98 10.03
CA GLU C 501 1.10 8.56 11.00
C GLU C 501 2.51 8.02 10.80
N SER C 502 3.49 8.81 11.20
CA SER C 502 4.87 8.34 11.20
C SER C 502 5.68 9.17 12.19
N LEU C 503 6.68 8.53 12.79
CA LEU C 503 7.64 9.20 13.66
C LEU C 503 8.99 9.23 12.97
N GLU C 504 9.74 10.31 13.18
CA GLU C 504 11.05 10.47 12.59
C GLU C 504 12.03 10.79 13.72
N LEU C 505 13.19 11.32 13.35
CA LEU C 505 14.32 11.50 14.25
C LEU C 505 13.92 12.00 15.64
N ASN C 506 13.31 13.18 15.72
CA ASN C 506 12.94 13.70 17.03
C ASN C 506 11.61 14.45 16.96
N SER C 507 10.72 14.05 16.08
CA SER C 507 9.49 14.79 15.88
C SER C 507 8.39 13.87 15.37
N SER C 508 7.22 13.93 16.00
CA SER C 508 6.10 13.12 15.59
C SER C 508 5.21 13.89 14.63
N TYR C 509 4.57 13.17 13.72
CA TYR C 509 3.68 13.76 12.72
C TYR C 509 2.30 13.17 12.83
N VAL C 510 1.28 14.03 12.77
CA VAL C 510 -0.10 13.64 13.04
C VAL C 510 -1.00 14.21 11.97
N PHE C 511 -1.99 13.43 11.54
CA PHE C 511 -3.00 13.94 10.63
C PHE C 511 -3.76 15.09 11.29
N TYR C 512 -3.91 16.19 10.57
CA TYR C 512 -4.36 17.42 11.22
C TYR C 512 -5.83 17.34 11.61
N TYR C 513 -6.67 16.78 10.75
CA TYR C 513 -8.11 16.80 10.96
C TYR C 513 -8.50 15.60 11.79
N SER C 514 -8.51 15.78 13.10
CA SER C 514 -9.04 14.75 13.98
C SER C 514 -10.55 14.69 13.79
N GLU C 515 -11.21 13.93 14.65
CA GLU C 515 -12.66 13.69 14.61
C GLU C 515 -13.16 13.39 13.21
N TRP C 516 -12.29 12.92 12.32
CA TRP C 516 -12.79 12.35 11.08
C TRP C 516 -13.52 11.05 11.34
N ASN C 517 -13.15 10.36 12.40
CA ASN C 517 -13.75 9.10 12.78
C ASN C 517 -14.95 9.26 13.69
N SER C 518 -15.29 10.50 14.06
CA SER C 518 -16.44 10.71 14.92
C SER C 518 -17.76 10.39 14.25
N ASN C 519 -17.76 10.20 12.93
CA ASN C 519 -18.97 9.78 12.25
C ASN C 519 -19.33 8.34 12.58
N LEU C 520 -18.35 7.45 12.50
CA LEU C 520 -18.56 6.02 12.50
C LEU C 520 -18.18 5.40 13.84
N THR C 521 -18.83 4.28 14.16
CA THR C 521 -18.69 3.62 15.44
C THR C 521 -18.12 2.22 15.27
N PRO C 522 -17.07 1.87 16.00
CA PRO C 522 -16.53 0.51 15.89
C PRO C 522 -17.52 -0.50 16.43
N PHE C 523 -17.54 -1.66 15.81
CA PHE C 523 -18.45 -2.73 16.19
C PHE C 523 -17.76 -3.71 17.12
N ALA C 524 -18.48 -4.14 18.15
CA ALA C 524 -17.98 -5.09 19.13
C ALA C 524 -19.01 -6.21 19.29
N SER C 525 -18.92 -7.20 18.42
CA SER C 525 -19.65 -8.45 18.51
C SER C 525 -19.04 -9.38 17.47
N VAL C 526 -19.71 -10.49 17.18
CA VAL C 526 -19.35 -11.29 16.04
C VAL C 526 -20.36 -11.17 14.90
N ASN C 527 -21.65 -11.00 15.21
CA ASN C 527 -22.62 -10.80 14.14
C ASN C 527 -22.37 -9.50 13.40
N ASP C 528 -21.90 -8.46 14.09
CA ASP C 528 -21.55 -7.22 13.40
C ASP C 528 -20.50 -7.49 12.34
N LEU C 529 -19.48 -8.27 12.68
CA LEU C 529 -18.43 -8.57 11.73
C LEU C 529 -18.98 -9.27 10.49
N PHE C 530 -20.13 -9.92 10.60
CA PHE C 530 -20.73 -10.54 9.42
C PHE C 530 -21.63 -9.59 8.65
N GLU C 531 -22.49 -8.84 9.34
CA GLU C 531 -23.45 -8.00 8.63
C GLU C 531 -22.73 -6.92 7.82
N ASN C 532 -21.67 -6.35 8.37
CA ASN C 532 -20.97 -5.28 7.67
C ASN C 532 -20.04 -5.82 6.59
N SER C 533 -19.55 -7.04 6.75
CA SER C 533 -18.68 -7.61 5.73
C SER C 533 -19.44 -7.80 4.43
N HIS C 534 -20.73 -8.07 4.49
CA HIS C 534 -21.55 -8.09 3.30
C HIS C 534 -21.63 -6.73 2.62
N ILE C 535 -21.06 -5.69 3.22
CA ILE C 535 -21.13 -4.34 2.67
C ILE C 535 -19.78 -3.88 2.13
N TYR C 536 -18.75 -3.87 2.98
CA TYR C 536 -17.46 -3.35 2.54
C TYR C 536 -16.68 -4.41 1.79
N LEU C 537 -16.41 -5.54 2.44
CA LEU C 537 -15.58 -6.56 1.82
C LEU C 537 -16.21 -7.13 0.56
N SER C 538 -17.51 -6.97 0.39
CA SER C 538 -18.16 -7.35 -0.86
C SER C 538 -17.94 -6.34 -1.97
N ILE C 539 -17.02 -5.39 -1.77
CA ILE C 539 -16.67 -4.42 -2.78
C ILE C 539 -15.23 -4.57 -3.25
N ILE C 540 -14.32 -4.92 -2.34
CA ILE C 540 -12.90 -4.96 -2.66
C ILE C 540 -12.38 -6.38 -2.58
N GLY C 541 -13.24 -7.35 -2.92
CA GLY C 541 -13.00 -8.74 -2.64
C GLY C 541 -11.56 -9.20 -2.81
N PRO C 542 -11.10 -9.29 -4.06
CA PRO C 542 -9.72 -9.74 -4.27
C PRO C 542 -8.70 -8.74 -3.79
N TYR C 543 -8.90 -7.45 -4.05
CA TYR C 543 -7.89 -6.47 -3.72
C TYR C 543 -7.64 -6.39 -2.22
N LEU C 544 -8.49 -7.01 -1.41
CA LEU C 544 -8.20 -7.16 0.01
C LEU C 544 -6.79 -7.70 0.24
N GLY C 545 -6.26 -8.44 -0.71
CA GLY C 545 -4.93 -8.98 -0.57
C GLY C 545 -3.83 -7.94 -0.60
N ARG C 546 -4.19 -6.66 -0.55
CA ARG C 546 -3.20 -5.58 -0.53
C ARG C 546 -2.92 -5.06 0.87
N ILE C 547 -3.68 -5.49 1.86
CA ILE C 547 -3.48 -5.04 3.24
C ILE C 547 -3.30 -6.29 4.09
N PRO C 548 -2.11 -6.87 4.13
CA PRO C 548 -1.96 -8.14 4.85
C PRO C 548 -2.30 -8.05 6.32
N THR C 549 -1.92 -6.95 6.96
CA THR C 549 -2.13 -6.79 8.40
C THR C 549 -3.61 -6.75 8.73
N LEU C 550 -4.46 -6.92 7.72
CA LEU C 550 -5.88 -7.07 7.92
C LEU C 550 -6.33 -8.52 7.87
N LEU C 551 -5.78 -9.30 6.94
CA LEU C 551 -6.01 -10.74 6.96
C LEU C 551 -5.48 -11.35 8.24
N SER C 552 -4.26 -10.99 8.63
CA SER C 552 -3.73 -11.55 9.87
C SER C 552 -4.48 -11.06 11.10
N LYS C 553 -5.49 -10.23 10.95
CA LYS C 553 -6.35 -9.85 12.07
C LYS C 553 -7.75 -10.44 11.99
N ILE C 554 -8.25 -10.74 10.79
CA ILE C 554 -9.48 -11.51 10.74
C ILE C 554 -9.20 -12.95 11.15
N SER C 555 -8.07 -13.50 10.71
CA SER C 555 -7.71 -14.87 11.03
C SER C 555 -7.75 -15.11 12.53
N ARG C 556 -7.00 -14.33 13.30
CA ARG C 556 -6.91 -14.57 14.74
C ARG C 556 -8.27 -14.46 15.41
N ILE C 557 -9.12 -13.54 14.96
CA ILE C 557 -10.46 -13.46 15.53
C ILE C 557 -11.22 -14.75 15.28
N GLY C 558 -11.11 -15.29 14.06
CA GLY C 558 -11.77 -16.55 13.80
C GLY C 558 -11.27 -17.66 14.71
N VAL C 559 -9.95 -17.82 14.79
CA VAL C 559 -9.37 -18.89 15.58
C VAL C 559 -9.82 -18.78 17.04
N ALA C 560 -9.56 -17.64 17.66
CA ALA C 560 -9.95 -17.48 19.06
C ALA C 560 -11.44 -17.67 19.24
N ASP C 561 -12.24 -17.32 18.23
CA ASP C 561 -13.67 -17.54 18.32
C ASP C 561 -14.01 -19.01 18.37
N ILE C 562 -13.28 -19.84 17.61
CA ILE C 562 -13.60 -21.26 17.63
C ILE C 562 -13.05 -21.94 18.87
N GLN C 563 -11.80 -21.63 19.25
CA GLN C 563 -11.26 -22.21 20.47
C GLN C 563 -12.06 -21.81 21.69
N LYS C 564 -12.62 -20.60 21.68
CA LYS C 564 -13.47 -20.18 22.79
C LYS C 564 -14.61 -21.16 23.01
N ASN C 565 -15.52 -21.24 22.05
CA ASN C 565 -16.62 -22.17 22.13
C ASN C 565 -16.08 -23.58 21.93
N HIS C 566 -15.70 -24.26 23.00
CA HIS C 566 -15.08 -25.58 22.91
C HIS C 566 -15.84 -26.54 23.80
N GLY C 567 -16.66 -27.37 23.18
CA GLY C 567 -17.47 -28.35 23.84
C GLY C 567 -18.89 -27.85 23.97
N SER C 568 -19.73 -28.20 23.00
CA SER C 568 -21.12 -27.77 22.94
C SER C 568 -21.78 -28.37 21.73
N GLU C 569 -23.06 -28.08 21.55
CA GLU C 569 -23.70 -28.28 20.26
C GLU C 569 -23.20 -27.30 19.22
N SER C 570 -22.53 -26.23 19.66
CA SER C 570 -22.12 -25.17 18.74
C SER C 570 -21.10 -25.68 17.73
N LEU C 571 -20.05 -26.36 18.20
CA LEU C 571 -18.87 -26.63 17.36
C LEU C 571 -19.21 -27.19 16.00
N HIS C 572 -20.42 -27.72 15.83
CA HIS C 572 -20.90 -28.01 14.48
C HIS C 572 -21.17 -26.72 13.72
N VAL C 573 -22.07 -25.89 14.26
CA VAL C 573 -22.56 -24.75 13.51
C VAL C 573 -21.57 -23.60 13.52
N THR C 574 -20.84 -23.41 14.63
CA THR C 574 -19.92 -22.30 14.69
C THR C 574 -18.68 -22.52 13.83
N ILE C 575 -18.57 -23.66 13.17
CA ILE C 575 -17.58 -23.86 12.11
C ILE C 575 -18.25 -23.91 10.74
N ASP C 576 -19.38 -24.61 10.65
CA ASP C 576 -20.20 -24.58 9.45
C ASP C 576 -20.52 -23.15 9.03
N LYS C 577 -20.41 -22.20 9.95
CA LYS C 577 -20.62 -20.79 9.64
C LYS C 577 -19.38 -20.17 9.02
N TRP C 578 -18.20 -20.46 9.58
CA TRP C 578 -17.00 -19.86 9.06
C TRP C 578 -16.58 -20.44 7.71
N ILE C 579 -17.03 -21.64 7.36
CA ILE C 579 -16.64 -22.18 6.06
C ILE C 579 -17.04 -21.23 4.94
N ASP C 580 -18.24 -20.67 5.01
CA ASP C 580 -18.70 -19.78 3.96
C ASP C 580 -17.94 -18.46 4.01
N TYR C 581 -17.66 -17.97 5.22
CA TYR C 581 -16.95 -16.71 5.33
C TYR C 581 -15.54 -16.80 4.78
N VAL C 582 -14.94 -17.99 4.82
CA VAL C 582 -13.61 -18.13 4.25
C VAL C 582 -13.66 -18.45 2.76
N ARG C 583 -14.63 -19.26 2.32
CA ARG C 583 -14.67 -19.54 0.89
C ARG C 583 -15.19 -18.35 0.09
N LYS C 584 -15.80 -17.37 0.75
CA LYS C 584 -16.38 -16.24 0.05
C LYS C 584 -15.47 -15.01 0.05
N PHE C 585 -14.98 -14.61 1.21
CA PHE C 585 -14.27 -13.34 1.35
C PHE C 585 -12.76 -13.51 1.40
N ILE C 586 -12.27 -14.37 2.28
CA ILE C 586 -10.85 -14.38 2.57
C ILE C 586 -10.07 -15.17 1.54
N PHE C 587 -10.38 -16.46 1.40
CA PHE C 587 -9.46 -17.31 0.63
C PHE C 587 -9.24 -16.85 -0.80
N PRO C 588 -10.24 -16.39 -1.54
CA PRO C 588 -9.92 -15.80 -2.84
C PRO C 588 -8.96 -14.64 -2.76
N ALA C 589 -8.92 -13.93 -1.64
CA ALA C 589 -8.03 -12.79 -1.55
C ALA C 589 -6.58 -13.21 -1.45
N THR C 590 -6.31 -14.37 -0.87
CA THR C 590 -4.94 -14.74 -0.56
C THR C 590 -4.08 -14.92 -1.80
N SER C 591 -4.69 -15.09 -2.97
CA SER C 591 -3.90 -15.36 -4.17
C SER C 591 -3.08 -14.15 -4.60
N LEU C 592 -3.61 -12.94 -4.39
CA LEU C 592 -2.89 -11.75 -4.82
C LEU C 592 -1.65 -11.46 -4.00
N LEU C 593 -1.32 -12.29 -3.02
CA LEU C 593 -0.15 -12.02 -2.22
C LEU C 593 1.12 -12.24 -3.03
N GLN C 594 2.23 -11.73 -2.50
CA GLN C 594 3.50 -11.78 -3.22
C GLN C 594 4.63 -11.83 -2.21
N ASN C 595 5.40 -12.90 -2.24
CA ASN C 595 6.58 -13.06 -1.38
C ASN C 595 6.25 -12.76 0.08
N ASN C 596 5.10 -13.26 0.53
CA ASN C 596 4.58 -12.97 1.87
C ASN C 596 4.13 -14.27 2.51
N PRO C 597 5.06 -15.06 3.04
CA PRO C 597 4.66 -16.36 3.62
C PRO C 597 3.75 -16.23 4.82
N ILE C 598 4.10 -15.37 5.78
CA ILE C 598 3.37 -15.32 7.05
C ILE C 598 1.89 -15.12 6.81
N ALA C 599 1.56 -14.18 5.92
CA ALA C 599 0.16 -13.82 5.74
C ALA C 599 -0.68 -15.02 5.32
N THR C 600 -0.08 -16.01 4.67
CA THR C 600 -0.79 -17.25 4.39
C THR C 600 -0.70 -18.21 5.57
N SER C 601 0.44 -18.24 6.23
CA SER C 601 0.59 -19.08 7.41
C SER C 601 -0.34 -18.67 8.54
N GLU C 602 -1.02 -17.53 8.42
CA GLU C 602 -2.02 -17.14 9.39
C GLU C 602 -3.41 -17.58 8.97
N VAL C 603 -3.64 -17.76 7.68
CA VAL C 603 -4.91 -18.27 7.20
C VAL C 603 -5.00 -19.77 7.39
N TYR C 604 -3.90 -20.48 7.13
CA TYR C 604 -3.96 -21.91 7.29
C TYR C 604 -4.26 -22.29 8.73
N GLU C 605 -3.72 -21.53 9.69
CA GLU C 605 -4.02 -21.78 11.09
C GLU C 605 -5.52 -21.77 11.35
N LEU C 606 -6.28 -21.04 10.55
CA LEU C 606 -7.72 -21.10 10.67
C LEU C 606 -8.28 -22.25 9.87
N MET C 607 -7.72 -22.54 8.70
CA MET C 607 -8.28 -23.68 7.98
C MET C 607 -7.90 -25.02 8.58
N LYS C 608 -7.17 -25.03 9.68
CA LYS C 608 -6.77 -26.29 10.28
C LYS C 608 -7.93 -27.02 10.93
N PHE C 609 -9.01 -26.32 11.26
CA PHE C 609 -10.14 -26.91 11.97
C PHE C 609 -11.20 -27.48 11.05
N PHE C 610 -10.99 -27.45 9.77
CA PHE C 610 -12.05 -27.93 8.90
C PHE C 610 -11.87 -29.41 8.61
N PRO C 611 -12.94 -30.11 8.20
CA PRO C 611 -12.87 -31.57 8.07
C PRO C 611 -12.13 -32.08 6.84
N PHE C 612 -11.47 -31.21 6.09
CA PHE C 612 -10.58 -31.55 4.99
C PHE C 612 -11.21 -32.40 3.89
N GLU C 613 -12.48 -32.76 4.01
CA GLU C 613 -13.23 -33.08 2.81
C GLU C 613 -13.99 -31.86 2.34
N LYS C 614 -13.76 -30.73 3.00
CA LYS C 614 -14.19 -29.42 2.54
C LYS C 614 -13.03 -28.62 1.95
N ARG C 615 -11.85 -28.70 2.57
CA ARG C 615 -10.70 -27.97 2.03
C ARG C 615 -10.40 -28.43 0.62
N TYR C 616 -10.49 -29.73 0.35
CA TYR C 616 -10.30 -30.18 -1.01
C TYR C 616 -11.41 -29.71 -1.93
N PHE C 617 -12.57 -29.38 -1.39
CA PHE C 617 -13.61 -28.79 -2.23
C PHE C 617 -13.24 -27.38 -2.63
N ILE C 618 -12.67 -26.61 -1.70
CA ILE C 618 -12.29 -25.24 -2.00
C ILE C 618 -11.13 -25.19 -2.99
N TYR C 619 -10.09 -25.98 -2.73
CA TYR C 619 -8.92 -25.96 -3.60
C TYR C 619 -9.30 -26.19 -5.05
N ASN C 620 -10.07 -27.24 -5.31
CA ASN C 620 -10.57 -27.48 -6.65
C ASN C 620 -11.43 -26.32 -7.12
N GLU C 621 -12.45 -25.97 -6.35
CA GLU C 621 -13.45 -25.02 -6.78
C GLU C 621 -12.84 -23.73 -7.26
N MET C 622 -11.81 -23.23 -6.57
CA MET C 622 -11.20 -22.02 -7.08
C MET C 622 -10.13 -22.31 -8.11
N MET C 623 -9.56 -23.51 -8.10
CA MET C 623 -8.52 -23.79 -9.08
C MET C 623 -9.07 -23.95 -10.48
N THR C 624 -10.38 -24.21 -10.62
CA THR C 624 -10.95 -24.31 -11.96
C THR C 624 -11.96 -23.22 -12.26
N LYS C 625 -12.88 -22.93 -11.34
CA LYS C 625 -13.94 -21.97 -11.65
C LYS C 625 -13.46 -20.54 -11.55
N LEU C 626 -13.02 -20.12 -10.37
CA LEU C 626 -12.70 -18.72 -10.10
C LEU C 626 -11.32 -18.34 -10.58
N SER C 627 -10.62 -19.20 -11.31
CA SER C 627 -9.33 -18.85 -11.87
C SER C 627 -9.44 -18.07 -13.16
N GLN C 628 -10.62 -17.97 -13.74
CA GLN C 628 -10.81 -17.31 -15.03
C GLN C 628 -11.84 -16.20 -14.99
N ASP C 629 -12.95 -16.39 -14.30
CA ASP C 629 -14.05 -15.45 -14.38
C ASP C 629 -13.80 -14.17 -13.59
N ILE C 630 -12.59 -13.93 -13.12
CA ILE C 630 -12.24 -12.70 -12.41
C ILE C 630 -10.86 -12.25 -12.86
N LEU C 631 -10.75 -10.98 -13.26
CA LEU C 631 -9.56 -10.54 -13.98
C LEU C 631 -8.31 -10.54 -13.10
N PRO C 632 -8.27 -9.86 -11.95
CA PRO C 632 -7.01 -9.80 -11.20
C PRO C 632 -6.47 -11.17 -10.82
N LEU C 633 -7.36 -12.10 -10.50
CA LEU C 633 -6.94 -13.48 -10.24
C LEU C 633 -6.21 -14.04 -11.45
N LYS C 634 -6.86 -14.02 -12.61
CA LYS C 634 -6.28 -14.55 -13.83
C LYS C 634 -4.89 -13.98 -14.07
N VAL C 635 -4.77 -12.66 -13.95
CA VAL C 635 -3.46 -12.04 -14.14
C VAL C 635 -2.45 -12.62 -13.15
N SER C 636 -2.84 -12.72 -11.88
CA SER C 636 -1.90 -13.20 -10.87
C SER C 636 -1.45 -14.62 -11.16
N PHE C 637 -2.37 -15.48 -11.58
CA PHE C 637 -1.99 -16.84 -11.91
C PHE C 637 -1.03 -16.88 -13.09
N ASN C 638 -1.29 -16.08 -14.13
CA ASN C 638 -0.36 -16.06 -15.25
C ASN C 638 1.04 -15.67 -14.78
N LYS C 639 1.12 -14.62 -13.97
CA LYS C 639 2.43 -14.19 -13.50
C LYS C 639 3.12 -15.29 -12.71
N ALA C 640 2.40 -15.93 -11.80
CA ALA C 640 3.02 -16.95 -10.96
C ALA C 640 3.49 -18.14 -11.79
N GLU C 641 2.63 -18.63 -12.69
CA GLU C 641 3.01 -19.76 -13.52
C GLU C 641 4.23 -19.44 -14.36
N ARG C 642 4.21 -18.30 -15.05
CA ARG C 642 5.36 -17.92 -15.87
C ARG C 642 6.62 -17.89 -15.03
N GLU C 643 6.55 -17.30 -13.83
CA GLU C 643 7.75 -17.18 -13.04
C GLU C 643 8.25 -18.55 -12.60
N ALA C 644 7.34 -19.46 -12.26
CA ALA C 644 7.76 -20.77 -11.81
C ALA C 644 8.39 -21.57 -12.94
N LYS C 645 7.70 -21.68 -14.06
CA LYS C 645 8.28 -22.38 -15.20
C LYS C 645 9.61 -21.79 -15.59
N SER C 646 9.80 -20.48 -15.36
CA SER C 646 11.13 -19.92 -15.56
C SER C 646 12.11 -20.50 -14.57
N ILE C 647 11.77 -20.48 -13.28
CA ILE C 647 12.75 -20.80 -12.27
C ILE C 647 13.10 -22.28 -12.26
N LEU C 648 12.22 -23.15 -12.73
CA LEU C 648 12.56 -24.57 -12.79
C LEU C 648 13.69 -24.84 -13.77
N LYS C 649 13.96 -23.91 -14.68
CA LYS C 649 15.05 -24.08 -15.62
C LYS C 649 16.38 -23.57 -15.08
N ALA C 650 16.37 -22.93 -13.91
CA ALA C 650 17.59 -22.39 -13.33
C ALA C 650 18.23 -23.31 -12.31
N LEU C 651 17.52 -24.35 -11.85
CA LEU C 651 18.04 -25.17 -10.77
C LEU C 651 19.21 -26.03 -11.24
N SER C 652 20.30 -25.99 -10.50
CA SER C 652 21.47 -26.80 -10.78
C SER C 652 22.28 -26.89 -9.50
N ILE C 653 23.22 -27.84 -9.48
CA ILE C 653 23.90 -28.18 -8.24
C ILE C 653 24.58 -26.97 -7.64
N ASP C 654 25.25 -26.18 -8.48
CA ASP C 654 25.99 -25.03 -7.98
C ASP C 654 25.08 -23.90 -7.50
N THR C 655 23.84 -23.84 -7.98
CA THR C 655 22.97 -22.73 -7.66
C THR C 655 21.87 -23.08 -6.67
N ILE C 656 21.72 -24.35 -6.30
CA ILE C 656 20.60 -24.70 -5.44
C ILE C 656 20.72 -24.00 -4.09
N ALA C 657 21.96 -23.83 -3.60
CA ALA C 657 22.20 -23.23 -2.30
C ALA C 657 21.74 -21.78 -2.23
N LYS C 658 21.29 -21.22 -3.32
CA LYS C 658 20.79 -19.85 -3.36
C LYS C 658 19.41 -19.77 -3.99
N GLU C 659 19.13 -20.58 -5.00
CA GLU C 659 17.86 -20.52 -5.70
C GLU C 659 16.77 -21.28 -4.98
N SER C 660 17.16 -22.27 -4.17
CA SER C 660 16.17 -23.00 -3.38
C SER C 660 15.35 -22.06 -2.53
N ARG C 661 15.99 -21.06 -1.92
CA ARG C 661 15.29 -20.15 -1.03
C ARG C 661 14.26 -19.34 -1.80
N ARG C 662 14.61 -18.89 -3.00
CA ARG C 662 13.63 -18.24 -3.85
C ARG C 662 12.45 -19.15 -4.12
N PHE C 663 12.73 -20.36 -4.60
CA PHE C 663 11.64 -21.21 -5.06
C PHE C 663 10.72 -21.59 -3.91
N ALA C 664 11.29 -21.85 -2.73
CA ALA C 664 10.47 -22.10 -1.56
C ALA C 664 9.67 -20.86 -1.18
N LYS C 665 10.28 -19.70 -1.27
CA LYS C 665 9.61 -18.47 -0.88
C LYS C 665 8.39 -18.22 -1.76
N LEU C 666 8.52 -18.48 -3.05
CA LEU C 666 7.37 -18.31 -3.94
C LEU C 666 6.34 -19.39 -3.72
N ILE C 667 6.77 -20.63 -3.56
CA ILE C 667 5.82 -21.73 -3.58
C ILE C 667 4.96 -21.78 -2.32
N SER C 668 5.41 -21.18 -1.22
CA SER C 668 4.65 -21.17 0.01
C SER C 668 3.75 -19.95 0.14
N THR C 669 3.58 -19.18 -0.94
CA THR C 669 2.63 -18.08 -0.98
C THR C 669 1.50 -18.32 -1.96
N ASN C 670 1.81 -18.78 -3.17
CA ASN C 670 0.81 -19.15 -4.16
C ASN C 670 1.13 -20.54 -4.67
N PRO C 671 0.70 -21.57 -3.97
CA PRO C 671 1.02 -22.94 -4.40
C PRO C 671 0.03 -23.48 -5.42
N LEU C 672 -1.23 -23.05 -5.36
CA LEU C 672 -2.24 -23.64 -6.23
C LEU C 672 -1.90 -23.49 -7.70
N ALA C 673 -1.11 -22.49 -8.05
CA ALA C 673 -0.76 -22.26 -9.43
C ALA C 673 0.68 -22.59 -9.76
N SER C 674 1.53 -22.82 -8.76
CA SER C 674 2.96 -22.95 -8.98
C SER C 674 3.50 -24.34 -8.63
N LEU C 675 2.64 -25.30 -8.30
CA LEU C 675 3.08 -26.66 -8.07
C LEU C 675 2.79 -27.60 -9.23
N VAL C 676 1.64 -27.45 -9.90
CA VAL C 676 1.34 -28.33 -11.02
C VAL C 676 2.38 -28.24 -12.14
N PRO C 677 2.99 -27.08 -12.44
CA PRO C 677 4.09 -27.12 -13.41
C PRO C 677 5.28 -27.90 -12.89
N ALA C 678 5.56 -27.82 -11.60
CA ALA C 678 6.69 -28.57 -11.07
C ALA C 678 6.43 -30.06 -11.08
N VAL C 679 5.17 -30.47 -10.93
CA VAL C 679 4.87 -31.89 -10.97
C VAL C 679 4.95 -32.40 -12.40
N LYS C 680 4.36 -31.67 -13.35
CA LYS C 680 4.58 -32.04 -14.74
C LYS C 680 6.06 -32.09 -15.06
N GLN C 681 6.83 -31.20 -14.45
CA GLN C 681 8.27 -31.20 -14.62
C GLN C 681 8.90 -32.44 -14.00
N ILE C 682 8.28 -32.99 -12.96
CA ILE C 682 8.94 -34.03 -12.17
C ILE C 682 8.67 -35.44 -12.70
N GLU C 683 7.59 -35.64 -13.44
CA GLU C 683 7.29 -36.97 -13.96
C GLU C 683 8.23 -37.38 -15.08
N ASN C 684 9.04 -36.47 -15.58
CA ASN C 684 9.77 -36.72 -16.82
C ASN C 684 11.28 -36.72 -16.65
N TYR C 685 11.82 -35.76 -15.90
CA TYR C 685 13.24 -35.49 -15.97
C TYR C 685 14.05 -36.30 -14.98
N ASP C 686 13.50 -36.56 -13.81
CA ASP C 686 14.08 -37.50 -12.85
C ASP C 686 15.53 -37.13 -12.51
N LYS C 687 15.87 -35.85 -12.60
CA LYS C 687 17.11 -35.38 -12.01
C LYS C 687 16.82 -34.16 -11.15
N VAL C 688 15.79 -33.39 -11.53
CA VAL C 688 15.31 -32.31 -10.67
C VAL C 688 14.64 -32.85 -9.42
N SER C 689 14.37 -34.16 -9.37
CA SER C 689 13.73 -34.75 -8.21
C SER C 689 14.55 -34.50 -6.95
N GLU C 690 15.83 -34.89 -6.97
CA GLU C 690 16.69 -34.64 -5.83
C GLU C 690 16.66 -33.18 -5.41
N LEU C 691 16.66 -32.28 -6.37
CA LEU C 691 16.74 -30.85 -6.05
C LEU C 691 15.47 -30.38 -5.35
N VAL C 692 14.31 -30.65 -5.97
CA VAL C 692 13.06 -30.21 -5.38
C VAL C 692 12.89 -30.80 -3.98
N VAL C 693 13.12 -32.11 -3.86
CA VAL C 693 13.03 -32.75 -2.56
C VAL C 693 14.00 -32.11 -1.58
N TYR C 694 15.11 -31.56 -2.09
CA TYR C 694 15.98 -30.80 -1.19
C TYR C 694 15.33 -29.51 -0.75
N THR C 695 14.63 -28.81 -1.64
CA THR C 695 14.04 -27.53 -1.24
C THR C 695 12.87 -27.73 -0.30
N THR C 696 12.25 -28.90 -0.28
CA THR C 696 11.08 -28.99 0.60
C THR C 696 11.40 -28.85 2.06
N LYS C 697 12.63 -28.53 2.48
CA LYS C 697 12.85 -28.13 3.86
C LYS C 697 12.08 -26.87 4.18
N TYR C 698 12.16 -25.88 3.30
CA TYR C 698 11.69 -24.53 3.60
C TYR C 698 10.24 -24.32 3.16
N PHE C 699 9.32 -25.19 3.52
CA PHE C 699 7.94 -24.97 3.13
C PHE C 699 7.10 -24.50 4.31
N ASN C 700 6.23 -23.55 4.03
CA ASN C 700 5.19 -23.19 4.99
C ASN C 700 4.27 -24.39 5.19
N ASP C 701 3.60 -24.42 6.34
CA ASP C 701 2.70 -25.52 6.62
C ASP C 701 1.59 -25.61 5.58
N PHE C 702 1.20 -24.47 5.01
CA PHE C 702 0.15 -24.48 4.00
C PHE C 702 0.58 -25.15 2.71
N ALA C 703 1.88 -25.32 2.49
CA ALA C 703 2.35 -25.92 1.25
C ALA C 703 1.98 -27.40 1.20
N TYR C 704 2.29 -28.14 2.27
CA TYR C 704 2.12 -29.59 2.23
C TYR C 704 0.69 -29.99 1.92
N ASP C 705 -0.26 -29.34 2.59
CA ASP C 705 -1.66 -29.71 2.42
C ASP C 705 -2.08 -29.63 0.96
N VAL C 706 -1.62 -28.61 0.26
CA VAL C 706 -1.90 -28.56 -1.17
C VAL C 706 -1.10 -29.62 -1.90
N LEU C 707 0.10 -29.94 -1.42
CA LEU C 707 0.95 -30.89 -2.13
C LEU C 707 0.27 -32.26 -2.26
N GLN C 708 -0.27 -32.78 -1.15
CA GLN C 708 -1.02 -34.02 -1.24
C GLN C 708 -2.14 -33.92 -2.26
N PHE C 709 -2.92 -32.85 -2.19
CA PHE C 709 -4.01 -32.66 -3.12
C PHE C 709 -3.54 -32.80 -4.56
N VAL C 710 -2.41 -32.18 -4.87
CA VAL C 710 -1.88 -32.24 -6.23
C VAL C 710 -1.56 -33.68 -6.61
N LEU C 711 -0.82 -34.38 -5.74
CA LEU C 711 -0.48 -35.77 -6.05
C LEU C 711 -1.72 -36.60 -6.29
N LEU C 712 -2.77 -36.39 -5.49
CA LEU C 712 -4.02 -37.09 -5.72
C LEU C 712 -4.70 -36.67 -7.01
N LEU C 713 -4.38 -35.49 -7.55
CA LEU C 713 -4.83 -35.21 -8.91
C LEU C 713 -4.08 -36.05 -9.91
N ARG C 714 -2.74 -36.00 -9.88
CA ARG C 714 -1.97 -36.69 -10.91
C ARG C 714 -2.26 -38.18 -10.91
N LEU C 715 -2.41 -38.79 -9.74
CA LEU C 715 -2.59 -40.23 -9.69
C LEU C 715 -3.92 -40.68 -10.26
N THR C 716 -4.90 -39.79 -10.39
CA THR C 716 -6.28 -40.20 -10.58
C THR C 716 -6.95 -39.44 -11.72
N TYR C 717 -6.31 -39.38 -12.88
CA TYR C 717 -7.02 -38.94 -14.07
C TYR C 717 -6.59 -39.80 -15.24
N ASN C 718 -7.49 -39.92 -16.21
CA ASN C 718 -7.39 -40.96 -17.23
C ASN C 718 -6.18 -40.72 -18.13
N ARG C 719 -5.30 -41.73 -18.21
CA ARG C 719 -4.10 -41.64 -19.04
C ARG C 719 -3.82 -42.96 -19.74
N TRP C 732 6.58 -43.78 -16.32
CA TRP C 732 6.61 -42.59 -15.47
C TRP C 732 6.23 -42.90 -14.04
N VAL C 733 5.55 -44.03 -13.83
CA VAL C 733 5.17 -44.42 -12.48
C VAL C 733 6.39 -44.45 -11.57
N GLN C 734 7.53 -44.89 -12.12
CA GLN C 734 8.74 -45.00 -11.34
C GLN C 734 9.14 -43.66 -10.73
N ARG C 735 9.27 -42.62 -11.57
CA ARG C 735 9.66 -41.30 -11.08
C ARG C 735 8.76 -40.86 -9.93
N LEU C 736 7.46 -40.95 -10.14
CA LEU C 736 6.53 -40.47 -9.13
C LEU C 736 6.70 -41.23 -7.83
N SER C 737 6.86 -42.55 -7.92
CA SER C 737 7.10 -43.35 -6.72
C SER C 737 8.33 -42.87 -5.98
N ILE C 738 9.43 -42.68 -6.71
CA ILE C 738 10.67 -42.21 -6.09
C ILE C 738 10.43 -40.90 -5.38
N PHE C 739 9.68 -39.99 -5.99
CA PHE C 739 9.43 -38.70 -5.37
C PHE C 739 8.68 -38.87 -4.06
N ILE C 740 7.57 -39.61 -4.08
CA ILE C 740 6.78 -39.79 -2.87
C ILE C 740 7.64 -40.37 -1.76
N ALA C 741 8.48 -41.35 -2.08
CA ALA C 741 9.37 -41.90 -1.07
C ALA C 741 10.29 -40.82 -0.51
N GLY C 742 10.91 -40.04 -1.39
CA GLY C 742 11.79 -38.99 -0.94
C GLY C 742 11.13 -38.07 0.06
N LEU C 743 9.89 -37.66 -0.22
CA LEU C 743 9.15 -36.89 0.77
C LEU C 743 8.98 -37.68 2.05
N ALA C 744 8.68 -38.98 1.94
CA ALA C 744 8.39 -39.76 3.13
C ALA C 744 9.60 -39.84 4.05
N LYS C 745 10.81 -39.72 3.52
CA LYS C 745 11.97 -39.84 4.40
C LYS C 745 12.62 -38.52 4.76
N ASN C 746 12.47 -37.47 3.94
CA ASN C 746 13.16 -36.22 4.23
C ASN C 746 12.29 -35.14 4.83
N CYS C 747 10.96 -35.29 4.81
CA CYS C 747 10.04 -34.28 5.31
C CYS C 747 9.37 -34.83 6.56
N PRO C 748 9.97 -34.64 7.73
CA PRO C 748 9.36 -35.14 8.97
C PRO C 748 8.06 -34.45 9.34
N ASN C 749 7.59 -33.50 8.55
CA ASN C 749 6.30 -32.86 8.79
C ASN C 749 5.37 -33.03 7.61
N MET C 750 5.66 -33.97 6.73
CA MET C 750 4.88 -34.09 5.50
C MET C 750 3.48 -34.60 5.75
N ASP C 751 3.32 -35.59 6.62
CA ASP C 751 2.01 -36.16 6.94
C ASP C 751 1.33 -36.72 5.68
N ILE C 752 1.92 -37.80 5.17
CA ILE C 752 1.32 -38.55 4.06
C ILE C 752 0.38 -39.56 4.69
N SER C 753 -0.81 -39.10 5.05
CA SER C 753 -1.82 -39.98 5.60
C SER C 753 -2.90 -40.28 4.59
N ASN C 754 -3.24 -39.31 3.75
CA ASN C 754 -4.31 -39.46 2.80
C ASN C 754 -3.86 -40.23 1.57
N ILE C 755 -2.57 -40.51 1.44
CA ILE C 755 -2.09 -41.30 0.30
C ILE C 755 -2.24 -42.79 0.58
N ILE C 756 -1.94 -43.20 1.80
CA ILE C 756 -2.04 -44.61 2.16
C ILE C 756 -3.48 -45.08 1.98
N THR C 757 -4.43 -44.28 2.46
CA THR C 757 -5.84 -44.60 2.27
C THR C 757 -6.22 -44.50 0.82
N TYR C 758 -5.27 -44.11 -0.04
CA TYR C 758 -5.47 -44.35 -1.46
C TYR C 758 -4.97 -45.71 -1.89
N ILE C 759 -3.90 -46.21 -1.25
CA ILE C 759 -3.43 -47.56 -1.54
C ILE C 759 -4.50 -48.58 -1.17
N LEU C 760 -4.95 -48.55 0.08
CA LEU C 760 -5.91 -49.55 0.53
C LEU C 760 -7.14 -49.57 -0.35
N LYS C 761 -7.76 -48.40 -0.54
CA LYS C 761 -9.01 -48.34 -1.27
C LYS C 761 -8.90 -48.88 -2.68
N THR C 762 -7.70 -49.08 -3.20
CA THR C 762 -7.56 -49.50 -4.58
C THR C 762 -6.85 -50.84 -4.77
N LEU C 763 -6.24 -51.41 -3.74
CA LEU C 763 -5.72 -52.77 -3.91
C LEU C 763 -6.83 -53.76 -4.17
N HIS C 764 -8.05 -53.48 -3.70
CA HIS C 764 -9.21 -54.30 -4.00
C HIS C 764 -9.42 -54.40 -5.51
N ASN C 765 -8.73 -53.57 -6.27
CA ASN C 765 -8.76 -53.65 -7.72
C ASN C 765 -7.45 -54.13 -8.31
N GLY C 766 -6.38 -54.17 -7.53
CA GLY C 766 -5.11 -54.68 -8.02
C GLY C 766 -4.53 -53.90 -9.18
N ASN C 767 -4.05 -52.69 -8.91
CA ASN C 767 -3.31 -51.94 -9.93
C ASN C 767 -1.82 -52.09 -9.71
N ILE C 768 -1.06 -51.76 -10.75
CA ILE C 768 0.39 -51.74 -10.61
C ILE C 768 0.84 -50.54 -9.81
N ILE C 769 0.03 -49.47 -9.77
CA ILE C 769 0.46 -48.20 -9.18
C ILE C 769 0.74 -48.39 -7.69
N ALA C 770 -0.29 -48.77 -6.94
CA ALA C 770 -0.14 -48.91 -5.50
C ALA C 770 0.97 -49.89 -5.16
N VAL C 771 1.08 -50.97 -5.92
CA VAL C 771 2.17 -51.93 -5.71
C VAL C 771 3.50 -51.21 -5.78
N SER C 772 3.72 -50.45 -6.85
CA SER C 772 4.99 -49.76 -7.03
C SER C 772 5.26 -48.80 -5.88
N ILE C 773 4.26 -47.97 -5.53
CA ILE C 773 4.44 -47.00 -4.45
C ILE C 773 4.86 -47.71 -3.18
N LEU C 774 4.13 -48.76 -2.81
CA LEU C 774 4.43 -49.45 -1.57
C LEU C 774 5.83 -50.04 -1.59
N LYS C 775 6.21 -50.66 -2.71
CA LYS C 775 7.56 -51.20 -2.82
C LYS C 775 8.61 -50.15 -2.56
N GLU C 776 8.47 -49.00 -3.21
CA GLU C 776 9.48 -47.96 -3.02
C GLU C 776 9.50 -47.46 -1.59
N LEU C 777 8.33 -47.34 -0.96
CA LEU C 777 8.30 -46.94 0.44
C LEU C 777 9.12 -47.90 1.30
N ILE C 778 8.88 -49.20 1.13
CA ILE C 778 9.57 -50.15 2.00
C ILE C 778 11.06 -50.15 1.75
N ILE C 779 11.46 -50.22 0.47
CA ILE C 779 12.88 -50.36 0.18
C ILE C 779 13.64 -49.11 0.59
N THR C 780 13.09 -47.93 0.29
CA THR C 780 13.83 -46.70 0.56
C THR C 780 13.79 -46.33 2.04
N VAL C 781 12.64 -46.46 2.68
CA VAL C 781 12.50 -46.06 4.07
C VAL C 781 13.09 -47.13 4.99
N GLY C 782 12.55 -48.34 4.93
CA GLY C 782 13.02 -49.38 5.81
C GLY C 782 14.48 -49.73 5.61
N GLY C 783 15.00 -49.50 4.40
CA GLY C 783 16.34 -49.95 4.10
C GLY C 783 16.47 -51.45 4.01
N ILE C 784 15.36 -52.17 3.95
CA ILE C 784 15.38 -53.62 3.86
C ILE C 784 15.82 -54.04 2.47
N ARG C 785 16.61 -55.10 2.42
CA ARG C 785 17.14 -55.61 1.16
C ARG C 785 16.84 -57.10 1.04
N ASP C 786 16.47 -57.53 -0.16
CA ASP C 786 16.22 -58.94 -0.42
C ASP C 786 17.56 -59.67 -0.56
N LEU C 787 17.80 -60.65 0.30
CA LEU C 787 19.08 -61.33 0.36
C LEU C 787 19.11 -62.55 -0.57
N ASN C 788 18.66 -62.37 -1.81
CA ASN C 788 18.60 -63.50 -2.73
C ASN C 788 19.99 -63.98 -3.15
N GLU C 789 20.99 -63.10 -3.12
CA GLU C 789 22.33 -63.44 -3.58
C GLU C 789 23.34 -63.51 -2.44
N VAL C 790 22.89 -63.88 -1.25
CA VAL C 790 23.83 -64.27 -0.22
C VAL C 790 24.38 -65.65 -0.57
N ASN C 791 25.62 -65.91 -0.18
CA ASN C 791 26.17 -67.24 -0.26
C ASN C 791 26.14 -67.86 1.13
N MET C 792 26.72 -69.05 1.27
CA MET C 792 26.55 -69.82 2.50
C MET C 792 27.20 -69.12 3.69
N LYS C 793 28.51 -68.90 3.64
CA LYS C 793 29.23 -68.35 4.78
C LYS C 793 28.68 -66.98 5.18
N GLN C 794 28.15 -66.24 4.22
CA GLN C 794 27.51 -64.98 4.55
C GLN C 794 26.12 -65.19 5.13
N LEU C 795 25.45 -66.28 4.75
CA LEU C 795 24.08 -66.51 5.21
C LEU C 795 24.07 -66.97 6.65
N LEU C 796 24.83 -68.02 6.97
CA LEU C 796 24.75 -68.58 8.31
C LEU C 796 25.18 -67.60 9.38
N MET C 797 25.97 -66.59 9.03
CA MET C 797 26.39 -65.66 10.06
C MET C 797 25.30 -64.65 10.39
N LEU C 798 24.53 -64.21 9.39
CA LEU C 798 23.46 -63.26 9.67
C LEU C 798 22.34 -63.92 10.45
N ASN C 799 22.18 -65.23 10.32
CA ASN C 799 21.12 -65.96 11.00
C ASN C 799 21.63 -66.63 12.26
N SER C 800 22.79 -66.22 12.77
CA SER C 800 23.44 -66.86 13.89
C SER C 800 23.15 -66.18 15.23
N GLY C 801 23.58 -64.93 15.38
CA GLY C 801 23.48 -64.26 16.65
C GLY C 801 23.36 -62.76 16.55
N SER C 802 22.61 -62.16 17.47
CA SER C 802 22.24 -60.75 17.41
C SER C 802 23.40 -59.81 17.08
N PRO C 803 24.58 -59.93 17.69
CA PRO C 803 25.68 -59.06 17.24
C PRO C 803 26.14 -59.35 15.83
N LEU C 804 26.33 -60.63 15.49
CA LEU C 804 26.69 -60.97 14.12
C LEU C 804 25.54 -60.74 13.15
N LYS C 805 24.30 -60.99 13.61
CA LYS C 805 23.14 -60.61 12.82
C LYS C 805 23.15 -59.12 12.53
N GLN C 806 23.69 -58.33 13.44
CA GLN C 806 23.81 -56.89 13.23
C GLN C 806 24.93 -56.56 12.27
N TYR C 807 26.04 -57.31 12.34
CA TYR C 807 27.19 -57.01 11.49
C TYR C 807 26.91 -57.36 10.03
N ALA C 808 26.45 -58.59 9.78
CA ALA C 808 26.26 -59.06 8.42
C ALA C 808 25.28 -58.18 7.66
N ARG C 809 24.28 -57.63 8.35
CA ARG C 809 23.38 -56.69 7.69
C ARG C 809 24.15 -55.51 7.12
N HIS C 810 24.95 -54.86 7.96
CA HIS C 810 25.80 -53.79 7.45
C HIS C 810 26.67 -54.26 6.31
N LEU C 811 27.05 -55.54 6.31
CA LEU C 811 27.76 -56.06 5.14
C LEU C 811 26.87 -56.01 3.90
N ILE C 812 25.58 -56.32 4.05
CA ILE C 812 24.68 -56.34 2.89
C ILE C 812 24.14 -54.97 2.53
N TYR C 813 24.52 -53.93 3.28
CA TYR C 813 23.95 -52.59 3.09
C TYR C 813 22.43 -52.60 3.23
N ASP C 814 21.93 -53.27 4.26
CA ASP C 814 20.54 -53.10 4.67
C ASP C 814 20.52 -52.67 6.13
N PHE C 815 20.11 -51.43 6.37
CA PHE C 815 20.04 -50.90 7.72
C PHE C 815 18.58 -50.71 8.07
N ARG C 816 17.96 -51.79 8.49
CA ARG C 816 16.63 -51.73 9.08
C ARG C 816 16.69 -51.19 10.50
N ASP C 817 17.82 -50.65 10.91
CA ASP C 817 18.03 -50.14 12.25
C ASP C 817 18.52 -48.70 12.29
N ASP C 818 19.42 -48.33 11.38
CA ASP C 818 20.00 -46.99 11.43
C ASP C 818 18.94 -45.92 11.25
N ASN C 819 17.86 -46.24 10.54
CA ASN C 819 16.73 -45.36 10.35
C ASN C 819 15.50 -45.92 11.05
N SER C 820 15.69 -46.37 12.29
CA SER C 820 14.58 -46.96 13.04
C SER C 820 13.49 -45.95 13.30
N VAL C 821 13.87 -44.69 13.57
CA VAL C 821 12.88 -43.68 13.90
C VAL C 821 11.95 -43.44 12.72
N ILE C 822 12.52 -43.33 11.52
CA ILE C 822 11.70 -43.14 10.33
C ILE C 822 10.79 -44.32 10.13
N SER C 823 11.29 -45.53 10.39
CA SER C 823 10.47 -46.72 10.29
C SER C 823 9.27 -46.62 11.22
N SER C 824 9.51 -46.24 12.48
CA SER C 824 8.43 -46.07 13.43
C SER C 824 7.39 -45.11 12.90
N ARG C 825 7.83 -43.91 12.48
CA ARG C 825 6.88 -42.92 12.02
C ARG C 825 6.09 -43.42 10.82
N LEU C 826 6.72 -44.22 9.96
CA LEU C 826 5.99 -44.75 8.81
C LEU C 826 4.93 -45.74 9.25
N THR C 827 5.29 -46.67 10.13
CA THR C 827 4.33 -47.68 10.57
C THR C 827 3.17 -47.06 11.34
N SER C 828 3.42 -45.96 12.04
CA SER C 828 2.35 -45.30 12.77
C SER C 828 1.17 -45.00 11.86
N PHE C 829 1.44 -44.59 10.63
CA PHE C 829 0.37 -44.27 9.70
C PHE C 829 -0.49 -45.50 9.42
N PHE C 830 0.14 -46.66 9.23
CA PHE C 830 -0.63 -47.88 8.99
C PHE C 830 -1.45 -48.27 10.21
N THR C 831 -0.81 -48.30 11.38
CA THR C 831 -1.51 -48.81 12.55
C THR C 831 -2.63 -47.87 13.00
N ASP C 832 -2.51 -46.58 12.69
CA ASP C 832 -3.57 -45.66 13.07
C ASP C 832 -4.87 -45.92 12.33
N GLN C 833 -4.88 -46.85 11.38
CA GLN C 833 -6.10 -47.18 10.65
C GLN C 833 -6.36 -48.67 10.64
N SER C 834 -5.58 -49.46 11.38
CA SER C 834 -5.62 -50.92 11.31
C SER C 834 -5.46 -51.38 9.86
N ALA C 835 -4.30 -51.09 9.31
CA ALA C 835 -4.04 -51.29 7.89
C ALA C 835 -3.05 -52.41 7.61
N ILE C 836 -2.73 -53.25 8.60
CA ILE C 836 -1.75 -54.29 8.38
C ILE C 836 -2.40 -55.56 7.85
N SER C 837 -3.40 -56.07 8.57
CA SER C 837 -4.01 -57.35 8.22
C SER C 837 -4.54 -57.33 6.79
N GLU C 838 -5.22 -56.25 6.41
CA GLU C 838 -5.77 -56.20 5.06
C GLU C 838 -4.68 -56.18 4.01
N ILE C 839 -3.52 -55.59 4.32
CA ILE C 839 -2.42 -55.63 3.37
C ILE C 839 -1.90 -57.05 3.22
N ILE C 840 -1.74 -57.76 4.33
CA ILE C 840 -1.24 -59.13 4.24
C ILE C 840 -2.19 -59.99 3.43
N LEU C 841 -3.48 -59.91 3.75
CA LEU C 841 -4.45 -60.76 3.05
C LEU C 841 -4.55 -60.39 1.57
N LEU C 842 -4.54 -59.09 1.26
CA LEU C 842 -4.63 -58.70 -0.15
C LEU C 842 -3.41 -59.14 -0.93
N LEU C 843 -2.21 -58.93 -0.37
CA LEU C 843 -1.02 -59.38 -1.07
C LEU C 843 -1.05 -60.89 -1.29
N TYR C 844 -1.47 -61.64 -0.28
CA TYR C 844 -1.50 -63.09 -0.44
C TYR C 844 -2.52 -63.52 -1.48
N THR C 845 -3.67 -62.83 -1.54
CA THR C 845 -4.68 -63.21 -2.51
C THR C 845 -4.23 -62.85 -3.93
N LEU C 846 -3.73 -61.64 -4.11
CA LEU C 846 -3.31 -61.22 -5.44
C LEU C 846 -2.06 -61.93 -5.91
N ASN C 847 -1.50 -62.82 -5.09
CA ASN C 847 -0.36 -63.61 -5.54
C ASN C 847 -0.74 -64.49 -6.72
N LEU C 848 -2.01 -64.86 -6.82
CA LEU C 848 -2.47 -65.78 -7.86
C LEU C 848 -2.42 -65.15 -9.24
N ILE C 859 7.06 -63.96 -18.72
CA ILE C 859 6.28 -62.90 -18.10
C ILE C 859 5.60 -63.41 -16.84
N LEU C 860 4.78 -64.44 -17.02
CA LEU C 860 3.96 -64.98 -15.95
C LEU C 860 4.75 -65.74 -14.91
N SER C 861 6.08 -65.76 -14.99
CA SER C 861 6.91 -66.33 -13.95
C SER C 861 7.44 -65.26 -13.00
N THR C 862 8.13 -64.26 -13.54
CA THR C 862 8.68 -63.20 -12.69
C THR C 862 7.60 -62.45 -11.95
N ARG C 863 6.40 -62.38 -12.52
CA ARG C 863 5.27 -61.77 -11.83
C ARG C 863 5.10 -62.37 -10.44
N CYS C 864 4.93 -63.70 -10.38
CA CYS C 864 4.81 -64.36 -9.09
C CYS C 864 6.08 -64.18 -8.26
N ASP C 865 7.24 -64.34 -8.90
CA ASP C 865 8.52 -64.33 -8.20
C ASP C 865 8.81 -62.94 -7.65
N GLU C 866 7.97 -61.97 -7.97
CA GLU C 866 8.05 -60.65 -7.38
C GLU C 866 6.94 -60.40 -6.36
N MET C 867 5.70 -60.73 -6.73
CA MET C 867 4.60 -60.61 -5.79
C MET C 867 4.87 -61.38 -4.51
N ASN C 868 5.77 -62.35 -4.54
CA ASN C 868 6.14 -63.06 -3.32
C ASN C 868 7.15 -62.26 -2.51
N THR C 869 8.28 -61.89 -3.14
CA THR C 869 9.33 -61.21 -2.39
C THR C 869 8.83 -59.91 -1.80
N LEU C 870 7.83 -59.27 -2.42
CA LEU C 870 7.24 -58.09 -1.83
C LEU C 870 6.61 -58.42 -0.48
N LEU C 871 5.69 -59.38 -0.48
CA LEU C 871 5.02 -59.77 0.76
C LEU C 871 6.03 -60.16 1.82
N TRP C 872 7.03 -60.97 1.43
CA TRP C 872 8.11 -61.30 2.35
C TRP C 872 8.70 -60.06 3.00
N SER C 873 9.15 -59.13 2.16
CA SER C 873 9.84 -57.95 2.69
C SER C 873 8.94 -57.16 3.62
N PHE C 874 7.65 -57.05 3.28
CA PHE C 874 6.74 -56.30 4.11
C PHE C 874 6.63 -56.91 5.50
N ILE C 875 6.34 -58.22 5.57
CA ILE C 875 6.23 -58.85 6.89
C ILE C 875 7.54 -58.70 7.65
N GLU C 876 8.66 -58.90 6.96
CA GLU C 876 9.95 -58.73 7.61
C GLU C 876 10.14 -57.33 8.15
N LEU C 877 9.45 -56.34 7.58
CA LEU C 877 9.48 -55.02 8.19
C LEU C 877 8.55 -54.94 9.39
N ILE C 878 7.39 -55.57 9.30
CA ILE C 878 6.43 -55.53 10.40
C ILE C 878 7.06 -56.05 11.67
N LYS C 879 7.77 -57.18 11.58
CA LYS C 879 8.40 -57.73 12.78
C LYS C 879 9.34 -56.75 13.43
N HIS C 880 9.89 -55.82 12.66
CA HIS C 880 10.90 -54.92 13.17
C HIS C 880 10.35 -53.80 14.03
N CYS C 881 9.12 -53.36 13.79
CA CYS C 881 8.60 -52.20 14.49
C CYS C 881 7.52 -52.52 15.51
N LEU C 882 6.91 -53.70 15.45
CA LEU C 882 5.86 -54.10 16.39
C LEU C 882 6.35 -55.36 17.09
N LYS C 883 7.19 -55.17 18.12
CA LYS C 883 7.88 -56.29 18.76
C LYS C 883 7.51 -56.45 20.22
N GLY C 884 6.39 -55.88 20.65
CA GLY C 884 5.97 -56.01 22.03
C GLY C 884 4.65 -56.73 22.17
N LYS C 885 3.69 -56.08 22.80
CA LYS C 885 2.35 -56.64 22.92
C LYS C 885 1.44 -56.24 21.78
N ALA C 886 1.65 -55.06 21.19
CA ALA C 886 0.79 -54.60 20.11
C ALA C 886 0.68 -55.61 19.00
N PHE C 887 1.75 -56.38 18.77
CA PHE C 887 1.74 -57.38 17.72
C PHE C 887 0.65 -58.42 17.92
N GLU C 888 0.26 -58.64 19.18
CA GLU C 888 -0.74 -59.66 19.49
C GLU C 888 -2.08 -59.33 18.85
N GLU C 889 -2.70 -58.23 19.29
CA GLU C 889 -4.05 -57.86 18.93
C GLU C 889 -4.17 -57.30 17.51
N ASN C 890 -3.08 -57.26 16.76
CA ASN C 890 -3.05 -56.50 15.52
C ASN C 890 -2.91 -57.37 14.28
N VAL C 891 -2.53 -58.64 14.42
CA VAL C 891 -2.14 -59.42 13.26
C VAL C 891 -3.05 -60.64 13.12
N LEU C 892 -4.32 -60.49 13.47
CA LEU C 892 -5.32 -61.52 13.20
C LEU C 892 -4.90 -62.87 13.77
N PRO C 893 -5.07 -63.08 15.08
CA PRO C 893 -4.52 -64.29 15.73
C PRO C 893 -4.88 -65.59 15.04
N PHE C 894 -4.07 -66.61 15.30
CA PHE C 894 -4.21 -67.90 14.62
C PHE C 894 -4.70 -69.00 15.54
N THR C 905 -0.21 -72.62 4.49
CA THR C 905 0.33 -72.81 5.83
C THR C 905 1.77 -72.31 6.07
N PRO C 906 2.67 -72.43 5.10
CA PRO C 906 4.05 -71.97 5.37
C PRO C 906 4.11 -70.52 5.80
N TRP C 907 3.27 -69.66 5.24
CA TRP C 907 3.19 -68.29 5.73
C TRP C 907 2.63 -68.27 7.15
N THR C 908 1.58 -69.04 7.38
CA THR C 908 0.91 -69.02 8.68
C THR C 908 1.90 -69.27 9.80
N PHE C 909 2.79 -70.24 9.63
CA PHE C 909 3.86 -70.41 10.59
C PHE C 909 4.91 -69.33 10.46
N HIS C 910 5.18 -68.86 9.23
CA HIS C 910 6.24 -67.88 9.03
C HIS C 910 6.01 -66.63 9.87
N ILE C 911 4.76 -66.20 9.98
CA ILE C 911 4.47 -64.97 10.70
C ILE C 911 4.63 -65.17 12.19
N TRP C 912 4.03 -66.23 12.73
CA TRP C 912 4.04 -66.44 14.17
C TRP C 912 5.28 -67.18 14.66
N ARG C 913 6.20 -67.57 13.77
CA ARG C 913 7.27 -68.46 14.17
C ARG C 913 8.15 -67.85 15.25
N ASP C 914 8.35 -66.53 15.23
CA ASP C 914 9.12 -65.89 16.28
C ASP C 914 8.28 -65.52 17.48
N TYR C 915 7.02 -65.14 17.27
CA TYR C 915 6.19 -64.75 18.40
C TYR C 915 5.85 -65.97 19.26
N LEU C 916 5.47 -67.07 18.61
CA LEU C 916 5.22 -68.31 19.35
C LEU C 916 6.43 -68.77 20.14
N ASP C 917 7.63 -68.32 19.74
CA ASP C 917 8.84 -68.66 20.48
C ASP C 917 8.79 -68.09 21.90
N ASN C 918 7.90 -67.15 22.17
CA ASN C 918 7.83 -66.55 23.49
C ASN C 918 6.40 -66.36 23.95
N UNK C 919 4.24 -88.92 13.32
CA UNK C 919 3.53 -87.96 12.49
C UNK C 919 3.37 -86.63 13.23
N UNK C 920 2.39 -86.59 14.13
CA UNK C 920 2.03 -85.33 14.78
C UNK C 920 3.23 -84.65 15.42
N UNK C 921 4.00 -85.41 16.21
CA UNK C 921 5.19 -84.83 16.82
C UNK C 921 6.17 -84.37 15.75
N UNK C 922 6.38 -85.19 14.72
CA UNK C 922 7.28 -84.81 13.64
C UNK C 922 6.81 -83.54 12.96
N UNK C 923 5.50 -83.35 12.82
CA UNK C 923 5.00 -82.14 12.19
C UNK C 923 5.22 -80.93 13.08
N UNK C 924 4.64 -80.96 14.29
CA UNK C 924 4.71 -79.80 15.17
C UNK C 924 6.13 -79.49 15.63
N UNK C 925 7.08 -80.39 15.39
CA UNK C 925 8.47 -80.08 15.68
C UNK C 925 9.29 -79.76 14.44
N UNK C 926 8.84 -80.21 13.27
CA UNK C 926 9.59 -79.95 12.04
C UNK C 926 9.24 -78.58 11.48
N UNK C 927 7.94 -78.26 11.40
CA UNK C 927 7.54 -76.97 10.85
C UNK C 927 7.80 -75.83 11.83
N UNK C 928 7.78 -76.12 13.14
CA UNK C 928 7.92 -75.10 14.16
C UNK C 928 9.36 -74.83 14.55
N UNK C 929 10.32 -75.15 13.69
CA UNK C 929 11.72 -74.95 14.03
C UNK C 929 12.58 -74.77 12.80
N UNK C 930 24.98 -67.05 27.56
CA UNK C 930 24.11 -66.52 26.51
C UNK C 930 24.37 -67.22 25.19
N UNK C 931 25.61 -67.14 24.73
CA UNK C 931 25.98 -67.80 23.49
C UNK C 931 25.99 -69.32 23.65
N UNK C 932 26.54 -69.80 24.76
CA UNK C 932 26.71 -71.23 24.95
C UNK C 932 25.39 -71.91 25.28
N UNK C 933 24.75 -71.48 26.37
CA UNK C 933 23.53 -72.15 26.82
C UNK C 933 22.45 -72.17 25.75
N UNK C 934 22.52 -71.25 24.79
CA UNK C 934 21.59 -71.26 23.67
C UNK C 934 21.71 -72.58 22.89
N UNK C 935 22.90 -72.85 22.36
CA UNK C 935 23.11 -74.10 21.62
C UNK C 935 23.14 -75.30 22.54
N UNK C 936 23.38 -75.11 23.84
CA UNK C 936 23.47 -76.22 24.78
C UNK C 936 22.09 -76.74 25.14
N UNK C 937 21.27 -75.91 25.78
CA UNK C 937 19.88 -76.28 26.00
C UNK C 937 19.18 -76.54 24.67
N UNK C 938 19.58 -75.85 23.62
CA UNK C 938 19.09 -76.16 22.28
C UNK C 938 19.44 -77.59 21.91
N UNK C 939 20.58 -78.08 22.36
CA UNK C 939 20.92 -79.48 22.14
C UNK C 939 20.11 -80.39 23.05
N UNK C 940 19.68 -79.88 24.22
CA UNK C 940 18.78 -80.65 25.06
C UNK C 940 17.44 -80.86 24.37
N UNK C 941 16.89 -79.77 23.81
CA UNK C 941 15.66 -79.90 23.03
C UNK C 941 15.89 -80.69 21.75
N UNK C 942 17.11 -80.66 21.23
CA UNK C 942 17.43 -81.50 20.07
C UNK C 942 17.36 -82.97 20.46
N UNK C 943 17.76 -83.30 21.69
CA UNK C 943 17.52 -84.64 22.19
C UNK C 943 16.03 -84.88 22.41
N UNK C 944 15.29 -83.84 22.80
CA UNK C 944 13.84 -83.99 22.93
C UNK C 944 13.21 -84.37 21.60
N UNK C 945 13.70 -83.78 20.51
CA UNK C 945 13.23 -84.13 19.18
C UNK C 945 13.75 -85.48 18.74
N UNK C 946 14.96 -85.85 19.17
CA UNK C 946 15.45 -87.20 18.94
C UNK C 946 14.53 -88.23 19.58
N UNK C 947 13.92 -87.87 20.72
CA UNK C 947 12.90 -88.72 21.31
C UNK C 947 11.59 -88.61 20.57
N UNK C 948 11.30 -87.43 19.99
CA UNK C 948 10.01 -87.22 19.32
C UNK C 948 9.90 -88.04 18.05
N UNK C 949 10.95 -88.05 17.23
CA UNK C 949 10.97 -88.88 16.03
C UNK C 949 11.49 -90.28 16.30
N UNK C 950 12.44 -90.43 17.22
CA UNK C 950 12.96 -91.75 17.56
C UNK C 950 11.95 -92.60 18.31
N UNK C 951 10.81 -92.05 18.69
CA UNK C 951 9.75 -92.84 19.30
C UNK C 951 9.08 -93.69 18.24
N UNK C 952 7.84 -92.81 2.19
CA UNK C 952 7.60 -91.74 3.15
C UNK C 952 7.09 -90.49 2.46
N UNK C 953 5.96 -90.62 1.76
CA UNK C 953 5.36 -89.48 1.08
C UNK C 953 4.80 -88.46 2.06
N UNK C 954 4.60 -88.84 3.32
CA UNK C 954 4.14 -87.88 4.32
C UNK C 954 5.23 -86.87 4.64
N UNK C 955 6.36 -87.35 5.17
CA UNK C 955 7.49 -86.46 5.44
C UNK C 955 8.07 -85.87 4.16
N UNK C 956 7.70 -86.40 3.00
CA UNK C 956 8.03 -85.74 1.74
C UNK C 956 7.10 -84.55 1.47
N UNK C 957 5.81 -84.73 1.75
CA UNK C 957 4.87 -83.61 1.68
C UNK C 957 5.00 -82.66 2.86
N UNK C 958 5.91 -82.94 3.80
CA UNK C 958 6.24 -82.02 4.87
C UNK C 958 7.70 -81.56 4.85
N UNK C 959 8.52 -82.10 3.95
CA UNK C 959 9.92 -81.71 3.83
C UNK C 959 10.23 -80.98 2.53
N UNK C 960 9.34 -81.02 1.55
CA UNK C 960 9.48 -80.21 0.35
C UNK C 960 8.80 -78.86 0.47
N UNK C 961 7.83 -78.74 1.38
CA UNK C 961 7.15 -77.46 1.57
C UNK C 961 8.08 -76.44 2.20
N UNK C 962 8.60 -76.74 3.37
CA UNK C 962 9.48 -75.78 4.03
C UNK C 962 10.83 -75.66 3.37
N UNK C 963 11.05 -76.30 2.23
CA UNK C 963 12.31 -76.21 1.50
C UNK C 963 12.20 -75.46 0.18
N UNK C 964 10.99 -75.05 -0.20
CA UNK C 964 10.78 -74.29 -1.42
C UNK C 964 9.96 -73.04 -1.14
N UNK C 965 13.73 -69.65 1.03
CA UNK C 965 15.03 -69.81 0.38
C UNK C 965 16.12 -70.08 1.40
N UNK C 966 16.14 -69.28 2.46
CA UNK C 966 17.06 -69.51 3.57
C UNK C 966 16.56 -70.56 4.54
N UNK C 967 15.46 -71.22 4.22
CA UNK C 967 14.96 -72.30 5.06
C UNK C 967 15.42 -73.67 4.56
N UNK C 968 15.73 -73.79 3.28
CA UNK C 968 16.13 -75.08 2.74
C UNK C 968 17.39 -75.59 3.42
N UNK C 969 18.38 -74.71 3.63
CA UNK C 969 19.59 -75.12 4.34
C UNK C 969 19.27 -75.51 5.77
N UNK C 970 18.39 -74.76 6.43
CA UNK C 970 17.92 -75.09 7.76
C UNK C 970 16.91 -76.22 7.78
N UNK C 971 16.73 -76.89 6.64
CA UNK C 971 16.03 -78.15 6.56
C UNK C 971 16.98 -79.32 6.30
N UNK C 972 17.93 -79.14 5.39
CA UNK C 972 18.94 -80.17 5.16
C UNK C 972 19.78 -80.38 6.41
N UNK C 973 20.35 -79.31 6.95
CA UNK C 973 21.22 -79.44 8.12
C UNK C 973 20.45 -79.89 9.35
N UNK C 974 19.14 -80.06 9.22
CA UNK C 974 18.31 -80.52 10.33
C UNK C 974 17.56 -81.81 10.05
N UNK C 975 17.68 -82.37 8.84
CA UNK C 975 17.09 -83.68 8.57
C UNK C 975 18.10 -84.80 8.77
N UNK C 976 19.34 -84.61 8.32
CA UNK C 976 20.36 -85.62 8.51
C UNK C 976 20.64 -85.90 9.98
N UNK C 977 20.30 -84.98 10.87
CA UNK C 977 20.45 -85.18 12.30
C UNK C 977 19.29 -85.94 12.91
N UNK C 978 18.47 -86.62 12.10
CA UNK C 978 17.37 -87.44 12.60
C UNK C 978 16.88 -88.40 11.51
N UNK C 979 18.43 -94.39 6.15
CA UNK C 979 18.17 -93.05 5.63
C UNK C 979 17.85 -93.12 4.15
N UNK C 980 18.33 -94.18 3.49
CA UNK C 980 18.04 -94.37 2.08
C UNK C 980 16.62 -94.84 1.83
N UNK C 981 15.89 -95.22 2.89
CA UNK C 981 14.50 -95.63 2.71
C UNK C 981 13.64 -94.50 2.18
N UNK C 982 14.04 -93.25 2.39
CA UNK C 982 13.38 -92.08 1.83
C UNK C 982 14.22 -91.38 0.77
N UNK C 983 15.55 -91.33 0.95
CA UNK C 983 16.40 -90.75 -0.06
C UNK C 983 16.25 -91.47 -1.39
N UNK C 984 16.01 -92.79 -1.35
CA UNK C 984 15.66 -93.50 -2.56
C UNK C 984 14.22 -93.24 -2.98
N UNK C 985 13.36 -92.90 -2.02
CA UNK C 985 11.97 -92.61 -2.35
C UNK C 985 11.87 -91.36 -3.22
N UNK C 986 12.62 -90.31 -2.86
CA UNK C 986 12.68 -89.12 -3.71
C UNK C 986 13.59 -89.37 -4.91
N UNK C 987 14.69 -90.08 -4.71
CA UNK C 987 15.61 -90.38 -5.82
C UNK C 987 14.90 -91.11 -6.94
N UNK C 988 13.84 -91.86 -6.63
CA UNK C 988 13.07 -92.55 -7.65
C UNK C 988 12.43 -91.57 -8.62
N UNK C 989 11.48 -90.77 -8.14
CA UNK C 989 10.84 -89.77 -9.00
C UNK C 989 10.42 -88.59 -8.13
N UNK C 990 11.31 -87.61 -8.01
CA UNK C 990 10.99 -86.36 -7.34
C UNK C 990 11.25 -85.15 -8.23
N UNK C 991 12.37 -85.12 -8.94
CA UNK C 991 12.71 -83.96 -9.76
C UNK C 991 11.98 -83.96 -11.09
N UNK C 992 11.05 -84.89 -11.32
CA UNK C 992 10.37 -84.97 -12.60
C UNK C 992 9.26 -83.93 -12.70
N UNK C 993 8.24 -84.05 -11.85
CA UNK C 993 7.14 -83.09 -11.89
C UNK C 993 7.64 -81.70 -11.53
N UNK C 994 8.49 -81.60 -10.51
CA UNK C 994 9.12 -80.31 -10.21
C UNK C 994 9.94 -79.82 -11.39
N UNK C 995 10.57 -80.74 -12.11
CA UNK C 995 11.34 -80.35 -13.29
C UNK C 995 10.43 -79.72 -14.35
N UNK C 996 9.22 -80.27 -14.52
CA UNK C 996 8.28 -79.66 -15.45
C UNK C 996 7.94 -78.24 -15.02
N UNK C 997 7.82 -78.01 -13.71
CA UNK C 997 7.70 -76.66 -13.17
C UNK C 997 9.05 -75.99 -13.02
N UNK C 998 10.14 -76.67 -13.41
CA UNK C 998 11.48 -76.09 -13.41
C UNK C 998 11.98 -75.95 -14.84
N UNK C 999 14.13 -68.97 -7.43
CA UNK C 999 13.17 -70.07 -7.55
C UNK C 999 13.86 -71.41 -7.46
N UNK C 1000 14.45 -71.83 -8.57
CA UNK C 1000 15.07 -73.15 -8.64
C UNK C 1000 16.35 -73.22 -7.80
N UNK C 1001 17.04 -72.08 -7.61
CA UNK C 1001 18.25 -72.08 -6.81
C UNK C 1001 17.99 -72.53 -5.37
N UNK C 1002 16.73 -72.47 -4.92
CA UNK C 1002 16.38 -73.08 -3.64
C UNK C 1002 16.56 -74.59 -3.72
N UNK C 1003 15.88 -75.23 -4.67
CA UNK C 1003 15.95 -76.69 -4.77
C UNK C 1003 17.37 -77.16 -5.05
N UNK C 1004 18.09 -76.45 -5.91
CA UNK C 1004 19.49 -76.78 -6.12
C UNK C 1004 20.30 -76.58 -4.85
N UNK C 1005 19.96 -75.57 -4.04
CA UNK C 1005 20.62 -75.42 -2.75
C UNK C 1005 20.28 -76.57 -1.81
N UNK C 1006 19.15 -77.24 -2.02
CA UNK C 1006 18.83 -78.41 -1.22
C UNK C 1006 19.60 -79.64 -1.68
N UNK C 1007 19.59 -79.92 -2.99
CA UNK C 1007 20.31 -81.08 -3.50
C UNK C 1007 21.79 -80.96 -3.22
N UNK C 1008 22.39 -79.82 -3.60
CA UNK C 1008 23.78 -79.57 -3.25
C UNK C 1008 23.97 -79.53 -1.74
N UNK C 1009 22.94 -79.09 -1.01
CA UNK C 1009 23.02 -79.12 0.44
C UNK C 1009 23.23 -80.54 0.95
N UNK C 1010 22.58 -81.52 0.31
CA UNK C 1010 22.77 -82.91 0.72
C UNK C 1010 24.10 -83.46 0.23
N UNK C 1011 24.44 -83.21 -1.04
CA UNK C 1011 25.68 -83.75 -1.59
C UNK C 1011 26.91 -83.21 -0.88
N UNK C 1012 26.81 -82.02 -0.28
CA UNK C 1012 27.94 -81.49 0.48
C UNK C 1012 28.25 -82.38 1.68
N UNK C 1013 27.22 -82.92 2.32
CA UNK C 1013 27.43 -83.88 3.39
C UNK C 1013 27.60 -85.30 2.88
N UNK C 1014 27.25 -85.57 1.62
CA UNK C 1014 27.41 -86.89 1.06
C UNK C 1014 28.89 -87.24 0.86
N UNK C 1015 29.72 -86.24 0.58
CA UNK C 1015 31.16 -86.47 0.49
C UNK C 1015 31.80 -86.68 1.83
N UNK C 1016 31.02 -86.78 2.89
CA UNK C 1016 31.55 -87.03 4.22
C UNK C 1016 30.49 -87.71 5.08
N UNK C 1017 30.89 -101.46 -0.30
CA UNK C 1017 29.54 -101.76 -0.74
C UNK C 1017 28.74 -100.47 -0.87
N UNK C 1018 29.15 -99.46 -0.13
CA UNK C 1018 28.50 -98.15 -0.24
C UNK C 1018 28.82 -97.47 -1.56
N UNK C 1019 29.85 -97.93 -2.28
CA UNK C 1019 30.28 -97.27 -3.50
C UNK C 1019 29.37 -97.57 -4.68
N UNK C 1020 28.75 -98.75 -4.72
CA UNK C 1020 27.81 -99.06 -5.79
C UNK C 1020 26.53 -98.25 -5.62
N UNK C 1021 26.05 -98.11 -4.39
CA UNK C 1021 24.87 -97.28 -4.15
C UNK C 1021 25.19 -95.80 -4.37
N UNK C 1022 26.39 -95.37 -3.96
CA UNK C 1022 26.77 -93.97 -4.16
C UNK C 1022 26.86 -93.63 -5.65
N UNK C 1023 27.71 -94.37 -6.38
CA UNK C 1023 27.83 -94.14 -7.82
C UNK C 1023 26.51 -94.38 -8.53
N UNK C 1024 25.65 -95.23 -7.97
CA UNK C 1024 24.31 -95.40 -8.50
C UNK C 1024 23.48 -94.14 -8.31
N UNK C 1025 23.67 -93.45 -7.18
CA UNK C 1025 22.98 -92.19 -6.96
C UNK C 1025 23.49 -91.12 -7.90
N UNK C 1026 24.81 -91.01 -8.05
CA UNK C 1026 25.37 -90.01 -8.95
C UNK C 1026 24.94 -90.26 -10.39
N UNK C 1027 24.95 -91.53 -10.81
CA UNK C 1027 24.49 -91.86 -12.15
C UNK C 1027 23.01 -91.59 -12.32
N UNK C 1028 22.22 -91.85 -11.27
CA UNK C 1028 20.81 -91.49 -11.30
C UNK C 1028 20.63 -89.99 -11.44
N UNK C 1029 21.55 -89.20 -10.88
CA UNK C 1029 21.47 -87.75 -11.01
C UNK C 1029 21.81 -87.30 -12.42
N UNK C 1030 22.92 -87.79 -12.97
CA UNK C 1030 23.28 -87.45 -14.34
C UNK C 1030 22.18 -87.87 -15.30
N UNK C 1031 21.51 -88.98 -15.01
CA UNK C 1031 20.34 -89.36 -15.79
C UNK C 1031 19.18 -88.39 -15.58
N UNK C 1032 19.05 -87.85 -14.37
CA UNK C 1032 17.97 -86.91 -14.09
C UNK C 1032 18.16 -85.63 -14.90
N UNK C 1033 19.29 -84.95 -14.72
CA UNK C 1033 19.53 -83.72 -15.46
C UNK C 1033 19.64 -83.98 -16.95
N UNK C 1034 20.07 -85.18 -17.34
CA UNK C 1034 20.10 -85.54 -18.74
C UNK C 1034 18.69 -85.54 -19.33
N UNK C 1035 17.77 -86.26 -18.68
CA UNK C 1035 16.40 -86.29 -19.16
C UNK C 1035 15.76 -84.90 -19.11
N UNK C 1036 16.11 -84.11 -18.08
CA UNK C 1036 15.54 -82.78 -17.94
C UNK C 1036 16.09 -81.81 -18.97
N UNK C 1037 17.27 -82.11 -19.53
CA UNK C 1037 17.97 -81.19 -20.41
C UNK C 1037 17.23 -80.95 -21.72
N UNK C 1038 16.06 -81.55 -21.88
CA UNK C 1038 15.27 -81.42 -23.10
C UNK C 1038 14.86 -79.97 -23.35
N UNK C 1039 11.64 -71.23 -22.67
CA UNK C 1039 13.00 -71.44 -22.18
C UNK C 1039 12.98 -71.94 -20.75
N UNK C 1040 11.79 -71.96 -20.15
CA UNK C 1040 11.64 -72.27 -18.74
C UNK C 1040 12.29 -73.59 -18.39
N UNK C 1041 11.89 -74.67 -19.07
CA UNK C 1041 12.48 -75.97 -18.81
C UNK C 1041 13.98 -75.95 -19.03
N UNK C 1042 14.46 -75.06 -19.89
CA UNK C 1042 15.89 -74.89 -20.09
C UNK C 1042 16.50 -73.89 -19.13
N UNK C 1043 15.83 -72.76 -18.89
CA UNK C 1043 16.40 -71.72 -18.05
C UNK C 1043 16.53 -72.20 -16.61
N UNK C 1044 15.41 -72.61 -16.00
CA UNK C 1044 15.45 -73.06 -14.62
C UNK C 1044 16.38 -74.24 -14.45
N UNK C 1045 16.58 -75.04 -15.50
CA UNK C 1045 17.56 -76.10 -15.44
C UNK C 1045 18.97 -75.54 -15.43
N UNK C 1046 19.23 -74.52 -16.26
CA UNK C 1046 20.56 -73.92 -16.30
C UNK C 1046 20.91 -73.30 -14.96
N UNK C 1047 20.01 -72.47 -14.42
CA UNK C 1047 20.25 -71.90 -13.10
C UNK C 1047 20.31 -73.00 -12.04
N UNK C 1048 19.57 -74.09 -12.25
CA UNK C 1048 19.64 -75.21 -11.32
C UNK C 1048 21.06 -75.77 -11.25
N UNK C 1049 21.65 -76.04 -12.41
CA UNK C 1049 23.03 -76.53 -12.43
C UNK C 1049 24.00 -75.47 -11.92
N UNK C 1050 23.68 -74.19 -12.12
CA UNK C 1050 24.52 -73.13 -11.59
C UNK C 1050 24.68 -73.26 -10.08
N UNK C 1051 23.58 -73.55 -9.39
CA UNK C 1051 23.61 -73.73 -7.95
C UNK C 1051 23.82 -75.17 -7.54
N UNK C 1052 24.05 -76.08 -8.49
CA UNK C 1052 24.25 -77.49 -8.16
C UNK C 1052 25.73 -77.84 -8.03
N UNK C 1053 26.57 -77.36 -8.94
CA UNK C 1053 27.99 -77.67 -8.90
C UNK C 1053 28.70 -76.92 -7.77
N UNK C 1054 35.09 -89.50 -16.38
CA UNK C 1054 34.03 -89.78 -17.35
C UNK C 1054 32.75 -89.05 -16.98
N UNK C 1055 32.52 -88.90 -15.68
CA UNK C 1055 31.36 -88.14 -15.21
C UNK C 1055 31.39 -86.72 -15.76
N UNK C 1056 32.54 -86.05 -15.62
CA UNK C 1056 32.71 -84.74 -16.23
C UNK C 1056 32.52 -84.80 -17.73
N UNK C 1057 33.02 -85.87 -18.37
CA UNK C 1057 32.78 -86.06 -19.79
C UNK C 1057 31.32 -86.37 -20.07
N UNK C 1058 30.70 -87.21 -19.23
CA UNK C 1058 29.27 -87.45 -19.32
C UNK C 1058 28.48 -86.16 -19.25
N UNK C 1059 29.06 -85.11 -18.65
CA UNK C 1059 28.46 -83.78 -18.72
C UNK C 1059 28.88 -83.06 -19.99
N UNK C 1060 30.09 -83.34 -20.48
CA UNK C 1060 30.57 -82.66 -21.68
C UNK C 1060 29.72 -83.02 -22.90
N UNK C 1061 29.14 -84.21 -22.91
CA UNK C 1061 28.30 -84.63 -24.03
C UNK C 1061 27.21 -83.61 -24.31
N UNK C 1062 26.37 -83.34 -23.31
CA UNK C 1062 25.35 -82.30 -23.46
C UNK C 1062 25.96 -80.91 -23.42
N UNK C 1063 27.13 -80.73 -22.81
CA UNK C 1063 27.79 -79.44 -22.82
C UNK C 1063 28.11 -78.99 -24.23
N UNK C 1064 28.32 -79.93 -25.14
CA UNK C 1064 28.40 -79.62 -26.55
C UNK C 1064 27.05 -79.74 -27.25
N UNK C 1065 26.18 -80.63 -26.76
CA UNK C 1065 24.90 -80.85 -27.41
C UNK C 1065 23.93 -79.68 -27.26
N UNK C 1066 24.22 -78.76 -26.34
CA UNK C 1066 23.25 -77.71 -26.02
C UNK C 1066 23.13 -76.69 -27.15
N UNK C 1067 24.25 -76.34 -27.78
CA UNK C 1067 24.23 -75.30 -28.79
C UNK C 1067 23.59 -75.72 -30.09
N UNK C 1068 22.91 -76.86 -30.15
CA UNK C 1068 22.32 -77.34 -31.40
C UNK C 1068 21.20 -76.41 -31.88
N UNK C 1069 21.52 -69.37 -24.87
CA UNK C 1069 22.30 -70.50 -24.40
C UNK C 1069 23.63 -70.03 -23.82
N UNK C 1070 23.74 -68.73 -23.60
CA UNK C 1070 24.97 -68.17 -23.04
C UNK C 1070 25.24 -68.71 -21.64
N UNK C 1071 24.17 -68.98 -20.87
CA UNK C 1071 24.35 -69.51 -19.52
C UNK C 1071 25.07 -70.85 -19.56
N UNK C 1072 24.48 -71.84 -20.24
CA UNK C 1072 25.11 -73.15 -20.32
C UNK C 1072 26.45 -73.08 -21.04
N UNK C 1073 26.60 -72.13 -21.95
CA UNK C 1073 27.91 -71.89 -22.53
C UNK C 1073 28.92 -71.53 -21.45
N UNK C 1074 28.50 -70.73 -20.47
CA UNK C 1074 29.38 -70.40 -19.36
C UNK C 1074 29.61 -71.62 -18.46
N UNK C 1075 28.57 -72.41 -18.24
CA UNK C 1075 28.73 -73.63 -17.46
C UNK C 1075 29.76 -74.54 -18.09
N UNK C 1076 29.83 -74.57 -19.42
CA UNK C 1076 30.88 -75.31 -20.10
C UNK C 1076 32.25 -74.81 -19.71
N UNK C 1077 32.36 -73.52 -19.39
CA UNK C 1077 33.62 -72.97 -18.89
C UNK C 1077 33.82 -73.25 -17.41
N UNK C 1078 32.75 -73.47 -16.65
CA UNK C 1078 32.89 -73.79 -15.24
C UNK C 1078 33.39 -75.21 -15.01
N UNK C 1079 33.31 -76.08 -16.02
CA UNK C 1079 33.75 -77.46 -15.89
C UNK C 1079 35.13 -77.66 -16.52
N GLN D 5 -21.16 64.81 -33.50
CA GLN D 5 -21.28 64.61 -32.06
C GLN D 5 -22.65 65.06 -31.57
N LYS D 6 -23.29 65.92 -32.34
CA LYS D 6 -24.65 66.35 -31.99
C LYS D 6 -25.57 65.16 -31.83
N GLN D 7 -25.34 64.10 -32.62
CA GLN D 7 -26.21 62.93 -32.55
C GLN D 7 -26.02 62.19 -31.22
N ILE D 8 -24.79 62.13 -30.73
CA ILE D 8 -24.52 61.35 -29.52
C ILE D 8 -25.30 61.90 -28.34
N ASP D 9 -25.06 63.16 -27.98
CA ASP D 9 -25.88 63.75 -26.93
C ASP D 9 -27.34 63.79 -27.33
N GLN D 10 -27.60 63.86 -28.64
CA GLN D 10 -28.95 63.90 -29.16
C GLN D 10 -29.74 62.66 -28.78
N VAL D 11 -29.08 61.53 -28.56
CA VAL D 11 -29.77 60.33 -28.11
C VAL D 11 -29.58 60.17 -26.61
N ARG D 12 -28.48 60.69 -26.09
CA ARG D 12 -28.20 60.57 -24.67
C ARG D 12 -29.28 61.27 -23.85
N THR D 13 -29.73 62.44 -24.28
CA THR D 13 -30.85 63.06 -23.60
C THR D 13 -32.12 62.23 -23.74
N LYS D 14 -32.24 61.48 -24.83
CA LYS D 14 -33.39 60.60 -24.99
C LYS D 14 -33.41 59.52 -23.94
N VAL D 15 -32.28 58.84 -23.74
CA VAL D 15 -32.26 57.78 -22.74
C VAL D 15 -32.32 58.35 -21.34
N HIS D 16 -31.93 59.61 -21.15
CA HIS D 16 -31.86 60.12 -19.79
C HIS D 16 -33.23 60.39 -19.20
N TYR D 17 -34.29 60.47 -20.02
CA TYR D 17 -35.62 60.77 -19.51
C TYR D 17 -36.62 59.64 -19.74
N SER D 18 -36.16 58.40 -19.86
CA SER D 18 -37.09 57.30 -20.08
C SER D 18 -37.94 57.08 -18.84
N GLU D 19 -39.19 56.65 -19.05
CA GLU D 19 -40.10 56.38 -17.95
C GLU D 19 -40.99 55.21 -18.31
N VAL D 20 -41.44 54.48 -17.28
CA VAL D 20 -42.42 53.44 -17.50
C VAL D 20 -43.78 53.88 -17.00
N ASP D 21 -43.93 54.02 -15.68
CA ASP D 21 -45.11 54.58 -15.03
C ASP D 21 -46.41 54.04 -15.63
N THR D 22 -46.61 52.74 -15.47
CA THR D 22 -47.74 52.07 -16.12
C THR D 22 -49.11 52.60 -15.70
N PRO D 23 -49.45 52.71 -14.41
CA PRO D 23 -50.87 52.98 -14.09
C PRO D 23 -51.38 54.27 -14.67
N PHE D 24 -50.56 55.33 -14.65
CA PHE D 24 -50.91 56.58 -15.30
C PHE D 24 -51.32 56.36 -16.74
N ASN D 25 -50.46 55.70 -17.51
CA ASN D 25 -50.77 55.37 -18.89
C ASN D 25 -52.08 54.63 -19.00
N LYS D 26 -52.28 53.63 -18.13
CA LYS D 26 -53.53 52.91 -18.13
C LYS D 26 -54.71 53.83 -17.95
N TYR D 27 -54.56 54.90 -17.17
CA TYR D 27 -55.67 55.82 -17.04
C TYR D 27 -55.87 56.61 -18.33
N LEU D 28 -54.79 57.08 -18.94
CA LEU D 28 -54.94 57.85 -20.17
C LEU D 28 -55.68 57.05 -21.23
N ASP D 29 -55.43 55.74 -21.31
CA ASP D 29 -56.11 54.93 -22.31
C ASP D 29 -57.63 55.00 -22.15
N ILE D 30 -58.13 54.61 -20.97
CA ILE D 30 -59.56 54.65 -20.72
C ILE D 30 -60.09 56.06 -20.84
N LEU D 31 -59.23 57.06 -20.69
CA LEU D 31 -59.68 58.43 -20.87
C LEU D 31 -59.99 58.70 -22.35
N GLY D 32 -59.00 58.47 -23.21
CA GLY D 32 -59.19 58.79 -24.61
C GLY D 32 -60.22 57.92 -25.30
N LYS D 33 -60.35 56.66 -24.89
CA LYS D 33 -61.29 55.77 -25.56
C LYS D 33 -62.70 56.36 -25.55
N VAL D 34 -63.09 56.96 -24.43
CA VAL D 34 -64.42 57.55 -24.33
C VAL D 34 -64.56 58.69 -25.33
N THR D 35 -63.50 59.47 -25.52
CA THR D 35 -63.55 60.56 -26.51
C THR D 35 -63.76 59.99 -27.90
N LYS D 36 -62.89 59.06 -28.30
CA LYS D 36 -63.00 58.49 -29.64
C LYS D 36 -64.39 57.96 -29.89
N LEU D 37 -64.96 57.27 -28.91
CA LEU D 37 -66.34 56.84 -29.08
C LEU D 37 -67.32 58.01 -29.04
N THR D 38 -66.92 59.15 -28.49
CA THR D 38 -67.85 60.25 -28.33
C THR D 38 -67.98 61.06 -29.60
N GLY D 39 -66.94 61.11 -30.41
CA GLY D 39 -66.99 61.86 -31.66
C GLY D 39 -68.19 61.56 -32.53
N SER D 40 -68.77 60.37 -32.38
CA SER D 40 -69.94 59.99 -33.14
C SER D 40 -71.22 60.24 -32.36
N GLN D 59 -75.50 48.49 -23.67
CA GLN D 59 -75.40 48.45 -22.22
C GLN D 59 -73.96 48.26 -21.77
N ASN D 60 -73.15 47.69 -22.66
CA ASN D 60 -71.76 47.38 -22.36
C ASN D 60 -71.01 48.58 -21.77
N ILE D 61 -71.52 49.79 -21.98
CA ILE D 61 -70.88 50.98 -21.43
C ILE D 61 -70.82 50.93 -19.91
N SER D 62 -71.83 50.33 -19.28
CA SER D 62 -71.77 50.14 -17.83
C SER D 62 -70.48 49.43 -17.45
N GLN D 63 -70.08 48.43 -18.24
CA GLN D 63 -68.82 47.76 -18.04
C GLN D 63 -67.67 48.77 -17.96
N LEU D 64 -67.59 49.68 -18.93
CA LEU D 64 -66.60 50.75 -18.88
C LEU D 64 -66.67 51.49 -17.56
N LYS D 65 -67.87 51.85 -17.13
CA LYS D 65 -68.05 52.53 -15.87
C LYS D 65 -67.27 51.83 -14.76
N GLU D 66 -67.36 50.50 -14.72
CA GLU D 66 -66.58 49.72 -13.77
C GLU D 66 -65.11 50.08 -13.89
N SER D 67 -64.53 49.81 -15.06
CA SER D 67 -63.13 50.15 -15.27
C SER D 67 -62.86 51.63 -15.08
N ALA D 68 -63.90 52.46 -15.14
CA ALA D 68 -63.73 53.87 -14.86
C ALA D 68 -63.25 54.07 -13.43
N HIS D 69 -63.96 53.50 -12.46
CA HIS D 69 -63.63 53.76 -11.07
C HIS D 69 -62.32 53.10 -10.69
N LEU D 70 -62.18 51.82 -11.02
CA LEU D 70 -60.99 51.06 -10.62
C LEU D 70 -59.72 51.78 -11.00
N ARG D 71 -59.51 52.00 -12.29
CA ARG D 71 -58.30 52.64 -12.76
C ARG D 71 -58.11 54.02 -12.15
N PHE D 72 -59.21 54.68 -11.80
CA PHE D 72 -59.08 55.98 -11.15
C PHE D 72 -58.49 55.86 -9.76
N LEU D 73 -58.92 54.87 -8.99
CA LEU D 73 -58.41 54.71 -7.64
C LEU D 73 -56.92 54.41 -7.67
N ASP D 74 -56.55 53.35 -8.39
CA ASP D 74 -55.16 52.89 -8.44
C ASP D 74 -54.22 54.06 -8.68
N LEU D 75 -54.38 54.74 -9.82
CA LEU D 75 -53.57 55.90 -10.13
C LEU D 75 -53.42 56.81 -8.92
N GLN D 76 -54.55 57.22 -8.35
CA GLN D 76 -54.52 58.10 -7.20
C GLN D 76 -53.61 57.55 -6.12
N SER D 77 -53.87 56.31 -5.70
CA SER D 77 -53.08 55.70 -4.64
C SER D 77 -51.60 55.82 -4.92
N SER D 78 -51.20 55.57 -6.17
CA SER D 78 -49.79 55.66 -6.53
C SER D 78 -49.20 56.98 -6.09
N ILE D 79 -49.81 58.09 -6.53
CA ILE D 79 -49.28 59.40 -6.20
C ILE D 79 -49.11 59.54 -4.71
N ASP D 80 -50.08 59.03 -3.94
CA ASP D 80 -50.01 59.13 -2.49
C ASP D 80 -48.66 58.62 -1.98
N THR D 81 -48.27 57.43 -2.42
CA THR D 81 -47.01 56.87 -1.94
C THR D 81 -45.85 57.79 -2.29
N LYS D 82 -45.83 58.31 -3.52
CA LYS D 82 -44.73 59.19 -3.90
C LYS D 82 -44.72 60.45 -3.07
N LYS D 83 -45.88 60.86 -2.56
CA LYS D 83 -45.90 62.02 -1.69
C LYS D 83 -45.36 61.65 -0.31
N VAL D 84 -45.58 60.42 0.12
CA VAL D 84 -45.10 59.99 1.43
C VAL D 84 -43.60 59.74 1.39
N ALA D 85 -43.16 58.90 0.45
CA ALA D 85 -41.76 58.49 0.41
C ALA D 85 -40.83 59.69 0.38
N ASP D 86 -41.05 60.59 -0.58
CA ASP D 86 -40.21 61.78 -0.69
C ASP D 86 -40.12 62.54 0.62
N GLU D 87 -41.23 62.57 1.36
CA GLU D 87 -41.20 63.18 2.69
C GLU D 87 -40.23 62.45 3.60
N ASN D 88 -40.44 61.15 3.77
CA ASN D 88 -39.67 60.39 4.76
C ASN D 88 -38.18 60.54 4.53
N TRP D 89 -37.71 60.22 3.32
CA TRP D 89 -36.31 60.37 2.99
C TRP D 89 -35.76 61.70 3.47
N GLU D 90 -36.50 62.78 3.21
CA GLU D 90 -36.02 64.10 3.60
C GLU D 90 -35.65 64.14 5.07
N THR D 91 -36.56 63.71 5.93
CA THR D 91 -36.29 63.76 7.36
C THR D 91 -35.06 62.93 7.71
N CYS D 92 -34.87 61.80 7.05
CA CYS D 92 -33.73 60.96 7.36
C CYS D 92 -32.42 61.68 7.06
N GLN D 93 -32.42 62.63 6.14
CA GLN D 93 -31.22 63.39 5.88
C GLN D 93 -31.04 64.55 6.84
N GLN D 94 -32.08 64.93 7.57
CA GLN D 94 -31.91 66.00 8.54
C GLN D 94 -31.43 65.49 9.88
N GLU D 95 -32.00 64.40 10.38
CA GLU D 95 -31.52 63.81 11.63
C GLU D 95 -30.03 63.54 11.56
N THR D 96 -29.63 62.70 10.60
CA THR D 96 -28.22 62.41 10.43
C THR D 96 -27.40 63.66 10.21
N LEU D 97 -28.04 64.76 9.81
CA LEU D 97 -27.33 66.03 9.71
C LEU D 97 -27.09 66.62 11.09
N ALA D 98 -28.15 66.76 11.88
CA ALA D 98 -27.99 67.32 13.21
C ALA D 98 -27.09 66.44 14.06
N LYS D 99 -27.19 65.12 13.87
CA LYS D 99 -26.31 64.20 14.56
C LYS D 99 -24.85 64.56 14.33
N LEU D 100 -24.52 65.08 13.16
CA LEU D 100 -23.14 65.39 12.86
C LEU D 100 -22.67 66.66 13.57
N GLU D 101 -23.58 67.46 14.09
CA GLU D 101 -23.18 68.70 14.74
C GLU D 101 -22.62 68.45 16.14
N ASN D 102 -23.46 67.96 17.05
CA ASN D 102 -23.06 67.84 18.46
C ASN D 102 -22.11 66.65 18.62
N LEU D 103 -20.88 66.87 18.18
CA LEU D 103 -19.82 65.89 18.39
C LEU D 103 -18.87 66.31 19.50
N LYS D 104 -19.28 67.27 20.31
CA LYS D 104 -18.52 67.57 21.53
C LYS D 104 -18.69 66.48 22.56
N ASP D 105 -19.91 65.99 22.73
CA ASP D 105 -20.20 65.03 23.80
C ASP D 105 -19.51 63.69 23.59
N LYS D 106 -19.19 63.33 22.35
CA LYS D 106 -18.79 61.97 22.06
C LYS D 106 -17.30 61.73 22.19
N LEU D 107 -16.50 62.78 22.19
CA LEU D 107 -15.06 62.61 22.29
C LEU D 107 -14.56 62.08 23.64
N PRO D 108 -15.07 62.56 24.79
CA PRO D 108 -14.43 62.14 26.05
C PRO D 108 -14.41 60.64 26.25
N ASP D 109 -15.52 59.98 25.99
CA ASP D 109 -15.60 58.54 26.19
C ASP D 109 -14.58 57.81 25.32
N ILE D 110 -14.64 58.05 24.01
CA ILE D 110 -13.73 57.35 23.11
C ILE D 110 -12.30 57.64 23.48
N LYS D 111 -12.01 58.83 24.02
CA LYS D 111 -10.67 59.10 24.48
C LYS D 111 -10.34 58.28 25.73
N SER D 112 -11.34 57.99 26.57
CA SER D 112 -11.08 57.14 27.73
C SER D 112 -10.69 55.74 27.30
N ILE D 113 -11.51 55.13 26.43
CA ILE D 113 -11.16 53.80 25.92
C ILE D 113 -9.78 53.82 25.30
N HIS D 114 -9.51 54.82 24.47
CA HIS D 114 -8.19 54.92 23.86
C HIS D 114 -7.09 54.99 24.91
N SER D 115 -7.36 55.63 26.05
CA SER D 115 -6.37 55.66 27.11
C SER D 115 -6.10 54.27 27.66
N LYS D 116 -7.17 53.56 28.04
CA LYS D 116 -6.99 52.21 28.58
C LYS D 116 -6.17 51.35 27.64
N LEU D 117 -6.56 51.33 26.36
CA LEU D 117 -5.78 50.53 25.42
C LEU D 117 -4.37 51.07 25.28
N LEU D 118 -4.13 52.34 25.57
CA LEU D 118 -2.77 52.82 25.59
C LEU D 118 -1.98 52.35 26.79
N LEU D 119 -2.64 51.92 27.87
CA LEU D 119 -1.85 51.42 28.98
C LEU D 119 -1.66 49.91 28.95
N ARG D 120 -2.63 49.16 28.41
CA ARG D 120 -2.45 47.71 28.31
C ARG D 120 -1.16 47.36 27.57
N ILE D 121 -0.92 48.02 26.44
CA ILE D 121 0.30 47.75 25.69
C ILE D 121 1.52 48.00 26.56
N GLY D 122 1.47 49.04 27.39
CA GLY D 122 2.59 49.28 28.29
C GLY D 122 2.83 48.12 29.22
N LYS D 123 1.78 47.67 29.91
CA LYS D 123 1.95 46.58 30.87
C LYS D 123 2.49 45.34 30.17
N LEU D 124 1.84 44.91 29.09
CA LEU D 124 2.30 43.74 28.36
C LEU D 124 3.76 43.90 27.98
N GLN D 125 4.14 45.09 27.54
CA GLN D 125 5.52 45.32 27.16
C GLN D 125 6.47 45.07 28.33
N GLY D 126 6.09 45.55 29.51
CA GLY D 126 6.90 45.26 30.68
C GLY D 126 7.04 43.77 30.93
N LEU D 127 5.95 43.03 30.74
CA LEU D 127 6.04 41.57 30.89
C LEU D 127 7.07 40.99 29.92
N TYR D 128 6.94 41.30 28.63
CA TYR D 128 7.92 40.84 27.66
C TYR D 128 9.32 41.33 27.97
N ASP D 129 9.48 42.28 28.87
CA ASP D 129 10.83 42.58 29.33
C ASP D 129 11.28 41.62 30.42
N SER D 130 10.42 41.40 31.42
CA SER D 130 10.80 40.53 32.53
C SER D 130 11.16 39.14 32.03
N VAL D 131 10.32 38.56 31.17
CA VAL D 131 10.66 37.26 30.61
C VAL D 131 12.04 37.30 29.97
N GLN D 132 12.36 38.41 29.33
CA GLN D 132 13.66 38.54 28.68
C GLN D 132 14.79 38.46 29.68
N VAL D 133 14.66 39.15 30.82
CA VAL D 133 15.78 39.08 31.75
C VAL D 133 15.87 37.70 32.38
N ILE D 134 14.74 37.04 32.60
CA ILE D 134 14.79 35.67 33.14
C ILE D 134 15.55 34.75 32.20
N ASN D 135 15.17 34.73 30.93
CA ASN D 135 15.90 33.90 29.98
C ASN D 135 17.36 34.28 29.94
N ARG D 136 17.67 35.57 30.01
CA ARG D 136 19.07 35.95 29.96
C ARG D 136 19.83 35.60 31.22
N GLU D 137 19.16 35.22 32.30
CA GLU D 137 19.88 34.81 33.49
C GLU D 137 19.90 33.31 33.72
N VAL D 138 18.93 32.56 33.19
CA VAL D 138 19.05 31.11 33.21
C VAL D 138 20.28 30.67 32.42
N GLU D 139 20.56 31.37 31.32
CA GLU D 139 21.73 31.05 30.51
C GLU D 139 23.02 31.20 31.31
N GLY D 140 23.04 32.06 32.31
CA GLY D 140 24.22 32.18 33.15
C GLY D 140 24.56 30.91 33.88
N LEU D 141 23.72 29.90 33.73
CA LEU D 141 23.90 28.64 34.44
C LEU D 141 24.02 27.48 33.46
N LYS D 197 22.99 23.36 38.21
CA LYS D 197 22.30 22.93 37.02
C LYS D 197 21.16 21.97 37.34
N GLY D 198 19.97 22.51 37.53
CA GLY D 198 18.80 21.72 37.86
C GLY D 198 18.36 21.92 39.30
N PRO D 199 17.26 22.66 39.49
CA PRO D 199 16.83 22.99 40.87
C PRO D 199 16.31 21.78 41.63
N LYS D 200 15.42 21.01 41.03
CA LYS D 200 14.91 19.80 41.66
C LYS D 200 15.67 18.56 41.24
N GLU D 201 16.57 18.68 40.27
CA GLU D 201 17.48 17.59 39.97
C GLU D 201 18.45 17.36 41.12
N LEU D 202 19.12 18.42 41.55
CA LEU D 202 20.04 18.36 42.67
C LEU D 202 19.30 18.02 43.96
N GLU D 203 17.99 17.93 43.89
CA GLU D 203 17.18 17.50 45.02
C GLU D 203 17.09 15.98 45.07
N SER D 204 16.50 15.39 44.02
CA SER D 204 16.36 13.95 43.99
C SER D 204 17.71 13.25 43.96
N ILE D 205 18.72 13.88 43.38
CA ILE D 205 20.04 13.28 43.37
C ILE D 205 20.60 13.17 44.78
N ASN D 206 20.54 14.25 45.53
CA ASN D 206 21.05 14.20 46.90
C ASN D 206 20.22 13.24 47.75
N ALA D 207 18.90 13.24 47.54
CA ALA D 207 18.05 12.30 48.27
C ALA D 207 18.47 10.86 47.99
N SER D 208 18.71 10.54 46.72
CA SER D 208 19.16 9.19 46.39
C SER D 208 20.52 8.91 47.02
N MET D 209 21.40 9.90 47.07
CA MET D 209 22.72 9.69 47.63
C MET D 209 22.67 9.41 49.13
N LYS D 210 21.71 10.00 49.83
CA LYS D 210 21.58 9.74 51.26
C LYS D 210 20.74 8.51 51.57
N SER D 211 19.89 8.08 50.64
CA SER D 211 18.95 7.02 50.95
C SER D 211 19.60 5.63 50.95
N ASP D 212 20.71 5.47 50.25
CA ASP D 212 21.26 4.14 50.02
C ASP D 212 22.46 3.82 50.91
N ILE D 213 23.21 4.82 51.35
CA ILE D 213 24.37 4.53 52.20
C ILE D 213 23.95 3.82 53.46
N GLU D 214 22.76 4.13 53.98
CA GLU D 214 22.22 3.33 55.08
C GLU D 214 22.14 1.85 54.71
N ASN D 215 21.69 1.56 53.49
CA ASN D 215 21.55 0.18 53.06
C ASN D 215 22.91 -0.49 52.94
N VAL D 216 23.90 0.24 52.40
CA VAL D 216 25.24 -0.31 52.28
C VAL D 216 25.81 -0.62 53.66
N ARG D 217 25.65 0.30 54.61
CA ARG D 217 26.09 0.04 55.97
C ARG D 217 25.37 -1.16 56.56
N GLN D 218 24.10 -1.33 56.22
CA GLN D 218 23.35 -2.49 56.69
C GLN D 218 23.98 -3.78 56.17
N GLU D 219 24.17 -3.88 54.86
CA GLU D 219 24.67 -5.12 54.28
C GLU D 219 26.09 -5.41 54.73
N VAL D 220 26.95 -4.39 54.80
CA VAL D 220 28.30 -4.65 55.27
C VAL D 220 28.28 -5.12 56.71
N SER D 221 27.32 -4.63 57.51
CA SER D 221 27.18 -5.17 58.85
C SER D 221 26.68 -6.61 58.82
N SER D 222 25.91 -6.98 57.79
CA SER D 222 25.45 -8.36 57.68
C SER D 222 26.58 -9.31 57.31
N TYR D 223 27.52 -8.86 56.47
CA TYR D 223 28.65 -9.72 56.15
C TYR D 223 29.64 -9.80 57.30
N LYS D 224 29.88 -8.68 57.97
CA LYS D 224 30.66 -8.75 59.19
C LYS D 224 30.02 -9.66 60.23
N GLU D 225 28.69 -9.74 60.22
CA GLU D 225 28.01 -10.66 61.13
C GLU D 225 28.24 -12.10 60.70
N LYS D 226 27.88 -12.44 59.46
CA LYS D 226 27.85 -13.83 59.03
C LYS D 226 29.24 -14.48 59.03
N TRP D 227 30.30 -13.67 58.96
CA TRP D 227 31.67 -14.18 58.96
C TRP D 227 32.01 -14.97 60.23
N UNK E 68 37.39 6.00 8.80
CA UNK E 68 37.68 4.67 9.34
C UNK E 68 38.94 4.70 10.19
N UNK E 69 39.15 3.62 10.95
CA UNK E 69 40.30 3.49 11.82
C UNK E 69 40.43 2.01 12.19
N UNK E 70 41.23 1.71 13.20
CA UNK E 70 41.39 0.34 13.65
C UNK E 70 41.84 0.34 15.10
N UNK E 71 41.59 -0.77 15.78
CA UNK E 71 41.93 -0.94 17.19
C UNK E 71 42.83 -2.15 17.35
N UNK E 72 43.83 -2.02 18.22
CA UNK E 72 44.77 -3.11 18.48
C UNK E 72 44.12 -4.25 19.26
N SER E 73 31.20 -12.68 20.78
CA SER E 73 30.16 -11.81 21.32
C SER E 73 30.75 -10.66 22.13
N LEU E 74 30.44 -9.44 21.72
CA LEU E 74 30.96 -8.23 22.34
C LEU E 74 29.81 -7.37 22.85
N LYS E 75 30.08 -6.58 23.88
CA LYS E 75 29.06 -5.76 24.50
C LYS E 75 29.62 -4.39 24.88
N PHE E 76 28.78 -3.38 24.75
CA PHE E 76 29.08 -2.02 25.19
C PHE E 76 28.45 -1.77 26.54
N HIS E 77 29.16 -1.04 27.38
CA HIS E 77 28.54 -0.55 28.61
C HIS E 77 27.41 0.40 28.21
N ALA E 78 26.41 0.49 29.08
CA ALA E 78 25.18 1.20 28.70
C ALA E 78 25.45 2.68 28.42
N SER E 79 26.48 3.24 29.02
CA SER E 79 26.78 4.66 28.85
C SER E 79 27.79 4.92 27.76
N GLY E 80 28.09 3.93 26.92
CA GLY E 80 29.08 4.10 25.87
C GLY E 80 30.47 4.34 26.42
N SER E 81 30.65 4.08 27.71
CA SER E 81 31.92 4.38 28.36
C SER E 81 32.99 3.35 28.02
N SER E 82 32.64 2.08 27.99
CA SER E 82 33.63 1.04 27.75
C SER E 82 32.96 -0.12 27.02
N MET E 83 33.79 -1.00 26.45
CA MET E 83 33.30 -2.16 25.73
C MET E 83 34.13 -3.37 26.14
N ALA E 84 33.68 -4.54 25.70
CA ALA E 84 34.42 -5.77 25.97
C ALA E 84 34.04 -6.82 24.95
N TYR E 85 34.97 -7.75 24.70
CA TYR E 85 34.70 -8.79 23.72
C TYR E 85 35.54 -10.02 24.05
N SER E 86 35.07 -11.18 23.58
CA SER E 86 35.72 -12.46 23.83
C SER E 86 36.16 -13.05 22.50
N ARG E 87 37.47 -13.13 22.29
CA ARG E 87 37.98 -13.76 21.09
C ARG E 87 37.77 -15.27 21.17
N MET E 88 38.29 -15.98 20.19
CA MET E 88 38.55 -17.40 20.39
C MET E 88 39.76 -17.53 21.32
N ASP E 89 40.16 -18.78 21.57
CA ASP E 89 41.17 -19.13 22.56
C ASP E 89 40.65 -18.93 23.98
N GLY E 90 39.46 -18.37 24.14
CA GLY E 90 38.86 -18.19 25.44
C GLY E 90 39.12 -16.85 26.10
N SER E 91 40.17 -16.14 25.69
CA SER E 91 40.53 -14.89 26.32
C SER E 91 39.42 -13.85 26.11
N LEU E 92 39.54 -12.75 26.84
CA LEU E 92 38.63 -11.63 26.65
C LEU E 92 39.40 -10.34 26.87
N THR E 93 38.84 -9.24 26.38
CA THR E 93 39.50 -7.94 26.45
C THR E 93 38.47 -6.87 26.74
N VAL E 94 38.88 -5.87 27.50
CA VAL E 94 38.03 -4.75 27.91
C VAL E 94 38.71 -3.45 27.51
N TRP E 95 37.96 -2.59 26.82
CA TRP E 95 38.46 -1.32 26.32
C TRP E 95 37.75 -0.16 26.98
N PHE E 96 38.51 0.86 27.33
CA PHE E 96 37.98 2.11 27.87
C PHE E 96 38.11 3.19 26.81
N ILE E 97 36.98 3.73 26.35
CA ILE E 97 36.98 4.71 25.30
C ILE E 97 37.13 6.10 25.89
N VAL E 106 43.16 2.93 26.33
CA VAL E 106 43.86 1.96 27.17
C VAL E 106 43.07 0.67 27.22
N LYS E 107 43.76 -0.45 27.42
CA LYS E 107 43.14 -1.76 27.36
C LYS E 107 43.44 -2.54 28.62
N VAL E 108 42.63 -3.56 28.87
CA VAL E 108 42.91 -4.54 29.91
C VAL E 108 42.38 -5.90 29.47
N TYR E 109 43.28 -6.87 29.37
CA TYR E 109 42.97 -8.16 28.76
C TYR E 109 43.19 -9.28 29.78
N ILE E 110 42.41 -10.34 29.63
CA ILE E 110 42.52 -11.49 30.51
C ILE E 110 42.54 -12.77 29.68
N PRO E 111 43.53 -13.65 29.88
CA PRO E 111 43.65 -14.94 29.19
C PRO E 111 42.58 -15.94 29.63
N ALA E 120 34.60 -18.46 28.28
CA ALA E 120 33.93 -17.17 28.17
C ALA E 120 32.99 -17.12 26.98
N THR E 121 31.92 -17.92 27.02
CA THR E 121 31.00 -17.95 25.90
C THR E 121 30.11 -16.73 25.84
N ASP E 122 29.87 -16.04 26.95
CA ASP E 122 29.26 -14.71 26.86
C ASP E 122 29.61 -13.91 28.11
N LEU E 123 29.15 -12.67 28.10
CA LEU E 123 29.50 -11.66 29.08
C LEU E 123 28.47 -10.55 28.96
N SER E 124 28.09 -9.95 30.07
CA SER E 124 27.16 -8.83 29.98
C SER E 124 27.42 -7.86 31.10
N TRP E 125 27.35 -6.58 30.77
CA TRP E 125 27.59 -5.52 31.74
C TRP E 125 26.37 -5.34 32.62
N ASN E 126 26.62 -5.07 33.89
CA ASN E 126 25.35 -4.78 34.55
C ASN E 126 25.02 -3.30 34.44
N PRO E 127 23.74 -2.97 34.21
CA PRO E 127 23.37 -1.58 33.97
C PRO E 127 23.52 -0.65 35.18
N THR E 128 23.92 -1.18 36.34
CA THR E 128 24.31 -0.37 37.48
C THR E 128 25.76 -0.70 37.82
N SER E 129 26.34 0.08 38.73
CA SER E 129 27.68 -0.21 39.26
C SER E 129 28.71 -0.27 38.11
N LEU E 130 28.95 0.90 37.54
CA LEU E 130 29.49 1.07 36.20
C LEU E 130 30.65 0.14 35.83
N ASN E 131 31.39 -0.40 36.78
CA ASN E 131 32.48 -1.32 36.45
C ASN E 131 32.26 -2.67 37.13
N GLN E 132 31.41 -3.49 36.52
CA GLN E 132 31.15 -4.87 36.92
C GLN E 132 30.51 -5.58 35.75
N MET E 133 30.68 -6.90 35.70
CA MET E 133 30.18 -7.65 34.57
C MET E 133 30.05 -9.12 34.95
N ALA E 134 29.09 -9.78 34.33
CA ALA E 134 28.82 -11.19 34.55
C ALA E 134 29.37 -11.97 33.38
N VAL E 135 30.28 -12.90 33.66
CA VAL E 135 30.92 -13.72 32.64
C VAL E 135 30.46 -15.15 32.81
N VAL E 136 30.20 -15.81 31.68
CA VAL E 136 29.74 -17.19 31.69
C VAL E 136 30.45 -17.96 30.59
N SER E 137 31.15 -19.02 30.96
CA SER E 137 31.75 -19.95 30.02
C SER E 137 30.74 -21.04 29.70
N ASN E 138 31.19 -22.14 29.12
CA ASN E 138 30.23 -23.18 28.75
C ASN E 138 29.80 -24.00 29.95
N SER E 139 30.65 -24.11 30.98
CA SER E 139 30.38 -25.00 32.09
C SER E 139 29.22 -24.48 32.92
N SER E 140 28.89 -25.23 33.98
CA SER E 140 27.84 -24.83 34.92
C SER E 140 28.44 -24.00 36.05
N GLU E 141 28.84 -22.78 35.68
CA GLU E 141 29.50 -21.91 36.65
C GLU E 141 29.35 -20.47 36.19
N ILE E 142 28.54 -19.69 36.90
CA ILE E 142 28.33 -18.29 36.59
C ILE E 142 29.27 -17.44 37.43
N SER E 143 30.06 -16.59 36.77
CA SER E 143 31.03 -15.77 37.48
C SER E 143 30.62 -14.30 37.42
N LEU E 144 30.91 -13.59 38.49
CA LEU E 144 30.69 -12.14 38.57
C LEU E 144 32.01 -11.48 38.91
N LEU E 145 32.31 -10.35 38.27
CA LEU E 145 33.62 -9.77 38.56
C LEU E 145 33.66 -8.34 38.07
N LEU E 146 34.50 -7.54 38.73
CA LEU E 146 34.73 -6.14 38.38
C LEU E 146 36.10 -5.98 37.73
N ILE E 147 36.37 -4.76 37.28
CA ILE E 147 37.59 -4.42 36.58
C ILE E 147 38.16 -3.15 37.20
N ASN E 148 39.49 -3.01 37.13
CA ASN E 148 40.13 -1.80 37.60
C ASN E 148 40.19 -0.76 36.49
N ALA E 154 42.11 -6.11 36.67
CA ALA E 154 41.32 -7.33 36.78
C ALA E 154 40.93 -7.60 38.23
N SER E 155 39.99 -8.52 38.43
CA SER E 155 39.54 -8.88 39.77
C SER E 155 38.80 -10.20 39.70
N LYS E 156 38.06 -10.52 40.76
CA LYS E 156 37.24 -11.72 40.83
C LYS E 156 36.31 -11.59 42.02
N LEU E 157 35.01 -11.76 41.79
CA LEU E 157 34.04 -11.73 42.86
C LEU E 157 33.37 -13.08 42.97
N ARG E 158 32.32 -13.14 43.78
CA ARG E 158 31.68 -14.40 44.11
C ARG E 158 31.14 -15.09 42.85
N THR E 159 30.79 -16.37 43.01
CA THR E 159 30.26 -17.19 41.93
C THR E 159 28.91 -17.76 42.33
N LEU E 160 28.27 -18.48 41.40
CA LEU E 160 26.92 -18.97 41.63
C LEU E 160 26.77 -20.46 41.35
N SER E 161 27.55 -20.98 40.40
CA SER E 161 27.41 -22.36 39.94
C SER E 161 26.01 -22.64 39.42
N VAL E 168 25.38 -24.07 31.34
CA VAL E 168 24.70 -22.81 31.06
C VAL E 168 25.40 -22.16 29.87
N ASN E 169 24.64 -21.44 29.06
CA ASN E 169 25.15 -21.00 27.77
C ASN E 169 25.08 -19.49 27.60
N SER E 170 24.06 -18.84 28.17
CA SER E 170 23.90 -17.40 27.95
C SER E 170 23.43 -16.72 29.22
N CYS E 171 23.74 -15.43 29.33
CA CYS E 171 23.37 -14.62 30.49
C CYS E 171 23.02 -13.21 30.06
N LEU E 172 22.01 -12.62 30.71
CA LEU E 172 21.51 -11.30 30.33
C LEU E 172 20.94 -10.58 31.54
N TYR E 173 21.33 -9.32 31.72
CA TYR E 173 20.59 -8.47 32.63
C TYR E 173 19.34 -7.94 31.93
N ASP E 174 18.46 -7.35 32.71
CA ASP E 174 17.47 -6.52 32.04
C ASP E 174 17.96 -5.10 31.99
N PRO E 175 17.45 -4.28 31.06
CA PRO E 175 18.05 -2.95 30.87
C PRO E 175 17.93 -2.04 32.07
N LEU E 176 17.12 -2.40 33.08
CA LEU E 176 17.01 -1.61 34.29
C LEU E 176 18.03 -2.03 35.35
N GLY E 177 18.21 -3.33 35.53
CA GLY E 177 19.12 -3.86 36.51
C GLY E 177 18.48 -4.63 37.64
N ASN E 178 17.26 -5.14 37.47
CA ASN E 178 16.62 -5.90 38.53
C ASN E 178 16.91 -7.39 38.43
N TRP E 179 16.89 -7.95 37.24
CA TRP E 179 16.89 -9.39 37.08
C TRP E 179 18.09 -9.82 36.24
N LEU E 180 18.54 -11.04 36.47
CA LEU E 180 19.54 -11.67 35.63
C LEU E 180 18.97 -12.99 35.16
N LEU E 181 19.30 -13.36 33.93
CA LEU E 181 18.73 -14.54 33.29
C LEU E 181 19.85 -15.39 32.73
N ALA E 182 19.75 -16.70 32.94
CA ALA E 182 20.71 -17.66 32.43
C ALA E 182 19.96 -18.71 31.64
N ALA E 183 20.42 -18.98 30.41
CA ALA E 183 19.76 -19.92 29.53
C ALA E 183 20.72 -21.01 29.09
N THR E 184 20.20 -22.23 28.99
CA THR E 184 20.92 -23.39 28.56
C THR E 184 20.34 -23.88 27.23
N LYS E 185 21.14 -24.66 26.50
CA LYS E 185 20.65 -25.25 25.28
C LYS E 185 19.67 -26.37 25.58
N SER E 186 18.38 -26.04 25.68
CA SER E 186 17.32 -27.03 25.83
C SER E 186 17.42 -27.82 27.12
N GLU E 187 17.90 -27.21 28.20
CA GLU E 187 17.91 -27.87 29.50
C GLU E 187 16.92 -27.21 30.46
N LYS E 188 17.14 -25.95 30.81
CA LYS E 188 16.31 -25.18 31.73
C LYS E 188 16.66 -23.71 31.55
N ILE E 189 15.91 -22.85 32.24
CA ILE E 189 16.11 -21.41 32.18
C ILE E 189 16.04 -20.87 33.60
N TYR E 190 17.14 -20.32 34.09
CA TYR E 190 17.24 -19.90 35.47
C TYR E 190 17.15 -18.39 35.58
N LEU E 191 16.56 -17.93 36.68
CA LEU E 191 16.20 -16.52 36.85
C LEU E 191 16.61 -16.06 38.24
N PHE E 192 17.60 -15.18 38.28
CA PHE E 192 18.02 -14.53 39.51
C PHE E 192 17.49 -13.10 39.55
N ASN E 193 17.48 -12.51 40.74
CA ASN E 193 17.26 -11.08 40.86
C ASN E 193 18.51 -10.40 41.40
N VAL E 194 18.80 -9.22 40.86
CA VAL E 194 20.01 -8.51 41.24
C VAL E 194 19.94 -8.11 42.70
N LYS E 195 18.77 -7.71 43.17
CA LYS E 195 18.59 -7.50 44.59
C LYS E 195 18.68 -8.83 45.32
N GLU E 196 18.83 -8.75 46.64
CA GLU E 196 19.03 -9.91 47.49
C GLU E 196 20.26 -10.71 47.09
N ASP E 197 21.18 -10.10 46.35
CA ASP E 197 22.45 -10.72 46.00
C ASP E 197 22.25 -12.04 45.25
N HIS E 198 21.43 -11.97 44.20
CA HIS E 198 21.34 -13.02 43.20
C HIS E 198 20.80 -14.33 43.78
N ARG E 199 19.61 -14.25 44.37
CA ARG E 199 18.92 -15.44 44.80
C ARG E 199 18.20 -16.08 43.62
N LEU E 200 18.21 -17.42 43.58
CA LEU E 200 17.58 -18.14 42.48
C LEU E 200 16.07 -18.16 42.67
N VAL E 201 15.40 -17.19 42.06
CA VAL E 201 13.95 -17.18 42.06
C VAL E 201 13.53 -18.18 40.99
N HIS E 202 12.22 -18.39 40.82
CA HIS E 202 11.61 -19.36 39.92
C HIS E 202 12.37 -19.62 38.63
N SER E 203 12.59 -20.89 38.31
CA SER E 203 13.18 -21.32 37.05
C SER E 203 12.22 -22.25 36.34
N LEU E 204 12.55 -22.59 35.08
CA LEU E 204 11.57 -23.24 34.22
C LEU E 204 12.25 -24.21 33.27
N ASN E 205 11.48 -25.17 32.77
CA ASN E 205 11.94 -26.18 31.84
C ASN E 205 11.74 -25.74 30.41
N VAL E 206 12.62 -26.24 29.52
CA VAL E 206 12.58 -25.82 28.12
C VAL E 206 11.40 -26.45 27.40
N ASN E 207 11.34 -27.77 27.38
CA ASN E 207 10.27 -28.47 26.67
C ASN E 207 8.89 -28.04 27.14
N ASP E 208 8.80 -27.43 28.32
CA ASP E 208 7.53 -26.90 28.77
C ASP E 208 7.13 -25.66 27.99
N ILE E 209 8.02 -25.10 27.17
CA ILE E 209 7.75 -23.85 26.48
C ILE E 209 7.33 -24.11 25.04
N SER E 210 8.25 -24.63 24.23
CA SER E 210 7.91 -24.76 22.81
C SER E 210 6.97 -25.93 22.59
N PRO E 211 5.97 -25.78 21.73
CA PRO E 211 4.99 -26.86 21.53
C PRO E 211 5.53 -28.04 20.73
N ASN E 212 6.77 -28.02 20.28
CA ASN E 212 7.32 -29.20 19.64
C ASN E 212 7.94 -30.14 20.68
N THR E 213 8.41 -31.28 20.19
CA THR E 213 8.97 -32.30 21.07
C THR E 213 10.22 -31.78 21.77
N ASN E 214 11.23 -31.41 21.01
CA ASN E 214 12.54 -31.09 21.58
C ASN E 214 13.23 -30.06 20.69
N ASP E 215 13.12 -28.79 21.06
CA ASP E 215 13.75 -27.71 20.34
C ASP E 215 14.98 -27.21 21.08
N VAL E 216 15.77 -26.39 20.40
CA VAL E 216 16.96 -25.77 20.97
C VAL E 216 16.76 -24.26 20.92
N VAL E 217 17.29 -23.57 21.93
CA VAL E 217 17.06 -22.16 22.10
C VAL E 217 18.19 -21.39 21.42
N TYR E 218 17.87 -20.72 20.31
CA TYR E 218 18.84 -19.89 19.60
C TYR E 218 18.88 -18.44 20.05
N SER E 219 17.73 -17.82 20.36
CA SER E 219 17.78 -16.40 20.67
C SER E 219 16.84 -16.07 21.82
N ILE E 220 17.13 -14.94 22.46
CA ILE E 220 16.37 -14.48 23.61
C ILE E 220 16.71 -13.01 23.83
N ALA E 221 15.71 -12.22 24.21
CA ALA E 221 15.95 -10.80 24.40
C ALA E 221 14.86 -10.21 25.29
N TRP E 222 15.20 -9.09 25.92
CA TRP E 222 14.33 -8.44 26.88
C TRP E 222 13.43 -7.39 26.22
N ASN E 223 12.28 -7.16 26.84
CA ASN E 223 11.52 -5.96 26.60
C ASN E 223 12.31 -4.76 27.09
N ASN E 224 11.85 -3.56 26.72
CA ASN E 224 12.56 -2.35 27.13
C ASN E 224 12.48 -2.10 28.63
N ASN E 225 11.51 -2.68 29.32
CA ASN E 225 11.33 -2.44 30.74
C ASN E 225 11.08 -3.75 31.48
N GLY E 226 11.82 -4.79 31.13
CA GLY E 226 11.54 -6.07 31.73
C GLY E 226 10.13 -6.53 31.39
N SER E 227 9.63 -7.44 32.19
CA SER E 227 8.24 -7.87 32.17
C SER E 227 7.87 -8.68 30.94
N HIS E 228 8.77 -8.79 29.98
CA HIS E 228 8.49 -9.59 28.79
C HIS E 228 9.80 -10.06 28.20
N ILE E 229 9.83 -11.31 27.77
CA ILE E 229 11.05 -11.89 27.21
C ILE E 229 10.69 -12.64 25.94
N PHE E 230 11.51 -12.47 24.91
CA PHE E 230 11.32 -13.11 23.62
C PHE E 230 12.28 -14.27 23.51
N VAL E 231 11.76 -15.44 23.17
CA VAL E 231 12.56 -16.64 23.00
C VAL E 231 12.32 -17.20 21.61
N GLY E 232 13.41 -17.48 20.90
CA GLY E 232 13.35 -18.00 19.54
C GLY E 232 14.10 -19.31 19.38
N PHE E 233 13.38 -20.33 18.93
CA PHE E 233 13.88 -21.70 18.90
C PHE E 233 14.40 -22.05 17.51
N LYS E 234 15.23 -23.09 17.48
CA LYS E 234 15.69 -23.63 16.21
C LYS E 234 14.53 -24.04 15.31
N SER E 235 13.44 -24.50 15.88
CA SER E 235 12.34 -24.99 15.06
C SER E 235 11.66 -23.88 14.29
N GLY E 236 11.81 -22.63 14.72
CA GLY E 236 11.20 -21.50 14.07
C GLY E 236 10.11 -20.82 14.86
N HIS E 237 9.67 -21.42 15.97
CA HIS E 237 8.68 -20.78 16.80
C HIS E 237 9.25 -19.57 17.52
N LEU E 238 8.36 -18.65 17.87
CA LEU E 238 8.67 -17.48 18.69
C LEU E 238 7.72 -17.49 19.86
N VAL E 239 8.26 -17.50 21.08
CA VAL E 239 7.45 -17.58 22.29
C VAL E 239 7.74 -16.36 23.15
N ILE E 240 6.69 -15.73 23.64
CA ILE E 240 6.76 -14.52 24.45
C ILE E 240 6.35 -14.87 25.87
N LEU E 241 7.23 -14.58 26.80
CA LEU E 241 7.08 -14.93 28.22
C LEU E 241 6.76 -13.67 29.00
N LYS E 242 5.67 -13.71 29.77
CA LYS E 242 5.32 -12.62 30.65
C LYS E 242 5.88 -12.88 32.04
N LEU E 243 6.51 -11.88 32.64
CA LEU E 243 7.08 -11.99 33.98
C LEU E 243 6.07 -11.47 34.98
N ARG E 244 5.49 -12.38 35.76
CA ARG E 244 4.49 -12.01 36.76
C ARG E 244 5.17 -11.43 37.99
N ASP E 245 4.45 -11.41 39.11
CA ASP E 245 4.99 -10.98 40.39
C ASP E 245 6.39 -11.55 40.65
N GLU E 246 6.52 -12.88 40.60
CA GLU E 246 7.83 -13.50 40.75
C GLU E 246 8.09 -14.63 39.78
N MET E 247 7.08 -15.17 39.12
CA MET E 247 7.23 -16.34 38.27
C MET E 247 7.16 -15.94 36.81
N LEU E 248 7.61 -16.85 35.95
CA LEU E 248 7.47 -16.67 34.53
C LEU E 248 6.13 -17.25 34.07
N GLU E 249 5.80 -16.99 32.81
CA GLU E 249 4.56 -17.47 32.24
C GLU E 249 4.77 -17.61 30.74
N VAL E 250 3.77 -18.18 30.07
CA VAL E 250 3.90 -18.63 28.70
C VAL E 250 3.01 -17.77 27.82
N SER E 251 2.97 -16.48 28.13
CA SER E 251 1.99 -15.52 27.61
C SER E 251 1.52 -15.80 26.18
N THR E 252 2.42 -15.96 25.22
CA THR E 252 1.93 -16.32 23.89
C THR E 252 3.00 -17.06 23.10
N LYS E 253 2.58 -17.60 21.97
CA LYS E 253 3.46 -18.36 21.09
C LYS E 253 2.91 -18.32 19.67
N ILE E 254 3.77 -17.99 18.72
CA ILE E 254 3.41 -17.85 17.32
C ILE E 254 4.56 -18.37 16.49
N LYS E 255 4.25 -18.98 15.36
CA LYS E 255 5.27 -19.60 14.53
C LYS E 255 5.68 -18.63 13.43
N ALA E 256 6.68 -17.80 13.71
CA ALA E 256 7.12 -16.80 12.76
C ALA E 256 7.74 -17.45 11.53
N HIS E 257 8.94 -17.99 11.66
CA HIS E 257 9.71 -18.41 10.50
C HIS E 257 9.68 -19.92 10.38
N THR E 258 10.19 -20.39 9.25
CA THR E 258 10.22 -21.81 8.96
C THR E 258 11.58 -22.43 9.20
N SER E 259 12.55 -21.67 9.70
CA SER E 259 13.84 -22.27 10.06
C SER E 259 14.63 -21.33 10.95
N SER E 260 14.86 -21.74 12.19
CA SER E 260 16.03 -21.31 12.96
C SER E 260 16.12 -19.78 13.08
N ILE E 261 15.17 -19.21 13.82
CA ILE E 261 15.28 -17.81 14.19
C ILE E 261 16.67 -17.52 14.73
N THR E 262 17.29 -16.48 14.21
CA THR E 262 18.70 -16.23 14.47
C THR E 262 18.97 -14.97 15.28
N GLY E 263 18.23 -13.90 15.07
CA GLY E 263 18.44 -12.69 15.83
C GLY E 263 17.12 -12.02 16.17
N ILE E 264 17.11 -11.30 17.27
CA ILE E 264 15.97 -10.50 17.69
C ILE E 264 16.49 -9.16 18.17
N LYS E 265 15.78 -8.08 17.82
CA LYS E 265 16.18 -6.77 18.29
C LYS E 265 14.94 -5.91 18.46
N ILE E 266 14.94 -5.09 19.50
CA ILE E 266 13.80 -4.24 19.84
C ILE E 266 14.12 -2.81 19.47
N ASP E 267 13.16 -2.14 18.85
CA ASP E 267 13.30 -0.72 18.53
C ASP E 267 13.49 0.09 19.81
N PRO E 268 14.49 0.96 19.87
CA PRO E 268 14.62 1.82 21.06
C PRO E 268 13.42 2.70 21.30
N TRP E 269 12.75 3.16 20.26
CA TRP E 269 11.40 3.64 20.47
C TRP E 269 10.47 2.44 20.53
N GLY E 270 9.39 2.57 21.27
CA GLY E 270 8.57 1.39 21.49
C GLY E 270 7.70 1.02 20.30
N ARG E 271 8.26 1.00 19.09
CA ARG E 271 7.44 0.81 17.90
C ARG E 271 7.51 -0.61 17.34
N TYR E 272 8.69 -1.09 17.00
CA TYR E 272 8.86 -2.25 16.15
C TYR E 272 9.78 -3.26 16.81
N PHE E 273 9.77 -4.49 16.29
CA PHE E 273 10.90 -5.37 16.58
C PHE E 273 11.20 -6.22 15.36
N VAL E 274 12.46 -6.64 15.28
CA VAL E 274 13.02 -7.23 14.08
C VAL E 274 13.52 -8.62 14.42
N THR E 275 13.18 -9.59 13.55
CA THR E 275 13.45 -11.01 13.79
C THR E 275 14.23 -11.57 12.60
N GLY E 276 15.55 -11.54 12.69
CA GLY E 276 16.37 -12.06 11.62
C GLY E 276 16.39 -13.57 11.56
N SER E 277 15.78 -14.13 10.53
CA SER E 277 15.69 -15.58 10.39
C SER E 277 16.96 -16.14 9.77
N SER E 278 16.90 -17.38 9.33
CA SER E 278 17.95 -18.00 8.55
C SER E 278 17.40 -18.74 7.34
N ASP E 279 16.20 -18.36 6.91
CA ASP E 279 15.64 -18.85 5.66
C ASP E 279 15.57 -17.74 4.61
N GLY E 280 16.31 -16.66 4.82
CA GLY E 280 16.33 -15.56 3.90
C GLY E 280 15.27 -14.51 4.11
N ASN E 281 14.55 -14.54 5.22
CA ASN E 281 13.51 -13.57 5.51
C ASN E 281 13.90 -12.73 6.71
N CYS E 282 13.51 -11.48 6.69
CA CYS E 282 13.81 -10.55 7.79
C CYS E 282 12.60 -9.64 7.96
N TYR E 283 11.66 -10.07 8.78
CA TYR E 283 10.39 -9.37 8.91
C TYR E 283 10.52 -8.21 9.89
N ILE E 284 9.51 -7.34 9.87
CA ILE E 284 9.38 -6.26 10.84
C ILE E 284 8.01 -6.37 11.48
N TRP E 285 7.97 -6.37 12.80
CA TRP E 285 6.74 -6.62 13.55
C TRP E 285 6.33 -5.38 14.32
N SER E 286 5.02 -5.18 14.42
CA SER E 286 4.45 -4.10 15.21
C SER E 286 4.36 -4.57 16.65
N LEU E 287 5.24 -4.04 17.50
CA LEU E 287 5.33 -4.52 18.87
C LEU E 287 4.03 -4.35 19.63
N LYS E 288 3.13 -3.48 19.18
CA LYS E 288 1.90 -3.26 19.91
C LYS E 288 0.92 -4.41 19.68
N SER E 289 0.51 -4.63 18.43
CA SER E 289 -0.53 -5.60 18.14
C SER E 289 0.02 -6.95 17.70
N LEU E 290 1.34 -7.06 17.53
CA LEU E 290 1.99 -8.34 17.23
C LEU E 290 1.49 -8.93 15.91
N CYS E 291 1.76 -8.19 14.83
CA CYS E 291 1.53 -8.68 13.49
C CYS E 291 2.67 -8.21 12.60
N CYS E 292 2.77 -8.78 11.42
CA CYS E 292 3.84 -8.43 10.50
C CYS E 292 3.39 -7.28 9.62
N GLU E 293 4.25 -6.27 9.49
CA GLU E 293 3.96 -5.09 8.70
C GLU E 293 4.78 -5.02 7.43
N LYS E 294 6.10 -5.05 7.56
CA LYS E 294 6.99 -4.75 6.46
C LYS E 294 7.97 -5.89 6.30
N ILE E 295 8.06 -6.41 5.10
CA ILE E 295 9.01 -7.45 4.74
C ILE E 295 10.11 -6.79 3.95
N ILE E 296 11.32 -7.31 4.06
CA ILE E 296 12.43 -6.82 3.27
C ILE E 296 12.54 -7.68 2.01
N GLN E 297 12.35 -7.06 0.85
CA GLN E 297 12.23 -7.78 -0.42
C GLN E 297 13.60 -8.03 -1.03
N ASP E 298 14.47 -8.66 -0.24
CA ASP E 298 15.82 -8.97 -0.68
C ASP E 298 16.42 -10.01 0.26
N LEU E 299 17.75 -10.09 0.31
CA LEU E 299 18.45 -10.99 1.21
C LEU E 299 18.23 -12.43 0.82
N ASP E 300 18.72 -12.81 -0.35
CA ASP E 300 18.49 -14.16 -0.85
C ASP E 300 19.38 -15.20 -0.18
N SER E 301 20.05 -14.85 0.92
CA SER E 301 20.88 -15.79 1.65
C SER E 301 20.47 -15.84 3.11
N ALA E 302 21.26 -16.49 3.95
CA ALA E 302 20.95 -16.61 5.36
C ALA E 302 21.45 -15.39 6.13
N VAL E 303 20.61 -14.86 6.98
CA VAL E 303 20.99 -13.74 7.83
C VAL E 303 21.84 -14.25 8.97
N VAL E 304 22.79 -13.43 9.42
CA VAL E 304 23.69 -13.79 10.50
C VAL E 304 23.54 -12.83 11.68
N ALA E 305 23.70 -11.53 11.43
CA ALA E 305 23.58 -10.53 12.47
C ALA E 305 22.74 -9.36 11.95
N LEU E 306 22.28 -8.53 12.88
CA LEU E 306 21.41 -7.40 12.55
C LEU E 306 21.27 -6.53 13.79
N ASP E 307 21.15 -5.22 13.58
CA ASP E 307 21.03 -4.32 14.72
C ASP E 307 20.46 -2.98 14.28
N VAL E 308 20.25 -2.10 15.25
CA VAL E 308 19.53 -0.84 15.06
C VAL E 308 20.35 0.29 15.70
N CYS E 309 20.50 1.39 14.97
CA CYS E 309 21.23 2.54 15.48
C CYS E 309 20.50 3.15 16.68
N HIS E 310 21.25 3.91 17.47
CA HIS E 310 20.70 4.43 18.73
C HIS E 310 19.62 5.48 18.51
N LEU E 311 19.25 5.77 17.27
CA LEU E 311 18.15 6.68 17.00
C LEU E 311 16.90 5.96 16.55
N GLY E 312 17.05 4.79 15.96
CA GLY E 312 15.91 4.05 15.46
C GLY E 312 15.58 4.31 14.01
N LYS E 313 16.54 4.70 13.20
CA LYS E 313 16.28 5.00 11.79
C LYS E 313 17.03 4.06 10.85
N ILE E 314 18.33 3.91 11.03
CA ILE E 314 19.13 3.07 10.15
C ILE E 314 19.17 1.67 10.71
N LEU E 315 18.87 0.69 9.87
CA LEU E 315 18.92 -0.73 10.24
C LEU E 315 20.09 -1.39 9.54
N GLY E 316 20.75 -2.31 10.25
CA GLY E 316 21.90 -2.98 9.69
C GLY E 316 21.74 -4.48 9.61
N VAL E 317 22.06 -5.07 8.46
CA VAL E 317 21.88 -6.50 8.21
C VAL E 317 23.16 -7.07 7.63
N CYS E 318 23.69 -8.10 8.26
CA CYS E 318 24.74 -8.90 7.66
C CYS E 318 24.11 -10.08 6.93
N THR E 319 24.93 -10.85 6.22
CA THR E 319 24.39 -12.01 5.52
C THR E 319 25.51 -13.00 5.29
N GLU E 320 25.11 -14.19 4.84
CA GLU E 320 26.06 -15.29 4.73
C GLU E 320 27.05 -15.07 3.59
N ASP E 321 26.66 -14.30 2.58
CA ASP E 321 27.51 -14.08 1.42
C ASP E 321 28.48 -12.93 1.63
N GLU E 322 28.79 -12.60 2.88
CA GLU E 322 29.76 -11.56 3.21
C GLU E 322 29.37 -10.20 2.63
N MET E 323 28.07 -9.95 2.52
CA MET E 323 27.56 -8.64 2.18
C MET E 323 27.00 -7.98 3.43
N VAL E 324 27.04 -6.66 3.45
CA VAL E 324 26.54 -5.87 4.56
C VAL E 324 25.60 -4.81 4.00
N TYR E 325 24.34 -4.89 4.37
CA TYR E 325 23.32 -3.99 3.85
C TYR E 325 22.91 -3.00 4.93
N PHE E 326 22.77 -1.75 4.54
CA PHE E 326 22.18 -0.73 5.39
C PHE E 326 20.85 -0.31 4.81
N TYR E 327 19.79 -0.51 5.59
CA TYR E 327 18.41 -0.19 5.26
C TYR E 327 17.91 0.98 6.09
N ASP E 328 16.72 1.44 5.70
CA ASP E 328 16.03 2.54 6.37
C ASP E 328 14.71 2.03 6.91
N LEU E 329 14.49 2.23 8.21
CA LEU E 329 13.21 1.90 8.80
C LEU E 329 12.12 2.81 8.24
N ASN E 330 10.89 2.58 8.70
CA ASN E 330 9.69 3.25 8.21
C ASN E 330 9.39 2.84 6.77
N GLU E 331 10.30 2.11 6.15
CA GLU E 331 10.10 1.50 4.84
C GLU E 331 11.01 0.29 4.77
N ALA E 332 11.17 -0.24 3.56
CA ALA E 332 12.17 -1.26 3.28
C ALA E 332 13.22 -0.74 2.31
N LYS E 333 13.29 0.57 2.10
CA LYS E 333 14.17 1.10 1.08
C LYS E 333 15.62 0.90 1.47
N LEU E 334 16.38 0.28 0.56
CA LEU E 334 17.80 0.09 0.79
C LEU E 334 18.50 1.44 0.78
N LEU E 335 19.53 1.55 1.62
CA LEU E 335 20.36 2.74 1.65
C LEU E 335 21.73 2.49 1.05
N GLU E 336 22.42 1.43 1.43
CA GLU E 336 23.63 1.07 0.70
C GLU E 336 23.95 -0.39 0.96
N SER E 337 24.99 -0.87 0.30
CA SER E 337 25.40 -2.27 0.41
C SER E 337 26.88 -2.38 0.11
N LYS E 338 27.66 -2.79 1.11
CA LYS E 338 29.08 -3.04 0.89
C LYS E 338 29.24 -4.48 0.41
N SER E 339 30.46 -5.00 0.43
CA SER E 339 30.70 -6.39 0.12
C SER E 339 32.00 -6.83 0.80
N LEU E 340 32.28 -8.12 0.70
CA LEU E 340 33.51 -8.69 1.25
C LEU E 340 33.96 -9.89 0.42
N LEU E 347 31.69 -12.15 11.07
CA LEU E 347 30.87 -10.97 10.83
C LEU E 347 30.26 -10.46 12.12
N VAL E 348 30.60 -9.23 12.47
CA VAL E 348 30.09 -8.57 13.67
C VAL E 348 29.86 -7.10 13.35
N LEU E 349 28.81 -6.52 13.92
CA LEU E 349 28.67 -5.07 13.90
C LEU E 349 27.70 -4.67 14.99
N LYS E 350 28.06 -3.62 15.73
CA LYS E 350 27.17 -3.07 16.76
C LYS E 350 27.34 -1.58 16.81
N PHE E 351 26.26 -0.84 16.58
CA PHE E 351 26.29 0.60 16.71
C PHE E 351 26.50 0.99 18.16
N TYR E 352 27.21 2.10 18.39
CA TYR E 352 27.36 2.61 19.73
C TYR E 352 26.00 3.00 20.30
N PRO E 353 25.88 3.09 21.61
CA PRO E 353 24.63 3.57 22.19
C PRO E 353 24.54 5.10 22.23
N ASP E 354 25.68 5.78 22.19
CA ASP E 354 25.69 7.25 22.25
C ASP E 354 25.67 7.90 20.86
N LYS E 355 26.71 7.67 20.08
CA LYS E 355 26.93 8.37 18.83
C LYS E 355 26.70 7.41 17.66
N SER E 356 26.80 7.96 16.46
CA SER E 356 26.48 7.19 15.25
C SER E 356 27.74 6.66 14.59
N TRP E 357 28.45 5.81 15.32
CA TRP E 357 29.56 5.06 14.78
C TRP E 357 29.23 3.58 14.87
N TYR E 358 30.03 2.76 14.18
CA TYR E 358 29.77 1.33 14.25
C TYR E 358 31.05 0.58 13.96
N ILE E 359 31.27 -0.52 14.67
CA ILE E 359 32.48 -1.31 14.56
C ILE E 359 32.19 -2.54 13.74
N LEU E 360 32.95 -2.73 12.66
CA LEU E 360 32.79 -3.84 11.75
C LEU E 360 34.09 -4.62 11.69
N SER E 361 33.97 -5.91 11.38
CA SER E 361 35.13 -6.79 11.32
C SER E 361 36.05 -6.39 10.18
N GLY E 362 37.36 -6.36 10.46
CA GLY E 362 38.33 -5.96 9.47
C GLY E 362 38.50 -6.96 8.35
N LYS E 363 39.62 -6.87 7.62
CA LYS E 363 39.85 -7.80 6.52
C LYS E 363 39.99 -9.22 7.02
N ASN E 364 40.80 -9.43 8.06
CA ASN E 364 41.06 -10.76 8.60
C ASN E 364 41.09 -10.65 10.13
N ASP E 365 39.97 -10.99 10.76
CA ASP E 365 39.85 -11.15 12.20
C ASP E 365 40.06 -9.85 12.97
N THR E 366 40.26 -8.74 12.27
CA THR E 366 40.49 -7.45 12.90
C THR E 366 39.15 -6.73 13.08
N LEU E 367 39.16 -5.64 13.84
CA LEU E 367 37.98 -4.81 14.02
C LEU E 367 38.33 -3.37 13.66
N SER E 368 37.31 -2.61 13.26
CA SER E 368 37.51 -1.25 12.81
C SER E 368 36.27 -0.44 13.11
N ASN E 369 36.46 0.78 13.62
CA ASN E 369 35.34 1.65 13.98
C ASN E 369 35.10 2.66 12.86
N HIS E 370 34.09 2.41 12.06
CA HIS E 370 33.68 3.31 10.99
C HIS E 370 32.69 4.33 11.52
N PHE E 371 32.54 5.41 10.76
CA PHE E 371 31.70 6.52 11.17
C PHE E 371 30.42 6.56 10.36
N THR F 62 18.77 -60.13 -23.52
CA THR F 62 18.91 -61.40 -22.82
C THR F 62 19.37 -61.18 -21.38
N GLY F 63 20.38 -60.34 -21.20
CA GLY F 63 20.87 -60.00 -19.88
C GLY F 63 22.17 -60.70 -19.51
N PHE F 64 22.80 -60.17 -18.48
CA PHE F 64 24.11 -60.62 -18.02
C PHE F 64 24.04 -61.73 -16.99
N LYS F 65 22.86 -62.03 -16.47
CA LYS F 65 22.68 -63.12 -15.53
C LYS F 65 23.17 -64.45 -16.08
N ASP F 66 23.19 -64.60 -17.40
CA ASP F 66 23.70 -65.82 -18.03
C ASP F 66 25.22 -65.88 -18.03
N PHE F 67 25.89 -65.04 -17.27
CA PHE F 67 27.35 -65.03 -17.19
C PHE F 67 27.90 -65.60 -15.89
N LEU F 68 27.04 -65.93 -14.93
CA LEU F 68 27.43 -66.76 -13.79
C LEU F 68 28.58 -66.15 -12.99
N LEU F 69 28.34 -64.97 -12.44
CA LEU F 69 29.38 -64.32 -11.67
C LEU F 69 29.21 -64.61 -10.18
N LYS F 70 30.24 -64.22 -9.42
CA LYS F 70 30.13 -64.20 -7.97
C LYS F 70 28.91 -63.37 -7.57
N PRO F 71 28.15 -63.79 -6.56
CA PRO F 71 26.94 -63.04 -6.21
C PRO F 71 27.19 -61.56 -5.93
N GLU F 72 28.29 -61.24 -5.25
CA GLU F 72 28.57 -59.84 -4.97
C GLU F 72 29.05 -59.09 -6.21
N LEU F 73 29.75 -59.77 -7.11
CA LEU F 73 30.14 -59.13 -8.36
C LEU F 73 28.92 -58.80 -9.20
N SER F 74 28.03 -59.77 -9.41
CA SER F 74 26.78 -59.49 -10.10
C SER F 74 26.01 -58.39 -9.39
N ARG F 75 26.07 -58.38 -8.06
CA ARG F 75 25.46 -57.32 -7.28
C ARG F 75 25.99 -55.95 -7.71
N ALA F 76 27.32 -55.83 -7.79
CA ALA F 76 27.91 -54.55 -8.19
C ALA F 76 27.61 -54.22 -9.64
N ILE F 77 27.48 -55.24 -10.49
CA ILE F 77 27.23 -54.99 -11.91
C ILE F 77 25.82 -54.46 -12.13
N ILE F 78 24.83 -55.02 -11.43
CA ILE F 78 23.49 -54.45 -11.53
C ILE F 78 23.43 -53.13 -10.79
N ASP F 79 24.23 -52.96 -9.72
CA ASP F 79 24.30 -51.68 -9.03
C ASP F 79 25.03 -50.64 -9.85
N CYS F 80 25.80 -51.05 -10.84
CA CYS F 80 26.36 -50.11 -11.81
C CYS F 80 25.35 -49.77 -12.90
N GLY F 81 24.15 -50.33 -12.84
CA GLY F 81 23.12 -50.09 -13.84
C GLY F 81 23.30 -50.87 -15.13
N PHE F 82 24.39 -51.61 -15.28
CA PHE F 82 24.63 -52.36 -16.50
C PHE F 82 23.67 -53.53 -16.60
N GLU F 83 23.01 -53.65 -17.77
CA GLU F 83 22.07 -54.75 -18.00
C GLU F 83 22.23 -55.44 -19.34
N HIS F 84 22.78 -54.78 -20.37
CA HIS F 84 22.80 -55.33 -21.71
C HIS F 84 24.21 -55.78 -22.07
N PRO F 85 24.47 -57.08 -22.13
CA PRO F 85 25.83 -57.55 -22.48
C PRO F 85 26.22 -57.13 -23.88
N SER F 86 27.34 -56.42 -23.99
CA SER F 86 27.87 -56.06 -25.29
C SER F 86 28.29 -57.32 -26.05
N GLU F 87 28.32 -57.20 -27.37
CA GLU F 87 28.74 -58.33 -28.20
C GLU F 87 30.16 -58.75 -27.84
N VAL F 88 31.06 -57.78 -27.68
CA VAL F 88 32.45 -58.12 -27.38
C VAL F 88 32.56 -58.77 -26.00
N GLN F 89 31.73 -58.33 -25.05
CA GLN F 89 31.71 -58.99 -23.76
C GLN F 89 31.13 -60.39 -23.87
N GLN F 90 30.04 -60.53 -24.63
CA GLN F 90 29.49 -61.84 -24.95
C GLN F 90 30.52 -62.75 -25.59
N HIS F 91 31.54 -62.19 -26.24
CA HIS F 91 32.48 -62.95 -27.03
C HIS F 91 33.81 -63.17 -26.33
N THR F 92 34.10 -62.42 -25.28
CA THR F 92 35.38 -62.53 -24.58
C THR F 92 35.22 -62.98 -23.14
N ILE F 93 34.28 -62.40 -22.40
CA ILE F 93 34.14 -62.74 -20.99
C ILE F 93 33.84 -64.22 -20.75
N PRO F 94 32.94 -64.86 -21.52
CA PRO F 94 32.75 -66.31 -21.34
C PRO F 94 34.04 -67.10 -21.39
N GLN F 95 35.06 -66.58 -22.06
CA GLN F 95 36.37 -67.19 -22.01
C GLN F 95 37.21 -66.62 -20.88
N SER F 96 36.93 -65.39 -20.48
CA SER F 96 37.79 -64.71 -19.50
C SER F 96 37.82 -65.46 -18.18
N ILE F 97 36.64 -65.79 -17.65
CA ILE F 97 36.55 -66.56 -16.42
C ILE F 97 37.16 -67.94 -16.57
N HIS F 98 37.35 -68.41 -17.81
CA HIS F 98 38.02 -69.68 -18.04
C HIS F 98 39.53 -69.56 -17.96
N GLY F 99 40.08 -68.34 -18.08
CA GLY F 99 41.50 -68.13 -17.88
C GLY F 99 42.36 -68.13 -19.12
N THR F 100 41.77 -67.98 -20.31
CA THR F 100 42.58 -67.96 -21.52
C THR F 100 43.23 -66.59 -21.72
N ASP F 101 44.33 -66.59 -22.47
CA ASP F 101 45.03 -65.36 -22.79
C ASP F 101 44.34 -64.69 -23.97
N VAL F 102 43.90 -63.46 -23.77
CA VAL F 102 42.85 -62.85 -24.59
C VAL F 102 43.40 -61.65 -25.34
N LEU F 103 43.06 -61.55 -26.62
CA LEU F 103 43.36 -60.39 -27.45
C LEU F 103 42.09 -60.02 -28.19
N CYS F 104 41.66 -58.77 -28.08
CA CYS F 104 40.44 -58.33 -28.77
C CYS F 104 40.62 -56.98 -29.43
N GLN F 105 39.92 -56.79 -30.55
CA GLN F 105 39.91 -55.56 -31.32
C GLN F 105 38.47 -55.21 -31.65
N ALA F 106 38.04 -54.00 -31.27
CA ALA F 106 36.66 -53.60 -31.48
C ALA F 106 36.56 -52.09 -31.51
N LYS F 107 35.34 -51.61 -31.77
CA LYS F 107 35.07 -50.18 -31.77
C LYS F 107 35.19 -49.62 -30.35
N SER F 108 35.28 -48.30 -30.26
CA SER F 108 35.53 -47.65 -28.99
C SER F 108 34.22 -47.41 -28.23
N GLY F 109 34.25 -47.63 -26.91
CA GLY F 109 33.18 -47.18 -26.04
C GLY F 109 31.99 -48.10 -25.89
N LEU F 110 32.18 -49.42 -25.91
CA LEU F 110 31.09 -50.37 -25.77
C LEU F 110 31.27 -51.28 -24.55
N GLY F 111 31.97 -50.80 -23.51
CA GLY F 111 32.08 -51.52 -22.26
C GLY F 111 33.16 -52.58 -22.24
N LYS F 112 34.35 -52.25 -22.76
CA LYS F 112 35.44 -53.21 -22.75
C LYS F 112 36.11 -53.32 -21.39
N THR F 113 36.01 -52.27 -20.57
CA THR F 113 36.66 -52.30 -19.27
C THR F 113 36.05 -53.35 -18.37
N ALA F 114 34.73 -53.53 -18.44
CA ALA F 114 34.06 -54.54 -17.62
C ALA F 114 34.59 -55.93 -17.90
N VAL F 115 35.08 -56.17 -19.12
CA VAL F 115 35.67 -57.46 -19.45
C VAL F 115 36.84 -57.75 -18.54
N PHE F 116 37.88 -56.91 -18.58
CA PHE F 116 39.09 -57.28 -17.88
C PHE F 116 39.00 -56.97 -16.39
N VAL F 117 38.28 -55.94 -15.97
CA VAL F 117 38.11 -55.74 -14.53
C VAL F 117 37.30 -56.89 -13.95
N LEU F 118 36.34 -57.40 -14.72
CA LEU F 118 35.52 -58.52 -14.26
C LEU F 118 36.35 -59.80 -14.18
N SER F 119 37.22 -60.03 -15.17
CA SER F 119 38.07 -61.21 -15.13
C SER F 119 39.07 -61.13 -13.98
N THR F 120 39.64 -59.94 -13.75
CA THR F 120 40.55 -59.79 -12.63
C THR F 120 39.86 -60.05 -11.30
N LEU F 121 38.75 -59.35 -11.05
CA LEU F 121 38.10 -59.46 -9.75
C LEU F 121 37.47 -60.83 -9.53
N GLN F 122 37.00 -61.49 -10.59
CA GLN F 122 36.48 -62.85 -10.43
C GLN F 122 37.60 -63.84 -10.19
N GLN F 123 38.60 -63.87 -11.08
CA GLN F 123 39.68 -64.83 -10.92
C GLN F 123 40.53 -64.54 -9.70
N LEU F 124 40.50 -63.32 -9.18
CA LEU F 124 41.27 -63.01 -7.98
C LEU F 124 40.69 -63.71 -6.77
N ASP F 125 41.55 -64.31 -5.96
CA ASP F 125 41.22 -64.72 -4.60
C ASP F 125 42.04 -63.85 -3.66
N PRO F 126 41.52 -62.70 -3.23
CA PRO F 126 42.36 -61.72 -2.54
C PRO F 126 42.90 -62.26 -1.22
N VAL F 127 44.20 -62.45 -1.17
CA VAL F 127 44.90 -62.84 0.05
C VAL F 127 45.62 -61.61 0.58
N PRO F 128 45.48 -61.28 1.87
CA PRO F 128 45.99 -59.98 2.36
C PRO F 128 47.50 -59.87 2.26
N GLY F 129 47.95 -58.90 1.47
CA GLY F 129 49.37 -58.59 1.40
C GLY F 129 50.10 -59.17 0.23
N GLU F 130 49.41 -59.67 -0.78
CA GLU F 130 50.03 -60.25 -1.96
C GLU F 130 49.46 -59.59 -3.21
N VAL F 131 50.34 -59.05 -4.05
CA VAL F 131 49.93 -58.47 -5.32
C VAL F 131 49.75 -59.60 -6.32
N ALA F 132 48.61 -59.60 -7.02
CA ALA F 132 48.24 -60.71 -7.87
C ALA F 132 47.95 -60.33 -9.31
N VAL F 133 47.55 -59.09 -9.59
CA VAL F 133 47.22 -58.67 -10.94
C VAL F 133 47.89 -57.33 -11.21
N VAL F 134 48.44 -57.17 -12.41
CA VAL F 134 49.06 -55.94 -12.85
C VAL F 134 48.38 -55.47 -14.12
N VAL F 135 47.93 -54.22 -14.13
CA VAL F 135 47.24 -53.61 -15.26
C VAL F 135 48.04 -52.39 -15.70
N ILE F 136 48.54 -52.43 -16.93
CA ILE F 136 49.43 -51.39 -17.43
C ILE F 136 48.68 -50.57 -18.47
N CYS F 137 48.95 -49.27 -18.49
CA CYS F 137 48.33 -48.36 -19.45
C CYS F 137 49.42 -47.50 -20.08
N ASN F 138 49.00 -46.50 -20.85
CA ASN F 138 49.92 -45.57 -21.46
C ASN F 138 49.61 -44.12 -21.13
N ALA F 139 48.35 -43.79 -20.88
CA ALA F 139 47.94 -42.43 -20.56
C ALA F 139 47.51 -42.35 -19.10
N ARG F 140 47.65 -41.16 -18.51
CA ARG F 140 47.38 -41.00 -17.09
C ARG F 140 45.88 -41.08 -16.79
N GLU F 141 45.05 -40.40 -17.59
CA GLU F 141 43.62 -40.43 -17.33
C GLU F 141 43.03 -41.81 -17.58
N LEU F 142 43.64 -42.59 -18.47
CA LEU F 142 43.13 -43.94 -18.73
C LEU F 142 43.32 -44.82 -17.50
N ALA F 143 44.56 -44.96 -17.04
CA ALA F 143 44.82 -45.78 -15.86
C ALA F 143 44.09 -45.23 -14.63
N TYR F 144 44.03 -43.90 -14.50
CA TYR F 144 43.36 -43.30 -13.35
C TYR F 144 41.87 -43.64 -13.35
N GLN F 145 41.20 -43.40 -14.49
CA GLN F 145 39.78 -43.66 -14.60
C GLN F 145 39.47 -45.14 -14.42
N ILE F 146 40.30 -46.02 -14.99
CA ILE F 146 40.11 -47.45 -14.79
C ILE F 146 40.24 -47.80 -13.31
N ARG F 147 41.20 -47.18 -12.62
CA ARG F 147 41.35 -47.40 -11.19
C ARG F 147 40.08 -47.00 -10.44
N ASN F 148 39.56 -45.83 -10.76
CA ASN F 148 38.27 -45.42 -10.18
C ASN F 148 37.23 -46.49 -10.43
N GLU F 149 37.22 -47.07 -11.63
CA GLU F 149 36.29 -48.16 -11.89
C GLU F 149 36.56 -49.36 -10.98
N TYR F 150 37.83 -49.60 -10.61
CA TYR F 150 38.10 -50.64 -9.64
C TYR F 150 37.45 -50.32 -8.30
N LEU F 151 37.39 -49.03 -7.94
CA LEU F 151 36.65 -48.69 -6.74
C LEU F 151 35.15 -48.94 -6.90
N ARG F 152 34.57 -48.50 -8.02
CA ARG F 152 33.13 -48.53 -8.19
C ARG F 152 32.57 -49.93 -8.46
N PHE F 153 33.41 -50.88 -8.89
CA PHE F 153 32.94 -52.25 -9.04
C PHE F 153 33.22 -53.12 -7.83
N SER F 154 34.20 -52.76 -7.01
CA SER F 154 34.55 -53.53 -5.82
C SER F 154 33.86 -53.01 -4.57
N LYS F 155 32.66 -52.43 -4.72
CA LYS F 155 32.03 -51.72 -3.60
C LYS F 155 31.75 -52.65 -2.44
N TYR F 156 31.21 -53.83 -2.72
CA TYR F 156 30.88 -54.81 -1.69
C TYR F 156 32.06 -55.73 -1.38
N MET F 157 33.22 -55.47 -1.97
CA MET F 157 34.46 -56.19 -1.68
C MET F 157 35.38 -55.27 -0.91
N PRO F 158 35.27 -55.19 0.42
CA PRO F 158 36.23 -54.40 1.18
C PRO F 158 37.62 -55.00 1.18
N ASP F 159 37.73 -56.30 0.93
CA ASP F 159 39.00 -57.00 1.09
C ASP F 159 39.99 -56.65 0.00
N VAL F 160 39.52 -56.25 -1.17
CA VAL F 160 40.41 -55.97 -2.29
C VAL F 160 40.92 -54.55 -2.21
N LYS F 161 42.15 -54.35 -2.68
CA LYS F 161 42.74 -53.03 -2.81
C LYS F 161 43.41 -52.93 -4.17
N THR F 162 43.07 -51.90 -4.92
CA THR F 162 43.62 -51.66 -6.24
C THR F 162 44.39 -50.36 -6.23
N ALA F 163 45.22 -50.16 -7.25
CA ALA F 163 46.12 -49.01 -7.26
C ALA F 163 46.30 -48.48 -8.68
N VAL F 164 46.68 -47.20 -8.76
CA VAL F 164 47.08 -46.55 -9.99
C VAL F 164 48.38 -45.79 -9.71
N PHE F 165 49.36 -45.93 -10.61
CA PHE F 165 50.68 -45.34 -10.39
C PHE F 165 51.18 -44.66 -11.66
N TYR F 166 51.68 -43.44 -11.48
CA TYR F 166 52.24 -42.64 -12.56
C TYR F 166 53.30 -41.72 -11.95
N GLY F 167 54.09 -41.12 -12.83
CA GLY F 167 55.23 -40.34 -12.40
C GLY F 167 54.84 -39.14 -11.57
N GLY F 168 55.86 -38.56 -10.93
CA GLY F 168 55.67 -37.39 -10.09
C GLY F 168 55.48 -37.69 -8.62
N THR F 169 55.43 -38.96 -8.23
CA THR F 169 55.23 -39.38 -6.85
C THR F 169 56.49 -40.07 -6.33
N PRO F 170 56.75 -39.99 -5.03
CA PRO F 170 58.01 -40.53 -4.50
C PRO F 170 58.05 -42.05 -4.56
N ILE F 171 59.28 -42.57 -4.60
CA ILE F 171 59.50 -44.01 -4.55
C ILE F 171 59.64 -44.50 -3.11
N SER F 172 59.99 -43.62 -2.18
CA SER F 172 60.13 -44.02 -0.78
C SER F 172 58.77 -44.14 -0.11
N LYS F 173 57.91 -43.12 -0.27
CA LYS F 173 56.57 -43.19 0.30
C LYS F 173 55.79 -44.38 -0.25
N ASP F 174 55.87 -44.61 -1.57
CA ASP F 174 55.27 -45.81 -2.12
C ASP F 174 55.96 -47.06 -1.62
N ALA F 175 57.27 -47.00 -1.39
CA ALA F 175 57.97 -48.17 -0.86
C ALA F 175 57.37 -48.59 0.48
N GLU F 176 57.23 -47.65 1.41
CA GLU F 176 56.59 -47.98 2.67
C GLU F 176 55.15 -48.39 2.46
N LEU F 177 54.43 -47.71 1.55
CA LEU F 177 53.05 -48.07 1.29
C LEU F 177 52.93 -49.53 0.87
N LEU F 178 53.91 -50.05 0.14
CA LEU F 178 53.96 -51.47 -0.16
C LEU F 178 54.37 -52.28 1.07
N LYS F 179 55.19 -51.69 1.95
CA LYS F 179 55.62 -52.44 3.12
C LYS F 179 54.60 -52.41 4.25
N ASN F 180 53.84 -51.32 4.38
CA ASN F 180 52.87 -51.20 5.45
C ASN F 180 51.72 -52.19 5.25
N LYS F 181 51.37 -52.89 6.33
CA LYS F 181 50.32 -53.89 6.25
C LYS F 181 48.94 -53.26 6.11
N ASP F 182 48.80 -51.97 6.39
CA ASP F 182 47.54 -51.28 6.14
C ASP F 182 47.43 -50.74 4.71
N THR F 183 48.48 -50.89 3.91
CA THR F 183 48.47 -50.39 2.53
C THR F 183 49.03 -51.36 1.51
N ALA F 184 49.36 -52.60 1.89
CA ALA F 184 49.84 -53.59 0.94
C ALA F 184 48.72 -53.95 -0.05
N PRO F 185 48.88 -53.60 -1.33
CA PRO F 185 47.77 -53.72 -2.28
C PRO F 185 47.60 -55.11 -2.83
N HIS F 186 46.43 -55.33 -3.44
CA HIS F 186 46.13 -56.58 -4.14
C HIS F 186 46.21 -56.46 -5.65
N ILE F 187 45.77 -55.34 -6.22
CA ILE F 187 45.80 -55.12 -7.66
C ILE F 187 46.62 -53.86 -7.92
N VAL F 188 47.59 -53.97 -8.83
CA VAL F 188 48.53 -52.88 -9.10
C VAL F 188 48.33 -52.44 -10.55
N VAL F 189 47.87 -51.21 -10.73
CA VAL F 189 47.68 -50.60 -12.04
C VAL F 189 48.66 -49.43 -12.13
N ALA F 190 49.23 -49.23 -13.32
CA ALA F 190 50.24 -48.18 -13.47
C ALA F 190 50.53 -47.92 -14.95
N THR F 191 51.42 -46.86 -15.19
CA THR F 191 52.12 -46.53 -16.42
C THR F 191 53.50 -47.20 -16.42
N PRO F 192 54.06 -47.55 -17.58
CA PRO F 192 55.28 -48.39 -17.57
C PRO F 192 56.49 -47.67 -17.00
N GLY F 193 56.73 -46.42 -17.42
CA GLY F 193 57.93 -45.73 -16.98
C GLY F 193 57.99 -45.54 -15.48
N ARG F 194 56.83 -45.36 -14.84
CA ARG F 194 56.80 -45.26 -13.39
C ARG F 194 57.06 -46.62 -12.74
N LEU F 195 56.46 -47.68 -13.29
CA LEU F 195 56.49 -48.98 -12.63
C LEU F 195 57.83 -49.69 -12.77
N LYS F 196 58.55 -49.43 -13.86
CA LYS F 196 59.84 -50.10 -14.06
C LYS F 196 60.82 -49.71 -12.96
N ALA F 197 60.76 -48.46 -12.48
CA ALA F 197 61.55 -48.07 -11.33
C ALA F 197 61.14 -48.82 -10.06
N LEU F 198 60.07 -49.61 -10.12
CA LEU F 198 59.67 -50.46 -9.01
C LEU F 198 59.97 -51.93 -9.23
N VAL F 199 59.97 -52.39 -10.48
CA VAL F 199 60.24 -53.81 -10.74
C VAL F 199 61.74 -54.11 -10.69
N ARG F 200 62.57 -53.21 -11.22
CA ARG F 200 64.01 -53.45 -11.24
C ARG F 200 64.64 -53.12 -9.89
N GLU F 201 64.02 -52.23 -9.13
CA GLU F 201 64.50 -51.89 -7.79
C GLU F 201 63.96 -52.82 -6.72
N LYS F 202 63.12 -53.79 -7.10
CA LYS F 202 62.68 -54.87 -6.23
C LYS F 202 62.05 -54.36 -4.93
N TYR F 203 61.22 -53.33 -5.05
CA TYR F 203 60.36 -52.94 -3.94
C TYR F 203 59.07 -53.75 -3.91
N ILE F 204 58.82 -54.55 -4.94
CA ILE F 204 57.69 -55.45 -5.02
C ILE F 204 58.16 -56.77 -5.62
N ASP F 205 57.49 -57.85 -5.24
CA ASP F 205 57.79 -59.18 -5.75
C ASP F 205 56.68 -59.58 -6.72
N LEU F 206 57.03 -59.70 -8.01
CA LEU F 206 56.08 -59.97 -9.07
C LEU F 206 56.17 -61.41 -9.56
N SER F 207 56.59 -62.33 -8.71
CA SER F 207 56.68 -63.74 -9.08
C SER F 207 55.36 -64.48 -8.96
N HIS F 208 54.33 -63.84 -8.41
CA HIS F 208 53.05 -64.52 -8.17
C HIS F 208 51.91 -63.86 -8.95
N VAL F 209 52.21 -62.89 -9.82
CA VAL F 209 51.16 -62.17 -10.51
C VAL F 209 50.44 -63.10 -11.49
N LYS F 210 49.11 -63.03 -11.49
CA LYS F 210 48.30 -63.98 -12.22
C LYS F 210 47.68 -63.41 -13.48
N ASN F 211 47.44 -62.10 -13.54
CA ASN F 211 46.81 -61.50 -14.70
C ASN F 211 47.55 -60.21 -15.04
N PHE F 212 47.89 -60.04 -16.31
CA PHE F 212 48.58 -58.86 -16.81
C PHE F 212 47.74 -58.27 -17.94
N VAL F 213 47.35 -57.00 -17.80
CA VAL F 213 46.34 -56.40 -18.66
C VAL F 213 46.97 -55.27 -19.47
N ILE F 214 46.71 -55.28 -20.79
CA ILE F 214 47.17 -54.27 -21.73
C ILE F 214 45.96 -53.76 -22.49
N ASP F 215 45.62 -52.50 -22.28
CA ASP F 215 44.60 -51.81 -23.06
C ASP F 215 45.26 -50.89 -24.08
N GLU F 216 44.63 -50.79 -25.25
CA GLU F 216 45.18 -50.05 -26.38
C GLU F 216 46.62 -50.50 -26.65
N CYS F 217 46.75 -51.78 -26.96
CA CYS F 217 48.06 -52.43 -27.00
C CYS F 217 48.98 -51.84 -28.07
N ASP F 218 48.42 -51.20 -29.10
CA ASP F 218 49.25 -50.66 -30.16
C ASP F 218 50.16 -49.56 -29.64
N LYS F 219 49.60 -48.61 -28.90
CA LYS F 219 50.39 -47.47 -28.45
C LYS F 219 51.28 -47.82 -27.27
N VAL F 220 50.78 -48.65 -26.34
CA VAL F 220 51.61 -49.08 -25.21
C VAL F 220 52.78 -49.90 -25.72
N LEU F 221 52.51 -50.85 -26.61
CA LEU F 221 53.52 -51.82 -27.01
C LEU F 221 54.46 -51.27 -28.07
N GLU F 222 53.98 -50.35 -28.92
CA GLU F 222 54.76 -49.97 -30.08
C GLU F 222 55.93 -49.06 -29.72
N GLU F 223 55.76 -48.18 -28.74
CA GLU F 223 56.84 -47.27 -28.36
C GLU F 223 58.01 -48.08 -27.82
N LEU F 224 59.20 -47.83 -28.38
CA LEU F 224 60.34 -48.72 -28.14
C LEU F 224 60.74 -48.77 -26.67
N ASP F 225 60.73 -47.63 -25.98
CA ASP F 225 61.11 -47.64 -24.57
C ASP F 225 60.07 -48.38 -23.74
N MET F 226 58.79 -48.05 -23.95
CA MET F 226 57.72 -48.80 -23.30
C MET F 226 57.76 -50.27 -23.70
N ARG F 227 58.19 -50.56 -24.92
CA ARG F 227 58.27 -51.95 -25.36
C ARG F 227 59.36 -52.72 -24.61
N ARG F 228 60.54 -52.12 -24.48
CA ARG F 228 61.60 -52.75 -23.70
C ARG F 228 61.18 -52.92 -22.25
N ASP F 229 60.44 -51.94 -21.73
CA ASP F 229 59.92 -52.02 -20.36
C ASP F 229 58.98 -53.20 -20.20
N VAL F 230 57.99 -53.31 -21.10
CA VAL F 230 56.97 -54.36 -20.97
C VAL F 230 57.53 -55.72 -21.31
N GLN F 231 58.60 -55.77 -22.11
CA GLN F 231 59.27 -57.04 -22.35
C GLN F 231 60.05 -57.47 -21.11
N GLU F 232 60.68 -56.53 -20.41
CA GLU F 232 61.33 -56.90 -19.16
C GLU F 232 60.32 -57.34 -18.11
N ILE F 233 59.18 -56.64 -18.01
CA ILE F 233 58.11 -57.14 -17.16
C ILE F 233 57.70 -58.54 -17.60
N PHE F 234 57.62 -58.77 -18.90
CA PHE F 234 57.30 -60.09 -19.42
C PHE F 234 58.34 -61.13 -19.06
N ARG F 235 59.58 -60.71 -18.78
CA ARG F 235 60.58 -61.65 -18.28
C ARG F 235 60.54 -61.78 -16.77
N ALA F 236 59.97 -60.82 -16.07
CA ALA F 236 59.82 -60.87 -14.62
C ALA F 236 58.45 -61.37 -14.20
N THR F 237 57.61 -61.79 -15.14
CA THR F 237 56.26 -62.25 -14.93
C THR F 237 56.16 -63.74 -15.22
N PRO F 238 55.44 -64.51 -14.40
CA PRO F 238 55.28 -65.93 -14.68
C PRO F 238 54.65 -66.17 -16.03
N ARG F 239 54.99 -67.31 -16.62
CA ARG F 239 54.49 -67.68 -17.95
C ARG F 239 53.08 -68.26 -17.88
N ASP F 240 52.74 -68.91 -16.77
CA ASP F 240 51.43 -69.54 -16.60
C ASP F 240 50.45 -68.57 -15.94
N LYS F 241 49.96 -67.64 -16.75
CA LYS F 241 49.10 -66.58 -16.28
C LYS F 241 47.99 -66.30 -17.29
N GLN F 242 47.09 -65.40 -16.90
CA GLN F 242 46.16 -64.77 -17.82
C GLN F 242 46.74 -63.42 -18.23
N VAL F 243 46.93 -63.23 -19.53
CA VAL F 243 47.38 -61.97 -20.08
C VAL F 243 46.38 -61.54 -21.16
N MET F 244 46.06 -60.25 -21.19
CA MET F 244 45.04 -59.77 -22.10
C MET F 244 45.50 -58.47 -22.73
N MET F 245 44.98 -58.19 -23.92
CA MET F 245 45.20 -56.89 -24.54
C MET F 245 44.06 -56.59 -25.50
N PHE F 246 43.68 -55.33 -25.53
CA PHE F 246 42.48 -54.90 -26.25
C PHE F 246 42.82 -53.60 -26.95
N SER F 247 42.41 -53.47 -28.20
CA SER F 247 42.82 -52.30 -28.97
C SER F 247 41.83 -52.03 -30.08
N ALA F 248 41.53 -50.74 -30.28
CA ALA F 248 40.71 -50.34 -31.42
C ALA F 248 41.51 -50.25 -32.72
N THR F 249 42.84 -50.38 -32.65
CA THR F 249 43.69 -50.36 -33.83
C THR F 249 44.70 -51.49 -33.73
N LEU F 250 44.70 -52.38 -34.73
CA LEU F 250 45.57 -53.55 -34.77
C LEU F 250 45.86 -53.87 -36.24
N SER F 251 46.95 -53.33 -36.76
CA SER F 251 47.34 -53.65 -38.12
C SER F 251 48.08 -54.99 -38.16
N GLN F 252 48.29 -55.50 -39.37
CA GLN F 252 48.97 -56.77 -39.53
C GLN F 252 50.41 -56.74 -39.07
N GLU F 253 51.02 -55.54 -38.98
CA GLU F 253 52.33 -55.45 -38.37
C GLU F 253 52.29 -55.66 -36.87
N ILE F 254 51.13 -55.47 -36.25
CA ILE F 254 51.03 -55.48 -34.80
C ILE F 254 50.59 -56.83 -34.25
N ARG F 255 49.93 -57.65 -35.05
CA ARG F 255 49.47 -58.95 -34.53
C ARG F 255 50.62 -59.88 -34.19
N PRO F 256 51.64 -60.08 -35.05
CA PRO F 256 52.74 -60.94 -34.63
C PRO F 256 53.61 -60.32 -33.55
N ILE F 257 53.84 -59.01 -33.61
CA ILE F 257 54.65 -58.35 -32.59
C ILE F 257 53.97 -58.47 -31.24
N CYS F 258 52.64 -58.63 -31.22
CA CYS F 258 51.93 -58.81 -29.96
C CYS F 258 51.88 -60.27 -29.54
N ARG F 259 51.74 -61.20 -30.49
CA ARG F 259 51.73 -62.62 -30.16
C ARG F 259 53.03 -63.09 -29.54
N ARG F 260 54.02 -62.21 -29.41
CA ARG F 260 55.31 -62.55 -28.83
C ARG F 260 55.23 -62.94 -27.36
N PHE F 261 54.09 -62.70 -26.71
CA PHE F 261 53.99 -62.87 -25.26
C PHE F 261 53.03 -63.97 -24.84
N LEU F 262 52.00 -64.25 -25.62
CA LEU F 262 50.89 -65.08 -25.18
C LEU F 262 51.18 -66.55 -25.51
N GLN F 263 50.34 -67.44 -24.97
CA GLN F 263 50.54 -68.88 -25.09
C GLN F 263 49.25 -69.51 -25.61
N ASN F 264 49.25 -69.85 -26.89
CA ASN F 264 48.06 -70.26 -27.63
C ASN F 264 46.94 -69.26 -27.35
N PRO F 265 47.09 -68.01 -27.80
CA PRO F 265 46.15 -66.96 -27.40
C PRO F 265 44.83 -67.02 -28.15
N LEU F 266 43.85 -66.31 -27.60
CA LEU F 266 42.57 -66.13 -28.26
C LEU F 266 42.55 -64.79 -28.98
N GLU F 267 42.00 -64.78 -30.20
CA GLU F 267 42.13 -63.64 -31.10
C GLU F 267 40.75 -63.27 -31.65
N ILE F 268 40.19 -62.18 -31.14
CA ILE F 268 38.97 -61.58 -31.69
C ILE F 268 39.32 -60.18 -32.18
N PHE F 269 38.75 -59.81 -33.33
CA PHE F 269 38.96 -58.50 -33.92
C PHE F 269 37.64 -58.03 -34.52
N VAL F 270 37.69 -56.86 -35.17
CA VAL F 270 36.57 -56.39 -35.97
C VAL F 270 37.09 -55.95 -37.33
N GLY F 280 16.11 -41.27 -34.24
CA GLY F 280 14.80 -40.66 -34.09
C GLY F 280 14.86 -39.28 -33.49
N LEU F 281 14.53 -38.27 -34.28
CA LEU F 281 14.68 -36.88 -33.86
C LEU F 281 13.73 -36.01 -34.68
N GLN F 282 13.54 -34.78 -34.24
CA GLN F 282 12.67 -33.83 -34.92
C GLN F 282 13.49 -32.61 -35.32
N GLN F 283 13.88 -32.57 -36.58
CA GLN F 283 14.77 -31.53 -37.08
C GLN F 283 13.96 -30.31 -37.51
N TYR F 284 14.58 -29.15 -37.41
CA TYR F 284 13.89 -27.93 -37.81
C TYR F 284 14.90 -26.91 -38.33
N TYR F 285 14.40 -26.02 -39.18
CA TYR F 285 15.21 -24.97 -39.78
C TYR F 285 14.48 -23.64 -39.66
N ILE F 286 15.26 -22.57 -39.58
CA ILE F 286 14.74 -21.20 -39.59
C ILE F 286 15.74 -20.33 -40.34
N LYS F 287 15.24 -19.50 -41.26
CA LYS F 287 16.07 -18.47 -41.89
C LYS F 287 15.93 -17.17 -41.14
N LEU F 288 17.05 -16.50 -40.92
CA LEU F 288 17.09 -15.35 -40.01
C LEU F 288 18.23 -14.42 -40.44
N GLU F 289 18.56 -13.47 -39.58
CA GLU F 289 19.55 -12.42 -39.81
C GLU F 289 20.57 -12.43 -38.69
N GLU F 290 21.40 -11.38 -38.62
CA GLU F 290 22.54 -11.42 -37.73
C GLU F 290 22.15 -11.18 -36.27
N ARG F 291 21.64 -9.99 -35.96
CA ARG F 291 21.41 -9.63 -34.56
C ARG F 291 20.34 -10.51 -33.92
N GLU F 292 19.50 -11.16 -34.72
CA GLU F 292 18.54 -12.11 -34.15
C GLU F 292 19.25 -13.22 -33.40
N LYS F 293 20.40 -13.67 -33.92
CA LYS F 293 21.20 -14.68 -33.24
C LYS F 293 21.53 -14.26 -31.81
N ASN F 294 21.51 -12.97 -31.49
CA ASN F 294 21.77 -12.55 -30.13
C ASN F 294 20.53 -12.62 -29.26
N ARG F 295 19.36 -12.29 -29.79
CA ARG F 295 18.17 -12.24 -28.97
C ARG F 295 17.06 -13.16 -29.42
N LYS F 296 16.93 -13.45 -30.72
CA LYS F 296 15.90 -14.40 -31.15
C LYS F 296 16.16 -15.77 -30.54
N LEU F 297 17.43 -16.10 -30.32
CA LEU F 297 17.77 -17.28 -29.54
C LEU F 297 17.12 -17.24 -28.17
N ALA F 298 17.17 -16.09 -27.52
CA ALA F 298 16.53 -15.94 -26.22
C ALA F 298 15.01 -16.02 -26.30
N GLN F 299 14.43 -15.96 -27.50
CA GLN F 299 13.00 -16.07 -27.66
C GLN F 299 12.52 -17.51 -27.74
N LEU F 300 13.45 -18.46 -27.81
CA LEU F 300 13.13 -19.89 -27.84
C LEU F 300 13.44 -20.58 -26.53
N LEU F 301 14.50 -20.16 -25.83
CA LEU F 301 14.81 -20.75 -24.54
C LEU F 301 13.70 -20.56 -23.53
N ASP F 302 12.84 -19.57 -23.72
CA ASP F 302 11.80 -19.27 -22.75
C ASP F 302 10.48 -19.96 -23.05
N ASP F 303 10.23 -20.27 -24.32
CA ASP F 303 8.99 -20.91 -24.73
C ASP F 303 9.14 -22.40 -24.92
N LEU F 304 10.29 -22.96 -24.58
CA LEU F 304 10.59 -24.37 -24.79
C LEU F 304 11.13 -24.96 -23.49
N GLU F 305 10.37 -25.85 -22.89
CA GLU F 305 10.83 -26.52 -21.68
C GLU F 305 11.81 -27.62 -22.03
N PHE F 306 12.98 -27.61 -21.37
CA PHE F 306 14.08 -28.46 -21.78
C PHE F 306 14.74 -29.07 -20.54
N ASN F 307 15.58 -30.06 -20.79
CA ASN F 307 16.39 -30.70 -19.75
C ASN F 307 17.79 -30.10 -19.70
N GLN F 308 18.54 -30.25 -20.79
CA GLN F 308 19.86 -29.64 -20.96
C GLN F 308 20.05 -29.36 -22.44
N VAL F 309 20.54 -28.18 -22.77
CA VAL F 309 20.70 -27.78 -24.17
C VAL F 309 22.19 -27.69 -24.49
N ILE F 310 22.49 -27.62 -25.79
CA ILE F 310 23.85 -27.48 -26.27
C ILE F 310 23.82 -26.54 -27.47
N ILE F 311 24.86 -25.71 -27.59
CA ILE F 311 24.93 -24.71 -28.65
C ILE F 311 26.20 -24.95 -29.46
N PHE F 312 26.07 -24.92 -30.78
CA PHE F 312 27.22 -25.08 -31.67
C PHE F 312 27.50 -23.79 -32.42
N VAL F 313 28.72 -23.28 -32.27
CA VAL F 313 29.18 -22.12 -33.00
C VAL F 313 30.45 -22.52 -33.74
N LYS F 314 30.80 -21.75 -34.78
CA LYS F 314 31.88 -22.13 -35.66
C LYS F 314 33.22 -21.54 -35.25
N SER F 315 33.25 -20.29 -34.81
CA SER F 315 34.48 -19.65 -34.40
C SER F 315 34.76 -19.89 -32.92
N THR F 316 36.01 -19.66 -32.53
CA THR F 316 36.40 -19.84 -31.14
C THR F 316 36.06 -18.63 -30.30
N THR F 317 36.37 -17.42 -30.78
CA THR F 317 36.01 -16.24 -30.03
C THR F 317 34.51 -16.00 -30.03
N ARG F 318 33.81 -16.52 -31.04
CA ARG F 318 32.35 -16.47 -31.00
C ARG F 318 31.80 -17.35 -29.90
N ALA F 319 32.51 -18.42 -29.55
CA ALA F 319 32.05 -19.34 -28.52
C ALA F 319 31.99 -18.67 -27.17
N ASN F 320 33.14 -18.32 -26.62
CA ASN F 320 33.15 -17.64 -25.32
C ASN F 320 32.47 -16.30 -25.42
N GLU F 321 32.62 -15.60 -26.55
CA GLU F 321 31.91 -14.36 -26.79
C GLU F 321 30.42 -14.53 -26.52
N LEU F 322 29.82 -15.57 -27.08
CA LEU F 322 28.40 -15.81 -26.88
C LEU F 322 28.11 -16.27 -25.46
N THR F 323 29.02 -17.03 -24.86
CA THR F 323 28.87 -17.41 -23.46
C THR F 323 28.79 -16.18 -22.57
N LYS F 324 29.42 -15.09 -22.99
CA LYS F 324 29.42 -13.86 -22.21
C LYS F 324 28.04 -13.26 -22.02
N LEU F 325 27.00 -13.81 -22.65
CA LEU F 325 25.67 -13.22 -22.59
C LEU F 325 24.63 -14.09 -21.90
N LEU F 326 24.71 -15.42 -22.05
CA LEU F 326 23.74 -16.29 -21.39
C LEU F 326 23.91 -16.26 -19.89
N ASN F 327 25.15 -16.38 -19.43
CA ASN F 327 25.46 -16.11 -18.03
C ASN F 327 24.94 -14.74 -17.62
N ALA F 328 25.07 -13.76 -18.51
CA ALA F 328 24.50 -12.44 -18.25
C ALA F 328 22.98 -12.48 -18.23
N SER F 329 22.39 -13.43 -18.95
CA SER F 329 20.93 -13.60 -18.95
C SER F 329 20.46 -14.56 -17.86
N ASN F 330 21.27 -14.76 -16.82
CA ASN F 330 20.98 -15.68 -15.72
C ASN F 330 20.76 -17.10 -16.24
N PHE F 331 21.66 -17.53 -17.12
CA PHE F 331 21.68 -18.89 -17.64
C PHE F 331 23.06 -19.46 -17.38
N PRO F 332 23.19 -20.48 -16.56
CA PRO F 332 24.50 -21.12 -16.40
C PRO F 332 24.99 -21.70 -17.72
N ALA F 333 26.07 -21.16 -18.27
CA ALA F 333 26.55 -21.56 -19.59
C ALA F 333 28.06 -21.74 -19.55
N ILE F 334 28.52 -22.93 -19.90
CA ILE F 334 29.93 -23.27 -19.87
C ILE F 334 30.50 -23.22 -21.29
N THR F 335 31.75 -22.79 -21.39
CA THR F 335 32.39 -22.54 -22.66
C THR F 335 33.56 -23.50 -22.87
N VAL F 336 33.45 -24.34 -23.90
CA VAL F 336 34.54 -25.20 -24.35
C VAL F 336 34.55 -25.15 -25.87
N HIS F 337 35.73 -24.96 -26.45
CA HIS F 337 35.85 -24.59 -27.85
C HIS F 337 37.15 -25.14 -28.41
N GLY F 338 37.36 -24.90 -29.69
CA GLY F 338 38.67 -25.11 -30.28
C GLY F 338 39.64 -24.03 -29.85
N HIS F 339 40.92 -24.27 -30.13
CA HIS F 339 41.99 -23.37 -29.70
C HIS F 339 41.92 -23.17 -28.19
N MET F 340 42.13 -24.28 -27.47
CA MET F 340 42.01 -24.29 -26.03
C MET F 340 42.68 -25.55 -25.51
N LYS F 341 43.02 -25.54 -24.23
CA LYS F 341 43.72 -26.67 -23.63
C LYS F 341 42.85 -27.92 -23.61
N GLN F 342 43.47 -29.07 -23.90
CA GLN F 342 42.71 -30.31 -23.98
C GLN F 342 42.17 -30.73 -22.61
N GLU F 343 43.02 -30.71 -21.59
CA GLU F 343 42.60 -31.13 -20.26
C GLU F 343 41.47 -30.26 -19.73
N GLU F 344 41.43 -28.99 -20.15
CA GLU F 344 40.33 -28.13 -19.77
C GLU F 344 39.03 -28.58 -20.42
N ARG F 345 39.06 -28.81 -21.73
CA ARG F 345 37.87 -29.31 -22.41
C ARG F 345 37.54 -30.74 -22.00
N ILE F 346 38.40 -31.37 -21.21
CA ILE F 346 38.04 -32.62 -20.54
C ILE F 346 37.27 -32.32 -19.26
N ALA F 347 37.90 -31.58 -18.35
CA ALA F 347 37.32 -31.39 -17.02
C ALA F 347 36.00 -30.65 -17.09
N ARG F 348 35.97 -29.52 -17.81
CA ARG F 348 34.72 -28.78 -17.93
C ARG F 348 33.62 -29.68 -18.47
N TYR F 349 33.95 -30.55 -19.40
CA TYR F 349 32.98 -31.52 -19.90
C TYR F 349 32.59 -32.50 -18.81
N LYS F 350 33.47 -32.73 -17.83
CA LYS F 350 33.08 -33.57 -16.69
C LYS F 350 32.07 -32.85 -15.81
N ALA F 351 32.29 -31.56 -15.56
CA ALA F 351 31.34 -30.80 -14.75
C ALA F 351 29.98 -30.73 -15.43
N PHE F 352 29.96 -30.36 -16.71
CA PHE F 352 28.71 -30.38 -17.44
C PHE F 352 28.10 -31.77 -17.46
N LYS F 353 28.93 -32.81 -17.49
CA LYS F 353 28.41 -34.17 -17.39
C LYS F 353 27.72 -34.40 -16.06
N ASP F 354 28.22 -33.77 -14.99
CA ASP F 354 27.72 -33.99 -13.64
C ASP F 354 26.56 -33.06 -13.29
N PHE F 355 25.81 -32.60 -14.28
CA PHE F 355 24.66 -31.73 -14.08
C PHE F 355 25.04 -30.43 -13.40
N GLU F 356 26.34 -30.14 -13.29
CA GLU F 356 26.78 -28.94 -12.62
C GLU F 356 26.28 -27.67 -13.30
N LYS F 357 25.96 -27.75 -14.59
CA LYS F 357 25.37 -26.64 -15.31
C LYS F 357 24.33 -27.21 -16.28
N ARG F 358 23.68 -26.32 -17.01
CA ARG F 358 22.59 -26.73 -17.89
C ARG F 358 22.75 -26.29 -19.33
N ILE F 359 23.78 -25.51 -19.65
CA ILE F 359 24.02 -25.06 -21.02
C ILE F 359 25.52 -25.13 -21.29
N CYS F 360 25.86 -25.62 -22.48
CA CYS F 360 27.26 -25.70 -22.89
C CYS F 360 27.37 -25.28 -24.34
N VAL F 361 28.51 -24.68 -24.68
CA VAL F 361 28.76 -24.23 -26.05
C VAL F 361 30.02 -24.91 -26.56
N SER F 362 30.02 -25.21 -27.86
CA SER F 362 31.16 -25.90 -28.45
C SER F 362 31.13 -25.76 -29.96
N THR F 363 32.33 -25.83 -30.55
CA THR F 363 32.49 -26.02 -31.98
C THR F 363 32.47 -27.52 -32.26
N ASP F 364 32.90 -27.93 -33.46
CA ASP F 364 32.87 -29.35 -33.81
C ASP F 364 33.81 -30.19 -32.98
N VAL F 365 34.61 -29.60 -32.09
CA VAL F 365 35.43 -30.40 -31.17
C VAL F 365 34.54 -31.34 -30.37
N PHE F 366 33.34 -30.89 -30.02
CA PHE F 366 32.31 -31.74 -29.45
C PHE F 366 31.20 -32.04 -30.46
N GLY F 367 31.57 -32.14 -31.74
CA GLY F 367 30.61 -32.43 -32.78
C GLY F 367 30.49 -33.90 -33.10
N ARG F 368 31.60 -34.63 -33.01
CA ARG F 368 31.65 -36.04 -33.33
C ARG F 368 32.18 -36.83 -32.15
N GLY F 369 31.78 -38.09 -32.07
CA GLY F 369 32.30 -39.01 -31.08
C GLY F 369 31.98 -38.69 -29.64
N ILE F 370 31.22 -37.64 -29.37
CA ILE F 370 30.88 -37.23 -28.01
C ILE F 370 29.55 -37.87 -27.62
N ASP F 371 29.38 -38.14 -26.33
CA ASP F 371 28.24 -38.91 -25.86
C ASP F 371 27.56 -38.23 -24.69
N ILE F 372 26.22 -38.30 -24.66
CA ILE F 372 25.43 -37.74 -23.58
C ILE F 372 24.03 -38.31 -23.70
N GLU F 373 23.23 -38.19 -22.64
CA GLU F 373 21.84 -38.61 -22.69
C GLU F 373 20.85 -37.57 -22.20
N ARG F 374 21.20 -36.77 -21.20
CA ARG F 374 20.26 -35.81 -20.64
C ARG F 374 20.04 -34.61 -21.55
N ILE F 375 20.83 -34.47 -22.62
CA ILE F 375 20.63 -33.38 -23.56
C ILE F 375 19.54 -33.76 -24.55
N ASN F 376 18.45 -32.99 -24.56
CA ASN F 376 17.39 -33.21 -25.53
C ASN F 376 17.16 -31.98 -26.41
N LEU F 377 18.14 -31.09 -26.51
CA LEU F 377 17.97 -29.92 -27.36
C LEU F 377 19.33 -29.40 -27.77
N ALA F 378 19.58 -29.39 -29.09
CA ALA F 378 20.79 -28.88 -29.68
C ALA F 378 20.44 -27.78 -30.67
N ILE F 379 21.17 -26.67 -30.62
CA ILE F 379 20.89 -25.54 -31.50
C ILE F 379 22.16 -25.19 -32.27
N ASN F 380 22.01 -25.07 -33.59
CA ASN F 380 23.08 -24.69 -34.49
C ASN F 380 23.11 -23.17 -34.58
N TYR F 381 23.90 -22.56 -33.69
CA TYR F 381 24.04 -21.10 -33.71
C TYR F 381 24.62 -20.64 -35.04
N ASP F 382 25.59 -21.38 -35.56
CA ASP F 382 26.06 -21.20 -36.94
C ASP F 382 26.08 -22.58 -37.59
N LEU F 383 25.39 -22.70 -38.71
CA LEU F 383 25.28 -23.99 -39.39
C LEU F 383 26.64 -24.42 -39.91
N THR F 384 26.79 -25.73 -40.11
CA THR F 384 28.02 -26.31 -40.61
C THR F 384 28.05 -26.30 -42.14
N ASN F 385 29.19 -26.70 -42.69
CA ASN F 385 29.36 -26.80 -44.13
C ASN F 385 29.13 -28.20 -44.65
N GLU F 386 29.30 -29.21 -43.79
CA GLU F 386 29.22 -30.62 -44.19
C GLU F 386 27.99 -31.27 -43.59
N ALA F 387 27.22 -31.97 -44.44
CA ALA F 387 26.04 -32.68 -43.97
C ALA F 387 26.42 -33.80 -43.02
N ASP F 388 27.53 -34.49 -43.32
CA ASP F 388 27.97 -35.58 -42.44
C ASP F 388 28.28 -35.05 -41.05
N GLN F 389 28.87 -33.85 -40.96
CA GLN F 389 29.20 -33.30 -39.67
C GLN F 389 27.94 -32.90 -38.91
N TYR F 390 26.96 -32.35 -39.61
CA TYR F 390 25.65 -32.17 -39.01
C TYR F 390 25.13 -33.47 -38.44
N LEU F 391 25.33 -34.58 -39.17
CA LEU F 391 24.90 -35.87 -38.66
C LEU F 391 25.69 -36.24 -37.41
N HIS F 392 26.97 -35.86 -37.36
CA HIS F 392 27.69 -35.99 -36.10
C HIS F 392 26.95 -35.29 -34.98
N ARG F 393 26.63 -34.00 -35.18
CA ARG F 393 26.02 -33.21 -34.12
C ARG F 393 24.68 -33.79 -33.68
N VAL F 394 23.74 -33.98 -34.61
CA VAL F 394 22.44 -34.53 -34.26
C VAL F 394 22.51 -36.01 -33.92
N GLY F 395 23.69 -36.62 -34.00
CA GLY F 395 23.88 -37.98 -33.52
C GLY F 395 24.41 -37.97 -32.11
N ARG F 396 25.03 -36.86 -31.72
CA ARG F 396 25.49 -36.69 -30.35
C ARG F 396 24.33 -36.58 -29.37
N ALA F 397 23.18 -36.11 -29.83
CA ALA F 397 21.97 -35.98 -29.03
C ALA F 397 20.88 -36.88 -29.61
N GLY F 398 20.06 -37.45 -28.73
CA GLY F 398 19.04 -38.38 -29.15
C GLY F 398 19.64 -39.64 -29.74
N ARG F 399 20.67 -40.15 -29.09
CA ARG F 399 21.41 -41.31 -29.56
C ARG F 399 20.87 -42.59 -28.92
N PHE F 400 21.04 -43.70 -29.63
CA PHE F 400 20.55 -45.02 -29.21
C PHE F 400 19.04 -45.02 -29.01
N GLY F 401 18.33 -44.75 -30.10
CA GLY F 401 16.87 -44.81 -30.08
C GLY F 401 16.23 -43.91 -29.04
N THR F 402 16.81 -42.73 -28.82
CA THR F 402 16.29 -41.79 -27.84
C THR F 402 15.86 -40.50 -28.53
N LYS F 403 14.84 -39.86 -27.96
CA LYS F 403 14.24 -38.67 -28.57
C LYS F 403 15.11 -37.45 -28.31
N GLY F 404 14.58 -36.29 -28.66
CA GLY F 404 15.29 -35.02 -28.51
C GLY F 404 14.63 -33.96 -29.37
N LEU F 405 15.47 -33.01 -29.81
CA LEU F 405 15.02 -31.94 -30.68
C LEU F 405 16.24 -31.16 -31.13
N ALA F 406 16.22 -30.66 -32.38
CA ALA F 406 17.34 -29.90 -32.90
C ALA F 406 16.83 -28.89 -33.91
N ILE F 407 17.43 -27.69 -33.87
CA ILE F 407 17.08 -26.59 -34.77
C ILE F 407 18.35 -25.94 -35.25
N SER F 408 18.38 -25.54 -36.52
CA SER F 408 19.56 -24.93 -37.12
C SER F 408 19.23 -23.55 -37.66
N PHE F 409 20.24 -22.67 -37.64
CA PHE F 409 20.13 -21.32 -38.15
C PHE F 409 20.52 -21.22 -39.61
N VAL F 410 19.85 -20.32 -40.32
CA VAL F 410 20.07 -20.08 -41.74
C VAL F 410 20.14 -18.57 -41.92
N SER F 411 21.34 -18.06 -42.20
CA SER F 411 21.49 -16.62 -42.38
C SER F 411 22.42 -16.27 -43.55
N SER F 412 22.84 -17.23 -44.35
CA SER F 412 23.69 -16.98 -45.50
C SER F 412 23.13 -17.76 -46.67
N LYS F 413 23.94 -17.96 -47.71
CA LYS F 413 23.51 -18.77 -48.84
C LYS F 413 24.05 -20.19 -48.77
N GLU F 414 25.29 -20.38 -48.30
CA GLU F 414 25.84 -21.72 -48.15
C GLU F 414 25.00 -22.55 -47.18
N ASP F 415 24.47 -21.90 -46.14
CA ASP F 415 23.58 -22.60 -45.22
C ASP F 415 22.36 -23.14 -45.95
N GLU F 416 21.91 -22.42 -46.99
CA GLU F 416 20.73 -22.85 -47.73
C GLU F 416 21.04 -24.02 -48.65
N GLU F 417 22.28 -24.13 -49.11
CA GLU F 417 22.65 -25.24 -49.97
C GLU F 417 22.98 -26.50 -49.18
N VAL F 418 23.85 -26.38 -48.16
CA VAL F 418 24.13 -27.55 -47.33
C VAL F 418 22.88 -27.95 -46.57
N LEU F 419 22.06 -26.98 -46.18
CA LEU F 419 20.72 -27.30 -45.69
C LEU F 419 19.92 -28.01 -46.77
N ALA F 420 20.05 -27.56 -48.00
CA ALA F 420 19.46 -28.21 -49.15
C ALA F 420 20.21 -29.45 -49.57
N LYS F 421 21.07 -29.98 -48.71
CA LYS F 421 21.95 -31.09 -49.04
C LYS F 421 21.87 -32.23 -48.04
N ILE F 422 21.78 -31.92 -46.74
CA ILE F 422 21.71 -32.94 -45.71
C ILE F 422 20.55 -33.89 -46.01
N GLN F 423 19.37 -33.30 -46.21
CA GLN F 423 18.19 -34.06 -46.58
C GLN F 423 18.49 -34.99 -47.76
N GLU F 424 19.07 -34.42 -48.81
CA GLU F 424 19.43 -35.17 -50.00
C GLU F 424 20.56 -36.14 -49.76
N ARG F 425 21.14 -36.18 -48.56
CA ARG F 425 22.19 -37.13 -48.24
C ARG F 425 21.69 -38.29 -47.40
N PHE F 426 20.97 -38.00 -46.31
CA PHE F 426 20.53 -39.04 -45.39
C PHE F 426 19.02 -39.23 -45.39
N ASP F 427 18.30 -38.50 -46.22
CA ASP F 427 16.85 -38.65 -46.38
C ASP F 427 16.13 -38.41 -45.06
N VAL F 428 16.30 -37.19 -44.55
CA VAL F 428 15.53 -36.67 -43.42
C VAL F 428 14.90 -35.36 -43.87
N LYS F 429 13.66 -35.13 -43.46
CA LYS F 429 12.89 -33.99 -43.91
C LYS F 429 12.90 -32.92 -42.82
N ILE F 430 13.67 -31.86 -43.05
CA ILE F 430 13.80 -30.79 -42.07
C ILE F 430 12.62 -29.85 -42.18
N ALA F 431 11.60 -30.06 -41.36
CA ALA F 431 10.48 -29.13 -41.32
C ALA F 431 10.93 -27.81 -40.72
N GLU F 432 10.04 -26.83 -40.73
CA GLU F 432 10.33 -25.51 -40.16
C GLU F 432 9.64 -25.35 -38.82
N PHE F 433 10.32 -24.68 -37.90
CA PHE F 433 9.74 -24.28 -36.63
C PHE F 433 8.44 -23.53 -36.87
N PRO F 434 7.30 -24.07 -36.44
CA PRO F 434 6.03 -23.39 -36.67
C PRO F 434 5.91 -22.12 -35.85
N GLU F 435 4.87 -21.35 -36.16
CA GLU F 435 4.63 -20.10 -35.45
C GLU F 435 4.14 -20.35 -34.03
N GLU F 436 3.42 -21.45 -33.80
CA GLU F 436 2.80 -21.72 -32.52
C GLU F 436 3.75 -22.39 -31.53
N GLY F 437 5.05 -22.29 -31.77
CA GLY F 437 5.97 -23.00 -30.91
C GLY F 437 5.79 -24.51 -31.08
N ILE F 438 6.35 -25.25 -30.14
CA ILE F 438 6.26 -26.70 -30.13
C ILE F 438 5.47 -27.11 -28.91
N ASP F 439 4.56 -28.05 -29.12
CA ASP F 439 3.76 -28.55 -28.00
C ASP F 439 4.58 -29.56 -27.21
N PRO F 440 4.63 -29.43 -25.89
CA PRO F 440 5.47 -30.32 -25.08
C PRO F 440 5.02 -31.78 -25.11
N SER F 441 3.92 -32.08 -25.81
CA SER F 441 3.57 -33.49 -26.04
C SER F 441 4.65 -34.19 -26.84
N THR F 442 5.37 -33.45 -27.68
CA THR F 442 6.55 -33.98 -28.34
C THR F 442 7.70 -34.20 -27.37
N TYR F 443 7.64 -33.57 -26.20
CA TYR F 443 8.68 -33.69 -25.18
C TYR F 443 8.43 -34.85 -24.22
N LEU F 444 7.17 -35.13 -23.91
CA LEU F 444 6.84 -36.14 -22.93
C LEU F 444 6.91 -37.55 -23.51
#